data_1PRM
# 
_entry.id   1PRM 
# 
_audit_conform.dict_name       mmcif_pdbx.dic 
_audit_conform.dict_version    5.392 
_audit_conform.dict_location   http://mmcif.pdb.org/dictionaries/ascii/mmcif_pdbx.dic 
# 
loop_
_database_2.database_id 
_database_2.database_code 
_database_2.pdbx_database_accession 
_database_2.pdbx_DOI 
PDB   1PRM         pdb_00001prm 10.2210/pdb1prm/pdb 
WWPDB D_1000175806 ?            ?                   
# 
loop_
_pdbx_audit_revision_history.ordinal 
_pdbx_audit_revision_history.data_content_type 
_pdbx_audit_revision_history.major_revision 
_pdbx_audit_revision_history.minor_revision 
_pdbx_audit_revision_history.revision_date 
1 'Structure model' 1 0 1995-02-07 
2 'Structure model' 1 1 2008-03-24 
3 'Structure model' 1 2 2011-07-13 
4 'Structure model' 1 3 2022-03-02 
5 'Structure model' 1 4 2024-05-22 
# 
_pdbx_audit_revision_details.ordinal             1 
_pdbx_audit_revision_details.revision_ordinal    1 
_pdbx_audit_revision_details.data_content_type   'Structure model' 
_pdbx_audit_revision_details.provider            repository 
_pdbx_audit_revision_details.type                'Initial release' 
_pdbx_audit_revision_details.description         ? 
_pdbx_audit_revision_details.details             ? 
# 
loop_
_pdbx_audit_revision_group.ordinal 
_pdbx_audit_revision_group.revision_ordinal 
_pdbx_audit_revision_group.data_content_type 
_pdbx_audit_revision_group.group 
1 2 'Structure model' 'Version format compliance' 
2 3 'Structure model' 'Version format compliance' 
3 4 'Structure model' 'Database references'       
4 4 'Structure model' 'Derived calculations'      
5 4 'Structure model' Other                       
6 5 'Structure model' 'Data collection'           
# 
loop_
_pdbx_audit_revision_category.ordinal 
_pdbx_audit_revision_category.revision_ordinal 
_pdbx_audit_revision_category.data_content_type 
_pdbx_audit_revision_category.category 
1 4 'Structure model' database_2            
2 4 'Structure model' pdbx_database_status  
3 4 'Structure model' pdbx_struct_assembly  
4 4 'Structure model' pdbx_struct_oper_list 
5 5 'Structure model' chem_comp_atom        
6 5 'Structure model' chem_comp_bond        
# 
loop_
_pdbx_audit_revision_item.ordinal 
_pdbx_audit_revision_item.revision_ordinal 
_pdbx_audit_revision_item.data_content_type 
_pdbx_audit_revision_item.item 
1 4 'Structure model' '_database_2.pdbx_DOI'                
2 4 'Structure model' '_database_2.pdbx_database_accession' 
3 4 'Structure model' '_pdbx_database_status.process_site'  
# 
_pdbx_database_status.status_code                     REL 
_pdbx_database_status.entry_id                        1PRM 
_pdbx_database_status.recvd_initial_deposition_date   1994-10-10 
_pdbx_database_status.deposit_site                    ? 
_pdbx_database_status.process_site                    BNL 
_pdbx_database_status.SG_entry                        . 
_pdbx_database_status.pdb_format_compatible           Y 
_pdbx_database_status.status_code_mr                  ? 
_pdbx_database_status.status_code_sf                  ? 
_pdbx_database_status.status_code_cs                  ? 
_pdbx_database_status.status_code_nmr_data            ? 
_pdbx_database_status.methods_development_category    ? 
# 
_pdbx_database_related.db_name        PDB 
_pdbx_database_related.db_id          1PRL 
_pdbx_database_related.details        . 
_pdbx_database_related.content_type   ensemble 
# 
loop_
_audit_author.name 
_audit_author.pdbx_ordinal 
'Feng, S.'        1 
'Chen, J.K.'      2 
'Yu, H.'          3 
'Simon, J.A.'     4 
'Schreiber, S.L.' 5 
# 
loop_
_citation.id 
_citation.title 
_citation.journal_abbrev 
_citation.journal_volume 
_citation.page_first 
_citation.page_last 
_citation.year 
_citation.journal_id_ASTM 
_citation.country 
_citation.journal_id_ISSN 
_citation.journal_id_CSD 
_citation.book_publisher 
_citation.pdbx_database_id_PubMed 
_citation.pdbx_database_id_DOI 
primary 'Two binding orientations for peptides to the Src SH3 domain: development of a general model for SH3-ligand interactions.' 
Science                 266 1241 1247 1994 SCIEAS US 0036-8075 0038 ? 7526465 ? 
1       'Structural Basis for the Binding of Proline-Rich Peptides to SH3 Domains'                                                 
'Cell(Cambridge,Mass.)' 76  933  ?    1994 CELLB5 US 0092-8674 0998 ? ?       ? 
2       'Solution Structure of the SH3 Domain of Src and Identification of its Ligand-Binding Site'                                
Science                 258 1665 ?    1992 SCIEAS US 0036-8075 0038 ? ?       ? 
# 
loop_
_citation_author.citation_id 
_citation_author.name 
_citation_author.ordinal 
_citation_author.identifier_ORCID 
primary 'Feng, S.'         1  ? 
primary 'Chen, J.K.'       2  ? 
primary 'Yu, H.'           3  ? 
primary 'Simon, J.A.'      4  ? 
primary 'Schreiber, S.L.'  5  ? 
1       'Yu, H.'           6  ? 
1       'Chen, J.K.'       7  ? 
1       'Feng, S.'         8  ? 
1       'Dalgarno, D.C.'   9  ? 
1       'Brauer, A.W.'     10 ? 
1       'Schreiber, S.L.'  11 ? 
2       'Yu, H.'           12 ? 
2       'Rosen, M.K.'      13 ? 
2       'Shin, T.B.'       14 ? 
2       'Seidel-Dugan, C.' 15 ? 
2       'Brugge, J.S.'     16 ? 
2       'Schreiber, S.L.'  17 ? 
# 
loop_
_entity.id 
_entity.type 
_entity.src_method 
_entity.pdbx_description 
_entity.formula_weight 
_entity.pdbx_number_of_molecules 
_entity.pdbx_ec 
_entity.pdbx_mutation 
_entity.pdbx_fragment 
_entity.details 
1 polymer man 'C-SRC TYROSINE KINASE SH3 DOMAIN'     7003.641 1 ? ? ? ? 
2 polymer man 'PROLINE-RICH LIGAND PLR1 (AFAPPLPRR)' 1026.234 1 ? ? ? ? 
# 
loop_
_entity_poly.entity_id 
_entity_poly.type 
_entity_poly.nstd_linkage 
_entity_poly.nstd_monomer 
_entity_poly.pdbx_seq_one_letter_code 
_entity_poly.pdbx_seq_one_letter_code_can 
_entity_poly.pdbx_strand_id 
_entity_poly.pdbx_target_identifier 
1 'polypeptide(L)' no no GALAGGVTTFVALYDYESRTETDLSFKKGERLQIVNNTEGDWWLAHSLTTGQTGYIPSNYVAPS 
GALAGGVTTFVALYDYESRTETDLSFKKGERLQIVNNTEGDWWLAHSLTTGQTGYIPSNYVAPS C ? 
2 'polypeptide(L)' no no AFAPPLPRR                                                        AFAPPLPRR A ? 
# 
loop_
_entity_poly_seq.entity_id 
_entity_poly_seq.num 
_entity_poly_seq.mon_id 
_entity_poly_seq.hetero 
1 1  GLY n 
1 2  ALA n 
1 3  LEU n 
1 4  ALA n 
1 5  GLY n 
1 6  GLY n 
1 7  VAL n 
1 8  THR n 
1 9  THR n 
1 10 PHE n 
1 11 VAL n 
1 12 ALA n 
1 13 LEU n 
1 14 TYR n 
1 15 ASP n 
1 16 TYR n 
1 17 GLU n 
1 18 SER n 
1 19 ARG n 
1 20 THR n 
1 21 GLU n 
1 22 THR n 
1 23 ASP n 
1 24 LEU n 
1 25 SER n 
1 26 PHE n 
1 27 LYS n 
1 28 LYS n 
1 29 GLY n 
1 30 GLU n 
1 31 ARG n 
1 32 LEU n 
1 33 GLN n 
1 34 ILE n 
1 35 VAL n 
1 36 ASN n 
1 37 ASN n 
1 38 THR n 
1 39 GLU n 
1 40 GLY n 
1 41 ASP n 
1 42 TRP n 
1 43 TRP n 
1 44 LEU n 
1 45 ALA n 
1 46 HIS n 
1 47 SER n 
1 48 LEU n 
1 49 THR n 
1 50 THR n 
1 51 GLY n 
1 52 GLN n 
1 53 THR n 
1 54 GLY n 
1 55 TYR n 
1 56 ILE n 
1 57 PRO n 
1 58 SER n 
1 59 ASN n 
1 60 TYR n 
1 61 VAL n 
1 62 ALA n 
1 63 PRO n 
1 64 SER n 
2 1  ALA n 
2 2  PHE n 
2 3  ALA n 
2 4  PRO n 
2 5  PRO n 
2 6  LEU n 
2 7  PRO n 
2 8  ARG n 
2 9  ARG n 
# 
_entity_src_gen.entity_id                          1 
_entity_src_gen.pdbx_src_id                        1 
_entity_src_gen.pdbx_alt_source_flag               sample 
_entity_src_gen.pdbx_seq_type                      ? 
_entity_src_gen.pdbx_beg_seq_num                   ? 
_entity_src_gen.pdbx_end_seq_num                   ? 
_entity_src_gen.gene_src_common_name               chicken 
_entity_src_gen.gene_src_genus                     Gallus 
_entity_src_gen.pdbx_gene_src_gene                 'SYNTHETIC OLIGO' 
_entity_src_gen.gene_src_species                   ? 
_entity_src_gen.gene_src_strain                    ? 
_entity_src_gen.gene_src_tissue                    ? 
_entity_src_gen.gene_src_tissue_fraction           ? 
_entity_src_gen.gene_src_details                   ? 
_entity_src_gen.pdbx_gene_src_fragment             ? 
_entity_src_gen.pdbx_gene_src_scientific_name      'Gallus gallus' 
_entity_src_gen.pdbx_gene_src_ncbi_taxonomy_id     9031 
_entity_src_gen.pdbx_gene_src_variant              ? 
_entity_src_gen.pdbx_gene_src_cell_line            ? 
_entity_src_gen.pdbx_gene_src_atcc                 ? 
_entity_src_gen.pdbx_gene_src_organ                ? 
_entity_src_gen.pdbx_gene_src_organelle            ? 
_entity_src_gen.pdbx_gene_src_cell                 ? 
_entity_src_gen.pdbx_gene_src_cellular_location    ? 
_entity_src_gen.host_org_common_name               ? 
_entity_src_gen.pdbx_host_org_scientific_name      'Escherichia coli' 
_entity_src_gen.pdbx_host_org_ncbi_taxonomy_id     562 
_entity_src_gen.host_org_genus                     Escherichia 
_entity_src_gen.pdbx_host_org_gene                 ? 
_entity_src_gen.pdbx_host_org_organ                ? 
_entity_src_gen.host_org_species                   ? 
_entity_src_gen.pdbx_host_org_tissue               ? 
_entity_src_gen.pdbx_host_org_tissue_fraction      ? 
_entity_src_gen.pdbx_host_org_strain               ? 
_entity_src_gen.pdbx_host_org_variant              ? 
_entity_src_gen.pdbx_host_org_cell_line            ? 
_entity_src_gen.pdbx_host_org_atcc                 ? 
_entity_src_gen.pdbx_host_org_culture_collection   ? 
_entity_src_gen.pdbx_host_org_cell                 ? 
_entity_src_gen.pdbx_host_org_organelle            ? 
_entity_src_gen.pdbx_host_org_cellular_location    ? 
_entity_src_gen.pdbx_host_org_vector_type          ? 
_entity_src_gen.pdbx_host_org_vector               ? 
_entity_src_gen.host_org_details                   ? 
_entity_src_gen.expression_system_id               ? 
_entity_src_gen.plasmid_name                       'PGEX-2T GENE: SYNTHETIC OLIGO' 
_entity_src_gen.plasmid_details                    ? 
_entity_src_gen.pdbx_description                   ? 
# 
loop_
_chem_comp.id 
_chem_comp.type 
_chem_comp.mon_nstd_flag 
_chem_comp.name 
_chem_comp.pdbx_synonyms 
_chem_comp.formula 
_chem_comp.formula_weight 
ALA 'L-peptide linking' y ALANINE         ? 'C3 H7 N O2'     89.093  
ARG 'L-peptide linking' y ARGININE        ? 'C6 H15 N4 O2 1' 175.209 
ASN 'L-peptide linking' y ASPARAGINE      ? 'C4 H8 N2 O3'    132.118 
ASP 'L-peptide linking' y 'ASPARTIC ACID' ? 'C4 H7 N O4'     133.103 
GLN 'L-peptide linking' y GLUTAMINE       ? 'C5 H10 N2 O3'   146.144 
GLU 'L-peptide linking' y 'GLUTAMIC ACID' ? 'C5 H9 N O4'     147.129 
GLY 'peptide linking'   y GLYCINE         ? 'C2 H5 N O2'     75.067  
HIS 'L-peptide linking' y HISTIDINE       ? 'C6 H10 N3 O2 1' 156.162 
ILE 'L-peptide linking' y ISOLEUCINE      ? 'C6 H13 N O2'    131.173 
LEU 'L-peptide linking' y LEUCINE         ? 'C6 H13 N O2'    131.173 
LYS 'L-peptide linking' y LYSINE          ? 'C6 H15 N2 O2 1' 147.195 
PHE 'L-peptide linking' y PHENYLALANINE   ? 'C9 H11 N O2'    165.189 
PRO 'L-peptide linking' y PROLINE         ? 'C5 H9 N O2'     115.130 
SER 'L-peptide linking' y SERINE          ? 'C3 H7 N O3'     105.093 
THR 'L-peptide linking' y THREONINE       ? 'C4 H9 N O3'     119.119 
TRP 'L-peptide linking' y TRYPTOPHAN      ? 'C11 H12 N2 O2'  204.225 
TYR 'L-peptide linking' y TYROSINE        ? 'C9 H11 N O3'    181.189 
VAL 'L-peptide linking' y VALINE          ? 'C5 H11 N O2'    117.146 
# 
loop_
_pdbx_poly_seq_scheme.asym_id 
_pdbx_poly_seq_scheme.entity_id 
_pdbx_poly_seq_scheme.seq_id 
_pdbx_poly_seq_scheme.mon_id 
_pdbx_poly_seq_scheme.ndb_seq_num 
_pdbx_poly_seq_scheme.pdb_seq_num 
_pdbx_poly_seq_scheme.auth_seq_num 
_pdbx_poly_seq_scheme.pdb_mon_id 
_pdbx_poly_seq_scheme.auth_mon_id 
_pdbx_poly_seq_scheme.pdb_strand_id 
_pdbx_poly_seq_scheme.pdb_ins_code 
_pdbx_poly_seq_scheme.hetero 
A 1 1  GLY 1  1  ?  ?   ?   C . n 
A 1 2  ALA 2  2  ?  ?   ?   C . n 
A 1 3  LEU 3  3  ?  ?   ?   C . n 
A 1 4  ALA 4  4  ?  ?   ?   C . n 
A 1 5  GLY 5  5  ?  ?   ?   C . n 
A 1 6  GLY 6  6  ?  ?   ?   C . n 
A 1 7  VAL 7  7  ?  ?   ?   C . n 
A 1 8  THR 8  8  ?  ?   ?   C . n 
A 1 9  THR 9  9  9  THR THR C . n 
A 1 10 PHE 10 10 10 PHE PHE C . n 
A 1 11 VAL 11 11 11 VAL VAL C . n 
A 1 12 ALA 12 12 12 ALA ALA C . n 
A 1 13 LEU 13 13 13 LEU LEU C . n 
A 1 14 TYR 14 14 14 TYR TYR C . n 
A 1 15 ASP 15 15 15 ASP ASP C . n 
A 1 16 TYR 16 16 16 TYR TYR C . n 
A 1 17 GLU 17 17 17 GLU GLU C . n 
A 1 18 SER 18 18 18 SER SER C . n 
A 1 19 ARG 19 19 19 ARG ARG C . n 
A 1 20 THR 20 20 20 THR THR C . n 
A 1 21 GLU 21 21 21 GLU GLU C . n 
A 1 22 THR 22 22 22 THR THR C . n 
A 1 23 ASP 23 23 23 ASP ASP C . n 
A 1 24 LEU 24 24 24 LEU LEU C . n 
A 1 25 SER 25 25 25 SER SER C . n 
A 1 26 PHE 26 26 26 PHE PHE C . n 
A 1 27 LYS 27 27 27 LYS LYS C . n 
A 1 28 LYS 28 28 28 LYS LYS C . n 
A 1 29 GLY 29 29 29 GLY GLY C . n 
A 1 30 GLU 30 30 30 GLU GLU C . n 
A 1 31 ARG 31 31 31 ARG ARG C . n 
A 1 32 LEU 32 32 32 LEU LEU C . n 
A 1 33 GLN 33 33 33 GLN GLN C . n 
A 1 34 ILE 34 34 34 ILE ILE C . n 
A 1 35 VAL 35 35 35 VAL VAL C . n 
A 1 36 ASN 36 36 36 ASN ASN C . n 
A 1 37 ASN 37 37 37 ASN ASN C . n 
A 1 38 THR 38 38 38 THR THR C . n 
A 1 39 GLU 39 39 39 GLU GLU C . n 
A 1 40 GLY 40 40 40 GLY GLY C . n 
A 1 41 ASP 41 41 41 ASP ASP C . n 
A 1 42 TRP 42 42 42 TRP TRP C . n 
A 1 43 TRP 43 43 43 TRP TRP C . n 
A 1 44 LEU 44 44 44 LEU LEU C . n 
A 1 45 ALA 45 45 45 ALA ALA C . n 
A 1 46 HIS 46 46 46 HIS HIS C . n 
A 1 47 SER 47 47 47 SER SER C . n 
A 1 48 LEU 48 48 48 LEU LEU C . n 
A 1 49 THR 49 49 49 THR THR C . n 
A 1 50 THR 50 50 50 THR THR C . n 
A 1 51 GLY 51 51 51 GLY GLY C . n 
A 1 52 GLN 52 52 52 GLN GLN C . n 
A 1 53 THR 53 53 53 THR THR C . n 
A 1 54 GLY 54 54 54 GLY GLY C . n 
A 1 55 TYR 55 55 55 TYR TYR C . n 
A 1 56 ILE 56 56 56 ILE ILE C . n 
A 1 57 PRO 57 57 57 PRO PRO C . n 
A 1 58 SER 58 58 58 SER SER C . n 
A 1 59 ASN 59 59 59 ASN ASN C . n 
A 1 60 TYR 60 60 60 TYR TYR C . n 
A 1 61 VAL 61 61 61 VAL VAL C . n 
A 1 62 ALA 62 62 62 ALA ALA C . n 
A 1 63 PRO 63 63 63 PRO PRO C . n 
A 1 64 SER 64 64 64 SER SER C . n 
B 2 1  ALA 1  71 71 ALA ALA A . n 
B 2 2  PHE 2  72 72 PHE PHE A . n 
B 2 3  ALA 3  73 73 ALA ALA A . n 
B 2 4  PRO 4  74 74 PRO PRO A . n 
B 2 5  PRO 5  75 75 PRO PRO A . n 
B 2 6  LEU 6  76 76 LEU LEU A . n 
B 2 7  PRO 7  77 77 PRO PRO A . n 
B 2 8  ARG 8  78 78 ARG ARG A . n 
B 2 9  ARG 9  79 79 ARG ARG A . n 
# 
loop_
_software.name 
_software.classification 
_software.version 
_software.citation_id 
_software.pdbx_ordinal 
X-PLOR 'model building' . ? 1 
X-PLOR refinement       . ? 2 
X-PLOR phasing          . ? 3 
# 
_cell.entry_id           1PRM 
_cell.length_a           1.000 
_cell.length_b           1.000 
_cell.length_c           1.000 
_cell.angle_alpha        90.00 
_cell.angle_beta         90.00 
_cell.angle_gamma        90.00 
_cell.Z_PDB              1 
_cell.pdbx_unique_axis   ? 
# 
_symmetry.entry_id                         1PRM 
_symmetry.space_group_name_H-M             'P 1' 
_symmetry.pdbx_full_space_group_name_H-M   ? 
_symmetry.cell_setting                     ? 
_symmetry.Int_Tables_number                1 
# 
_exptl.entry_id          1PRM 
_exptl.method            'SOLUTION NMR' 
_exptl.crystals_number   ? 
# 
_struct.entry_id                  1PRM 
_struct.title                     
'TWO BINDING ORIENTATIONS FOR PEPTIDES TO SRC SH3 DOMAIN: DEVELOPMENT OF A GENERAL MODEL FOR SH3-LIGAND INTERACTIONS' 
_struct.pdbx_model_details        ? 
_struct.pdbx_CASP_flag            ? 
_struct.pdbx_model_type_details   ? 
# 
_struct_keywords.entry_id        1PRM 
_struct_keywords.pdbx_keywords   'COMPLEX (SIGNAL TRANSDUCTION/PEPTIDE)' 
_struct_keywords.text            'COMPLEX (SIGNAL TRANSDUCTION-PEPTIDE), COMPLEX (SIGNAL TRANSDUCTION-PEPTIDE) complex' 
# 
loop_
_struct_asym.id 
_struct_asym.pdbx_blank_PDB_chainid_flag 
_struct_asym.pdbx_modified 
_struct_asym.entity_id 
_struct_asym.details 
A N N 1 ? 
B N N 2 ? 
# 
loop_
_struct_ref.id 
_struct_ref.db_name 
_struct_ref.db_code 
_struct_ref.pdbx_db_accession 
_struct_ref.entity_id 
_struct_ref.pdbx_align_begin 
_struct_ref.pdbx_db_isoform 
_struct_ref.pdbx_seq_one_letter_code 
1 UNP SRC_CHICK P00523 1 76 ? ? 
2 PDB 1PRM      1PRM   2 ?  ? ? 
# 
loop_
_struct_ref_seq.align_id 
_struct_ref_seq.ref_id 
_struct_ref_seq.pdbx_PDB_id_code 
_struct_ref_seq.pdbx_strand_id 
_struct_ref_seq.seq_align_beg 
_struct_ref_seq.pdbx_seq_align_beg_ins_code 
_struct_ref_seq.seq_align_end 
_struct_ref_seq.pdbx_seq_align_end_ins_code 
_struct_ref_seq.pdbx_db_accession 
_struct_ref_seq.db_align_beg 
_struct_ref_seq.pdbx_db_align_beg_ins_code 
_struct_ref_seq.db_align_end 
_struct_ref_seq.pdbx_db_align_end_ins_code 
_struct_ref_seq.pdbx_auth_seq_align_beg 
_struct_ref_seq.pdbx_auth_seq_align_end 
1 1 1PRM C 1 ? 64 ? P00523 76 ? 139 ? 1  64 
2 2 1PRM A 1 ? 9  ? 1PRM   71 ? 79  ? 71 79 
# 
_pdbx_struct_assembly.id                   1 
_pdbx_struct_assembly.details              author_defined_assembly 
_pdbx_struct_assembly.method_details       ? 
_pdbx_struct_assembly.oligomeric_details   dimeric 
_pdbx_struct_assembly.oligomeric_count     2 
# 
_pdbx_struct_assembly_gen.assembly_id       1 
_pdbx_struct_assembly_gen.oper_expression   1 
_pdbx_struct_assembly_gen.asym_id_list      A,B 
# 
_pdbx_struct_oper_list.id                   1 
_pdbx_struct_oper_list.type                 'identity operation' 
_pdbx_struct_oper_list.name                 1_555 
_pdbx_struct_oper_list.symmetry_operation   x,y,z 
_pdbx_struct_oper_list.matrix[1][1]         1.0000000000 
_pdbx_struct_oper_list.matrix[1][2]         0.0000000000 
_pdbx_struct_oper_list.matrix[1][3]         0.0000000000 
_pdbx_struct_oper_list.vector[1]            0.0000000000 
_pdbx_struct_oper_list.matrix[2][1]         0.0000000000 
_pdbx_struct_oper_list.matrix[2][2]         1.0000000000 
_pdbx_struct_oper_list.matrix[2][3]         0.0000000000 
_pdbx_struct_oper_list.vector[2]            0.0000000000 
_pdbx_struct_oper_list.matrix[3][1]         0.0000000000 
_pdbx_struct_oper_list.matrix[3][2]         0.0000000000 
_pdbx_struct_oper_list.matrix[3][3]         1.0000000000 
_pdbx_struct_oper_list.vector[3]            0.0000000000 
# 
_struct_biol.id   1 
# 
loop_
_struct_sheet.id 
_struct_sheet.type 
_struct_sheet.number_strands 
_struct_sheet.details 
A ? 2 ? 
B ? 3 ? 
# 
loop_
_struct_sheet_order.sheet_id 
_struct_sheet_order.range_id_1 
_struct_sheet_order.range_id_2 
_struct_sheet_order.offset 
_struct_sheet_order.sense 
A 1 2 ? anti-parallel 
B 1 2 ? anti-parallel 
B 2 3 ? anti-parallel 
# 
loop_
_struct_sheet_range.sheet_id 
_struct_sheet_range.id 
_struct_sheet_range.beg_label_comp_id 
_struct_sheet_range.beg_label_asym_id 
_struct_sheet_range.beg_label_seq_id 
_struct_sheet_range.pdbx_beg_PDB_ins_code 
_struct_sheet_range.end_label_comp_id 
_struct_sheet_range.end_label_asym_id 
_struct_sheet_range.end_label_seq_id 
_struct_sheet_range.pdbx_end_PDB_ins_code 
_struct_sheet_range.beg_auth_comp_id 
_struct_sheet_range.beg_auth_asym_id 
_struct_sheet_range.beg_auth_seq_id 
_struct_sheet_range.end_auth_comp_id 
_struct_sheet_range.end_auth_asym_id 
_struct_sheet_range.end_auth_seq_id 
A 1 PHE A 10 ? ALA A 12 ? PHE C 10 ALA C 12 
A 2 VAL A 61 ? PRO A 63 ? VAL C 61 PRO C 63 
B 1 LEU A 32 ? ILE A 34 ? LEU C 32 ILE C 34 
B 2 TRP A 43 ? SER A 47 ? TRP C 43 SER C 47 
B 3 THR A 53 ? ILE A 56 ? THR C 53 ILE C 56 
# 
loop_
_pdbx_struct_sheet_hbond.sheet_id 
_pdbx_struct_sheet_hbond.range_id_1 
_pdbx_struct_sheet_hbond.range_id_2 
_pdbx_struct_sheet_hbond.range_1_label_atom_id 
_pdbx_struct_sheet_hbond.range_1_label_comp_id 
_pdbx_struct_sheet_hbond.range_1_label_asym_id 
_pdbx_struct_sheet_hbond.range_1_label_seq_id 
_pdbx_struct_sheet_hbond.range_1_PDB_ins_code 
_pdbx_struct_sheet_hbond.range_1_auth_atom_id 
_pdbx_struct_sheet_hbond.range_1_auth_comp_id 
_pdbx_struct_sheet_hbond.range_1_auth_asym_id 
_pdbx_struct_sheet_hbond.range_1_auth_seq_id 
_pdbx_struct_sheet_hbond.range_2_label_atom_id 
_pdbx_struct_sheet_hbond.range_2_label_comp_id 
_pdbx_struct_sheet_hbond.range_2_label_asym_id 
_pdbx_struct_sheet_hbond.range_2_label_seq_id 
_pdbx_struct_sheet_hbond.range_2_PDB_ins_code 
_pdbx_struct_sheet_hbond.range_2_auth_atom_id 
_pdbx_struct_sheet_hbond.range_2_auth_comp_id 
_pdbx_struct_sheet_hbond.range_2_auth_asym_id 
_pdbx_struct_sheet_hbond.range_2_auth_seq_id 
A 1 2 O VAL A 11 ? O VAL C 11 N ALA A 62 ? N ALA C 62 
B 1 2 O GLN A 33 ? O GLN C 33 N HIS A 46 ? N HIS C 46 
B 2 3 O TRP A 43 ? O TRP C 43 N ILE A 56 ? N ILE C 56 
# 
_pdbx_validate_rmsd_bond.id                        1 
_pdbx_validate_rmsd_bond.PDB_model_num             1 
_pdbx_validate_rmsd_bond.auth_atom_id_1            CG 
_pdbx_validate_rmsd_bond.auth_asym_id_1            C 
_pdbx_validate_rmsd_bond.auth_comp_id_1            HIS 
_pdbx_validate_rmsd_bond.auth_seq_id_1             46 
_pdbx_validate_rmsd_bond.PDB_ins_code_1            ? 
_pdbx_validate_rmsd_bond.label_alt_id_1            ? 
_pdbx_validate_rmsd_bond.auth_atom_id_2            ND1 
_pdbx_validate_rmsd_bond.auth_asym_id_2            C 
_pdbx_validate_rmsd_bond.auth_comp_id_2            HIS 
_pdbx_validate_rmsd_bond.auth_seq_id_2             46 
_pdbx_validate_rmsd_bond.PDB_ins_code_2            ? 
_pdbx_validate_rmsd_bond.label_alt_id_2            ? 
_pdbx_validate_rmsd_bond.bond_value                1.267 
_pdbx_validate_rmsd_bond.bond_target_value         1.369 
_pdbx_validate_rmsd_bond.bond_deviation            -0.102 
_pdbx_validate_rmsd_bond.bond_standard_deviation   0.015 
_pdbx_validate_rmsd_bond.linker_flag               N 
# 
loop_
_pdbx_validate_rmsd_angle.id 
_pdbx_validate_rmsd_angle.PDB_model_num 
_pdbx_validate_rmsd_angle.auth_atom_id_1 
_pdbx_validate_rmsd_angle.auth_asym_id_1 
_pdbx_validate_rmsd_angle.auth_comp_id_1 
_pdbx_validate_rmsd_angle.auth_seq_id_1 
_pdbx_validate_rmsd_angle.PDB_ins_code_1 
_pdbx_validate_rmsd_angle.label_alt_id_1 
_pdbx_validate_rmsd_angle.auth_atom_id_2 
_pdbx_validate_rmsd_angle.auth_asym_id_2 
_pdbx_validate_rmsd_angle.auth_comp_id_2 
_pdbx_validate_rmsd_angle.auth_seq_id_2 
_pdbx_validate_rmsd_angle.PDB_ins_code_2 
_pdbx_validate_rmsd_angle.label_alt_id_2 
_pdbx_validate_rmsd_angle.auth_atom_id_3 
_pdbx_validate_rmsd_angle.auth_asym_id_3 
_pdbx_validate_rmsd_angle.auth_comp_id_3 
_pdbx_validate_rmsd_angle.auth_seq_id_3 
_pdbx_validate_rmsd_angle.PDB_ins_code_3 
_pdbx_validate_rmsd_angle.label_alt_id_3 
_pdbx_validate_rmsd_angle.angle_value 
_pdbx_validate_rmsd_angle.angle_target_value 
_pdbx_validate_rmsd_angle.angle_deviation 
_pdbx_validate_rmsd_angle.angle_standard_deviation 
_pdbx_validate_rmsd_angle.linker_flag 
1 1 CG  C TRP 42 ? ? CD1 C TRP 42 ? ? NE1 C TRP 42 ? ? 103.67 110.10 -6.43 1.00 N 
2 1 CD1 C TRP 42 ? ? NE1 C TRP 42 ? ? CE2 C TRP 42 ? ? 115.10 109.00 6.10  0.90 N 
3 1 NE1 C TRP 42 ? ? CE2 C TRP 42 ? ? CZ2 C TRP 42 ? ? 138.84 130.40 8.44  1.10 N 
4 1 NE1 C TRP 42 ? ? CE2 C TRP 42 ? ? CD2 C TRP 42 ? ? 101.03 107.30 -6.27 1.00 N 
5 1 CG  C TRP 43 ? ? CD1 C TRP 43 ? ? NE1 C TRP 43 ? ? 103.63 110.10 -6.47 1.00 N 
6 1 CD1 C TRP 43 ? ? NE1 C TRP 43 ? ? CE2 C TRP 43 ? ? 115.09 109.00 6.09  0.90 N 
7 1 NE1 C TRP 43 ? ? CE2 C TRP 43 ? ? CZ2 C TRP 43 ? ? 139.26 130.40 8.86  1.10 N 
8 1 NE1 C TRP 43 ? ? CE2 C TRP 43 ? ? CD2 C TRP 43 ? ? 100.84 107.30 -6.46 1.00 N 
# 
loop_
_pdbx_validate_torsion.id 
_pdbx_validate_torsion.PDB_model_num 
_pdbx_validate_torsion.auth_comp_id 
_pdbx_validate_torsion.auth_asym_id 
_pdbx_validate_torsion.auth_seq_id 
_pdbx_validate_torsion.PDB_ins_code 
_pdbx_validate_torsion.label_alt_id 
_pdbx_validate_torsion.phi 
_pdbx_validate_torsion.psi 
1 1 GLU C 17 ? ? -106.89 76.75  
2 1 VAL C 35 ? ? -99.71  -82.87 
3 1 ASN C 37 ? ? -163.69 101.94 
4 1 THR C 38 ? ? -150.11 6.70   
5 1 GLU C 39 ? ? -167.23 -75.08 
6 1 THR C 49 ? ? -73.52  -70.81 
# 
_pdbx_nmr_ensemble.entry_id                             1PRM 
_pdbx_nmr_ensemble.conformers_calculated_total_number   ? 
_pdbx_nmr_ensemble.conformers_submitted_total_number    1 
_pdbx_nmr_ensemble.conformer_selection_criteria         ? 
# 
_pdbx_nmr_software.classification   refinement 
_pdbx_nmr_software.name             X-PLOR 
_pdbx_nmr_software.version          ? 
_pdbx_nmr_software.authors          BRUNGER 
_pdbx_nmr_software.ordinal          1 
# 
loop_
_pdbx_unobs_or_zero_occ_residues.id 
_pdbx_unobs_or_zero_occ_residues.PDB_model_num 
_pdbx_unobs_or_zero_occ_residues.polymer_flag 
_pdbx_unobs_or_zero_occ_residues.occupancy_flag 
_pdbx_unobs_or_zero_occ_residues.auth_asym_id 
_pdbx_unobs_or_zero_occ_residues.auth_comp_id 
_pdbx_unobs_or_zero_occ_residues.auth_seq_id 
_pdbx_unobs_or_zero_occ_residues.PDB_ins_code 
_pdbx_unobs_or_zero_occ_residues.label_asym_id 
_pdbx_unobs_or_zero_occ_residues.label_comp_id 
_pdbx_unobs_or_zero_occ_residues.label_seq_id 
1 1 Y 1 C GLY 1 ? A GLY 1 
2 1 Y 1 C ALA 2 ? A ALA 2 
3 1 Y 1 C LEU 3 ? A LEU 3 
4 1 Y 1 C ALA 4 ? A ALA 4 
5 1 Y 1 C GLY 5 ? A GLY 5 
6 1 Y 1 C GLY 6 ? A GLY 6 
7 1 Y 1 C VAL 7 ? A VAL 7 
8 1 Y 1 C THR 8 ? A THR 8 
# 
loop_
_chem_comp_atom.comp_id 
_chem_comp_atom.atom_id 
_chem_comp_atom.type_symbol 
_chem_comp_atom.pdbx_aromatic_flag 
_chem_comp_atom.pdbx_stereo_config 
_chem_comp_atom.pdbx_ordinal 
ALA N    N N N 1   
ALA CA   C N S 2   
ALA C    C N N 3   
ALA O    O N N 4   
ALA CB   C N N 5   
ALA OXT  O N N 6   
ALA H    H N N 7   
ALA H2   H N N 8   
ALA HA   H N N 9   
ALA HB1  H N N 10  
ALA HB2  H N N 11  
ALA HB3  H N N 12  
ALA HXT  H N N 13  
ARG N    N N N 14  
ARG CA   C N S 15  
ARG C    C N N 16  
ARG O    O N N 17  
ARG CB   C N N 18  
ARG CG   C N N 19  
ARG CD   C N N 20  
ARG NE   N N N 21  
ARG CZ   C N N 22  
ARG NH1  N N N 23  
ARG NH2  N N N 24  
ARG OXT  O N N 25  
ARG H    H N N 26  
ARG H2   H N N 27  
ARG HA   H N N 28  
ARG HB2  H N N 29  
ARG HB3  H N N 30  
ARG HG2  H N N 31  
ARG HG3  H N N 32  
ARG HD2  H N N 33  
ARG HD3  H N N 34  
ARG HE   H N N 35  
ARG HH11 H N N 36  
ARG HH12 H N N 37  
ARG HH21 H N N 38  
ARG HH22 H N N 39  
ARG HXT  H N N 40  
ASN N    N N N 41  
ASN CA   C N S 42  
ASN C    C N N 43  
ASN O    O N N 44  
ASN CB   C N N 45  
ASN CG   C N N 46  
ASN OD1  O N N 47  
ASN ND2  N N N 48  
ASN OXT  O N N 49  
ASN H    H N N 50  
ASN H2   H N N 51  
ASN HA   H N N 52  
ASN HB2  H N N 53  
ASN HB3  H N N 54  
ASN HD21 H N N 55  
ASN HD22 H N N 56  
ASN HXT  H N N 57  
ASP N    N N N 58  
ASP CA   C N S 59  
ASP C    C N N 60  
ASP O    O N N 61  
ASP CB   C N N 62  
ASP CG   C N N 63  
ASP OD1  O N N 64  
ASP OD2  O N N 65  
ASP OXT  O N N 66  
ASP H    H N N 67  
ASP H2   H N N 68  
ASP HA   H N N 69  
ASP HB2  H N N 70  
ASP HB3  H N N 71  
ASP HD2  H N N 72  
ASP HXT  H N N 73  
GLN N    N N N 74  
GLN CA   C N S 75  
GLN C    C N N 76  
GLN O    O N N 77  
GLN CB   C N N 78  
GLN CG   C N N 79  
GLN CD   C N N 80  
GLN OE1  O N N 81  
GLN NE2  N N N 82  
GLN OXT  O N N 83  
GLN H    H N N 84  
GLN H2   H N N 85  
GLN HA   H N N 86  
GLN HB2  H N N 87  
GLN HB3  H N N 88  
GLN HG2  H N N 89  
GLN HG3  H N N 90  
GLN HE21 H N N 91  
GLN HE22 H N N 92  
GLN HXT  H N N 93  
GLU N    N N N 94  
GLU CA   C N S 95  
GLU C    C N N 96  
GLU O    O N N 97  
GLU CB   C N N 98  
GLU CG   C N N 99  
GLU CD   C N N 100 
GLU OE1  O N N 101 
GLU OE2  O N N 102 
GLU OXT  O N N 103 
GLU H    H N N 104 
GLU H2   H N N 105 
GLU HA   H N N 106 
GLU HB2  H N N 107 
GLU HB3  H N N 108 
GLU HG2  H N N 109 
GLU HG3  H N N 110 
GLU HE2  H N N 111 
GLU HXT  H N N 112 
GLY N    N N N 113 
GLY CA   C N N 114 
GLY C    C N N 115 
GLY O    O N N 116 
GLY OXT  O N N 117 
GLY H    H N N 118 
GLY H2   H N N 119 
GLY HA2  H N N 120 
GLY HA3  H N N 121 
GLY HXT  H N N 122 
HIS N    N N N 123 
HIS CA   C N S 124 
HIS C    C N N 125 
HIS O    O N N 126 
HIS CB   C N N 127 
HIS CG   C Y N 128 
HIS ND1  N Y N 129 
HIS CD2  C Y N 130 
HIS CE1  C Y N 131 
HIS NE2  N Y N 132 
HIS OXT  O N N 133 
HIS H    H N N 134 
HIS H2   H N N 135 
HIS HA   H N N 136 
HIS HB2  H N N 137 
HIS HB3  H N N 138 
HIS HD1  H N N 139 
HIS HD2  H N N 140 
HIS HE1  H N N 141 
HIS HE2  H N N 142 
HIS HXT  H N N 143 
ILE N    N N N 144 
ILE CA   C N S 145 
ILE C    C N N 146 
ILE O    O N N 147 
ILE CB   C N S 148 
ILE CG1  C N N 149 
ILE CG2  C N N 150 
ILE CD1  C N N 151 
ILE OXT  O N N 152 
ILE H    H N N 153 
ILE H2   H N N 154 
ILE HA   H N N 155 
ILE HB   H N N 156 
ILE HG12 H N N 157 
ILE HG13 H N N 158 
ILE HG21 H N N 159 
ILE HG22 H N N 160 
ILE HG23 H N N 161 
ILE HD11 H N N 162 
ILE HD12 H N N 163 
ILE HD13 H N N 164 
ILE HXT  H N N 165 
LEU N    N N N 166 
LEU CA   C N S 167 
LEU C    C N N 168 
LEU O    O N N 169 
LEU CB   C N N 170 
LEU CG   C N N 171 
LEU CD1  C N N 172 
LEU CD2  C N N 173 
LEU OXT  O N N 174 
LEU H    H N N 175 
LEU H2   H N N 176 
LEU HA   H N N 177 
LEU HB2  H N N 178 
LEU HB3  H N N 179 
LEU HG   H N N 180 
LEU HD11 H N N 181 
LEU HD12 H N N 182 
LEU HD13 H N N 183 
LEU HD21 H N N 184 
LEU HD22 H N N 185 
LEU HD23 H N N 186 
LEU HXT  H N N 187 
LYS N    N N N 188 
LYS CA   C N S 189 
LYS C    C N N 190 
LYS O    O N N 191 
LYS CB   C N N 192 
LYS CG   C N N 193 
LYS CD   C N N 194 
LYS CE   C N N 195 
LYS NZ   N N N 196 
LYS OXT  O N N 197 
LYS H    H N N 198 
LYS H2   H N N 199 
LYS HA   H N N 200 
LYS HB2  H N N 201 
LYS HB3  H N N 202 
LYS HG2  H N N 203 
LYS HG3  H N N 204 
LYS HD2  H N N 205 
LYS HD3  H N N 206 
LYS HE2  H N N 207 
LYS HE3  H N N 208 
LYS HZ1  H N N 209 
LYS HZ2  H N N 210 
LYS HZ3  H N N 211 
LYS HXT  H N N 212 
PHE N    N N N 213 
PHE CA   C N S 214 
PHE C    C N N 215 
PHE O    O N N 216 
PHE CB   C N N 217 
PHE CG   C Y N 218 
PHE CD1  C Y N 219 
PHE CD2  C Y N 220 
PHE CE1  C Y N 221 
PHE CE2  C Y N 222 
PHE CZ   C Y N 223 
PHE OXT  O N N 224 
PHE H    H N N 225 
PHE H2   H N N 226 
PHE HA   H N N 227 
PHE HB2  H N N 228 
PHE HB3  H N N 229 
PHE HD1  H N N 230 
PHE HD2  H N N 231 
PHE HE1  H N N 232 
PHE HE2  H N N 233 
PHE HZ   H N N 234 
PHE HXT  H N N 235 
PRO N    N N N 236 
PRO CA   C N S 237 
PRO C    C N N 238 
PRO O    O N N 239 
PRO CB   C N N 240 
PRO CG   C N N 241 
PRO CD   C N N 242 
PRO OXT  O N N 243 
PRO H    H N N 244 
PRO HA   H N N 245 
PRO HB2  H N N 246 
PRO HB3  H N N 247 
PRO HG2  H N N 248 
PRO HG3  H N N 249 
PRO HD2  H N N 250 
PRO HD3  H N N 251 
PRO HXT  H N N 252 
SER N    N N N 253 
SER CA   C N S 254 
SER C    C N N 255 
SER O    O N N 256 
SER CB   C N N 257 
SER OG   O N N 258 
SER OXT  O N N 259 
SER H    H N N 260 
SER H2   H N N 261 
SER HA   H N N 262 
SER HB2  H N N 263 
SER HB3  H N N 264 
SER HG   H N N 265 
SER HXT  H N N 266 
THR N    N N N 267 
THR CA   C N S 268 
THR C    C N N 269 
THR O    O N N 270 
THR CB   C N R 271 
THR OG1  O N N 272 
THR CG2  C N N 273 
THR OXT  O N N 274 
THR H    H N N 275 
THR H2   H N N 276 
THR HA   H N N 277 
THR HB   H N N 278 
THR HG1  H N N 279 
THR HG21 H N N 280 
THR HG22 H N N 281 
THR HG23 H N N 282 
THR HXT  H N N 283 
TRP N    N N N 284 
TRP CA   C N S 285 
TRP C    C N N 286 
TRP O    O N N 287 
TRP CB   C N N 288 
TRP CG   C Y N 289 
TRP CD1  C Y N 290 
TRP CD2  C Y N 291 
TRP NE1  N Y N 292 
TRP CE2  C Y N 293 
TRP CE3  C Y N 294 
TRP CZ2  C Y N 295 
TRP CZ3  C Y N 296 
TRP CH2  C Y N 297 
TRP OXT  O N N 298 
TRP H    H N N 299 
TRP H2   H N N 300 
TRP HA   H N N 301 
TRP HB2  H N N 302 
TRP HB3  H N N 303 
TRP HD1  H N N 304 
TRP HE1  H N N 305 
TRP HE3  H N N 306 
TRP HZ2  H N N 307 
TRP HZ3  H N N 308 
TRP HH2  H N N 309 
TRP HXT  H N N 310 
TYR N    N N N 311 
TYR CA   C N S 312 
TYR C    C N N 313 
TYR O    O N N 314 
TYR CB   C N N 315 
TYR CG   C Y N 316 
TYR CD1  C Y N 317 
TYR CD2  C Y N 318 
TYR CE1  C Y N 319 
TYR CE2  C Y N 320 
TYR CZ   C Y N 321 
TYR OH   O N N 322 
TYR OXT  O N N 323 
TYR H    H N N 324 
TYR H2   H N N 325 
TYR HA   H N N 326 
TYR HB2  H N N 327 
TYR HB3  H N N 328 
TYR HD1  H N N 329 
TYR HD2  H N N 330 
TYR HE1  H N N 331 
TYR HE2  H N N 332 
TYR HH   H N N 333 
TYR HXT  H N N 334 
VAL N    N N N 335 
VAL CA   C N S 336 
VAL C    C N N 337 
VAL O    O N N 338 
VAL CB   C N N 339 
VAL CG1  C N N 340 
VAL CG2  C N N 341 
VAL OXT  O N N 342 
VAL H    H N N 343 
VAL H2   H N N 344 
VAL HA   H N N 345 
VAL HB   H N N 346 
VAL HG11 H N N 347 
VAL HG12 H N N 348 
VAL HG13 H N N 349 
VAL HG21 H N N 350 
VAL HG22 H N N 351 
VAL HG23 H N N 352 
VAL HXT  H N N 353 
# 
loop_
_chem_comp_bond.comp_id 
_chem_comp_bond.atom_id_1 
_chem_comp_bond.atom_id_2 
_chem_comp_bond.value_order 
_chem_comp_bond.pdbx_aromatic_flag 
_chem_comp_bond.pdbx_stereo_config 
_chem_comp_bond.pdbx_ordinal 
ALA N   CA   sing N N 1   
ALA N   H    sing N N 2   
ALA N   H2   sing N N 3   
ALA CA  C    sing N N 4   
ALA CA  CB   sing N N 5   
ALA CA  HA   sing N N 6   
ALA C   O    doub N N 7   
ALA C   OXT  sing N N 8   
ALA CB  HB1  sing N N 9   
ALA CB  HB2  sing N N 10  
ALA CB  HB3  sing N N 11  
ALA OXT HXT  sing N N 12  
ARG N   CA   sing N N 13  
ARG N   H    sing N N 14  
ARG N   H2   sing N N 15  
ARG CA  C    sing N N 16  
ARG CA  CB   sing N N 17  
ARG CA  HA   sing N N 18  
ARG C   O    doub N N 19  
ARG C   OXT  sing N N 20  
ARG CB  CG   sing N N 21  
ARG CB  HB2  sing N N 22  
ARG CB  HB3  sing N N 23  
ARG CG  CD   sing N N 24  
ARG CG  HG2  sing N N 25  
ARG CG  HG3  sing N N 26  
ARG CD  NE   sing N N 27  
ARG CD  HD2  sing N N 28  
ARG CD  HD3  sing N N 29  
ARG NE  CZ   sing N N 30  
ARG NE  HE   sing N N 31  
ARG CZ  NH1  sing N N 32  
ARG CZ  NH2  doub N N 33  
ARG NH1 HH11 sing N N 34  
ARG NH1 HH12 sing N N 35  
ARG NH2 HH21 sing N N 36  
ARG NH2 HH22 sing N N 37  
ARG OXT HXT  sing N N 38  
ASN N   CA   sing N N 39  
ASN N   H    sing N N 40  
ASN N   H2   sing N N 41  
ASN CA  C    sing N N 42  
ASN CA  CB   sing N N 43  
ASN CA  HA   sing N N 44  
ASN C   O    doub N N 45  
ASN C   OXT  sing N N 46  
ASN CB  CG   sing N N 47  
ASN CB  HB2  sing N N 48  
ASN CB  HB3  sing N N 49  
ASN CG  OD1  doub N N 50  
ASN CG  ND2  sing N N 51  
ASN ND2 HD21 sing N N 52  
ASN ND2 HD22 sing N N 53  
ASN OXT HXT  sing N N 54  
ASP N   CA   sing N N 55  
ASP N   H    sing N N 56  
ASP N   H2   sing N N 57  
ASP CA  C    sing N N 58  
ASP CA  CB   sing N N 59  
ASP CA  HA   sing N N 60  
ASP C   O    doub N N 61  
ASP C   OXT  sing N N 62  
ASP CB  CG   sing N N 63  
ASP CB  HB2  sing N N 64  
ASP CB  HB3  sing N N 65  
ASP CG  OD1  doub N N 66  
ASP CG  OD2  sing N N 67  
ASP OD2 HD2  sing N N 68  
ASP OXT HXT  sing N N 69  
GLN N   CA   sing N N 70  
GLN N   H    sing N N 71  
GLN N   H2   sing N N 72  
GLN CA  C    sing N N 73  
GLN CA  CB   sing N N 74  
GLN CA  HA   sing N N 75  
GLN C   O    doub N N 76  
GLN C   OXT  sing N N 77  
GLN CB  CG   sing N N 78  
GLN CB  HB2  sing N N 79  
GLN CB  HB3  sing N N 80  
GLN CG  CD   sing N N 81  
GLN CG  HG2  sing N N 82  
GLN CG  HG3  sing N N 83  
GLN CD  OE1  doub N N 84  
GLN CD  NE2  sing N N 85  
GLN NE2 HE21 sing N N 86  
GLN NE2 HE22 sing N N 87  
GLN OXT HXT  sing N N 88  
GLU N   CA   sing N N 89  
GLU N   H    sing N N 90  
GLU N   H2   sing N N 91  
GLU CA  C    sing N N 92  
GLU CA  CB   sing N N 93  
GLU CA  HA   sing N N 94  
GLU C   O    doub N N 95  
GLU C   OXT  sing N N 96  
GLU CB  CG   sing N N 97  
GLU CB  HB2  sing N N 98  
GLU CB  HB3  sing N N 99  
GLU CG  CD   sing N N 100 
GLU CG  HG2  sing N N 101 
GLU CG  HG3  sing N N 102 
GLU CD  OE1  doub N N 103 
GLU CD  OE2  sing N N 104 
GLU OE2 HE2  sing N N 105 
GLU OXT HXT  sing N N 106 
GLY N   CA   sing N N 107 
GLY N   H    sing N N 108 
GLY N   H2   sing N N 109 
GLY CA  C    sing N N 110 
GLY CA  HA2  sing N N 111 
GLY CA  HA3  sing N N 112 
GLY C   O    doub N N 113 
GLY C   OXT  sing N N 114 
GLY OXT HXT  sing N N 115 
HIS N   CA   sing N N 116 
HIS N   H    sing N N 117 
HIS N   H2   sing N N 118 
HIS CA  C    sing N N 119 
HIS CA  CB   sing N N 120 
HIS CA  HA   sing N N 121 
HIS C   O    doub N N 122 
HIS C   OXT  sing N N 123 
HIS CB  CG   sing N N 124 
HIS CB  HB2  sing N N 125 
HIS CB  HB3  sing N N 126 
HIS CG  ND1  sing Y N 127 
HIS CG  CD2  doub Y N 128 
HIS ND1 CE1  doub Y N 129 
HIS ND1 HD1  sing N N 130 
HIS CD2 NE2  sing Y N 131 
HIS CD2 HD2  sing N N 132 
HIS CE1 NE2  sing Y N 133 
HIS CE1 HE1  sing N N 134 
HIS NE2 HE2  sing N N 135 
HIS OXT HXT  sing N N 136 
ILE N   CA   sing N N 137 
ILE N   H    sing N N 138 
ILE N   H2   sing N N 139 
ILE CA  C    sing N N 140 
ILE CA  CB   sing N N 141 
ILE CA  HA   sing N N 142 
ILE C   O    doub N N 143 
ILE C   OXT  sing N N 144 
ILE CB  CG1  sing N N 145 
ILE CB  CG2  sing N N 146 
ILE CB  HB   sing N N 147 
ILE CG1 CD1  sing N N 148 
ILE CG1 HG12 sing N N 149 
ILE CG1 HG13 sing N N 150 
ILE CG2 HG21 sing N N 151 
ILE CG2 HG22 sing N N 152 
ILE CG2 HG23 sing N N 153 
ILE CD1 HD11 sing N N 154 
ILE CD1 HD12 sing N N 155 
ILE CD1 HD13 sing N N 156 
ILE OXT HXT  sing N N 157 
LEU N   CA   sing N N 158 
LEU N   H    sing N N 159 
LEU N   H2   sing N N 160 
LEU CA  C    sing N N 161 
LEU CA  CB   sing N N 162 
LEU CA  HA   sing N N 163 
LEU C   O    doub N N 164 
LEU C   OXT  sing N N 165 
LEU CB  CG   sing N N 166 
LEU CB  HB2  sing N N 167 
LEU CB  HB3  sing N N 168 
LEU CG  CD1  sing N N 169 
LEU CG  CD2  sing N N 170 
LEU CG  HG   sing N N 171 
LEU CD1 HD11 sing N N 172 
LEU CD1 HD12 sing N N 173 
LEU CD1 HD13 sing N N 174 
LEU CD2 HD21 sing N N 175 
LEU CD2 HD22 sing N N 176 
LEU CD2 HD23 sing N N 177 
LEU OXT HXT  sing N N 178 
LYS N   CA   sing N N 179 
LYS N   H    sing N N 180 
LYS N   H2   sing N N 181 
LYS CA  C    sing N N 182 
LYS CA  CB   sing N N 183 
LYS CA  HA   sing N N 184 
LYS C   O    doub N N 185 
LYS C   OXT  sing N N 186 
LYS CB  CG   sing N N 187 
LYS CB  HB2  sing N N 188 
LYS CB  HB3  sing N N 189 
LYS CG  CD   sing N N 190 
LYS CG  HG2  sing N N 191 
LYS CG  HG3  sing N N 192 
LYS CD  CE   sing N N 193 
LYS CD  HD2  sing N N 194 
LYS CD  HD3  sing N N 195 
LYS CE  NZ   sing N N 196 
LYS CE  HE2  sing N N 197 
LYS CE  HE3  sing N N 198 
LYS NZ  HZ1  sing N N 199 
LYS NZ  HZ2  sing N N 200 
LYS NZ  HZ3  sing N N 201 
LYS OXT HXT  sing N N 202 
PHE N   CA   sing N N 203 
PHE N   H    sing N N 204 
PHE N   H2   sing N N 205 
PHE CA  C    sing N N 206 
PHE CA  CB   sing N N 207 
PHE CA  HA   sing N N 208 
PHE C   O    doub N N 209 
PHE C   OXT  sing N N 210 
PHE CB  CG   sing N N 211 
PHE CB  HB2  sing N N 212 
PHE CB  HB3  sing N N 213 
PHE CG  CD1  doub Y N 214 
PHE CG  CD2  sing Y N 215 
PHE CD1 CE1  sing Y N 216 
PHE CD1 HD1  sing N N 217 
PHE CD2 CE2  doub Y N 218 
PHE CD2 HD2  sing N N 219 
PHE CE1 CZ   doub Y N 220 
PHE CE1 HE1  sing N N 221 
PHE CE2 CZ   sing Y N 222 
PHE CE2 HE2  sing N N 223 
PHE CZ  HZ   sing N N 224 
PHE OXT HXT  sing N N 225 
PRO N   CA   sing N N 226 
PRO N   CD   sing N N 227 
PRO N   H    sing N N 228 
PRO CA  C    sing N N 229 
PRO CA  CB   sing N N 230 
PRO CA  HA   sing N N 231 
PRO C   O    doub N N 232 
PRO C   OXT  sing N N 233 
PRO CB  CG   sing N N 234 
PRO CB  HB2  sing N N 235 
PRO CB  HB3  sing N N 236 
PRO CG  CD   sing N N 237 
PRO CG  HG2  sing N N 238 
PRO CG  HG3  sing N N 239 
PRO CD  HD2  sing N N 240 
PRO CD  HD3  sing N N 241 
PRO OXT HXT  sing N N 242 
SER N   CA   sing N N 243 
SER N   H    sing N N 244 
SER N   H2   sing N N 245 
SER CA  C    sing N N 246 
SER CA  CB   sing N N 247 
SER CA  HA   sing N N 248 
SER C   O    doub N N 249 
SER C   OXT  sing N N 250 
SER CB  OG   sing N N 251 
SER CB  HB2  sing N N 252 
SER CB  HB3  sing N N 253 
SER OG  HG   sing N N 254 
SER OXT HXT  sing N N 255 
THR N   CA   sing N N 256 
THR N   H    sing N N 257 
THR N   H2   sing N N 258 
THR CA  C    sing N N 259 
THR CA  CB   sing N N 260 
THR CA  HA   sing N N 261 
THR C   O    doub N N 262 
THR C   OXT  sing N N 263 
THR CB  OG1  sing N N 264 
THR CB  CG2  sing N N 265 
THR CB  HB   sing N N 266 
THR OG1 HG1  sing N N 267 
THR CG2 HG21 sing N N 268 
THR CG2 HG22 sing N N 269 
THR CG2 HG23 sing N N 270 
THR OXT HXT  sing N N 271 
TRP N   CA   sing N N 272 
TRP N   H    sing N N 273 
TRP N   H2   sing N N 274 
TRP CA  C    sing N N 275 
TRP CA  CB   sing N N 276 
TRP CA  HA   sing N N 277 
TRP C   O    doub N N 278 
TRP C   OXT  sing N N 279 
TRP CB  CG   sing N N 280 
TRP CB  HB2  sing N N 281 
TRP CB  HB3  sing N N 282 
TRP CG  CD1  doub Y N 283 
TRP CG  CD2  sing Y N 284 
TRP CD1 NE1  sing Y N 285 
TRP CD1 HD1  sing N N 286 
TRP CD2 CE2  doub Y N 287 
TRP CD2 CE3  sing Y N 288 
TRP NE1 CE2  sing Y N 289 
TRP NE1 HE1  sing N N 290 
TRP CE2 CZ2  sing Y N 291 
TRP CE3 CZ3  doub Y N 292 
TRP CE3 HE3  sing N N 293 
TRP CZ2 CH2  doub Y N 294 
TRP CZ2 HZ2  sing N N 295 
TRP CZ3 CH2  sing Y N 296 
TRP CZ3 HZ3  sing N N 297 
TRP CH2 HH2  sing N N 298 
TRP OXT HXT  sing N N 299 
TYR N   CA   sing N N 300 
TYR N   H    sing N N 301 
TYR N   H2   sing N N 302 
TYR CA  C    sing N N 303 
TYR CA  CB   sing N N 304 
TYR CA  HA   sing N N 305 
TYR C   O    doub N N 306 
TYR C   OXT  sing N N 307 
TYR CB  CG   sing N N 308 
TYR CB  HB2  sing N N 309 
TYR CB  HB3  sing N N 310 
TYR CG  CD1  doub Y N 311 
TYR CG  CD2  sing Y N 312 
TYR CD1 CE1  sing Y N 313 
TYR CD1 HD1  sing N N 314 
TYR CD2 CE2  doub Y N 315 
TYR CD2 HD2  sing N N 316 
TYR CE1 CZ   doub Y N 317 
TYR CE1 HE1  sing N N 318 
TYR CE2 CZ   sing Y N 319 
TYR CE2 HE2  sing N N 320 
TYR CZ  OH   sing N N 321 
TYR OH  HH   sing N N 322 
TYR OXT HXT  sing N N 323 
VAL N   CA   sing N N 324 
VAL N   H    sing N N 325 
VAL N   H2   sing N N 326 
VAL CA  C    sing N N 327 
VAL CA  CB   sing N N 328 
VAL CA  HA   sing N N 329 
VAL C   O    doub N N 330 
VAL C   OXT  sing N N 331 
VAL CB  CG1  sing N N 332 
VAL CB  CG2  sing N N 333 
VAL CB  HB   sing N N 334 
VAL CG1 HG11 sing N N 335 
VAL CG1 HG12 sing N N 336 
VAL CG1 HG13 sing N N 337 
VAL CG2 HG21 sing N N 338 
VAL CG2 HG22 sing N N 339 
VAL CG2 HG23 sing N N 340 
VAL OXT HXT  sing N N 341 
# 
_atom_sites.entry_id                    1PRM 
_atom_sites.fract_transf_matrix[1][1]   1.000000 
_atom_sites.fract_transf_matrix[1][2]   0.000000 
_atom_sites.fract_transf_matrix[1][3]   0.000000 
_atom_sites.fract_transf_matrix[2][1]   0.000000 
_atom_sites.fract_transf_matrix[2][2]   1.000000 
_atom_sites.fract_transf_matrix[2][3]   0.000000 
_atom_sites.fract_transf_matrix[3][1]   0.000000 
_atom_sites.fract_transf_matrix[3][2]   0.000000 
_atom_sites.fract_transf_matrix[3][3]   1.000000 
_atom_sites.fract_transf_vector[1]      0.00000 
_atom_sites.fract_transf_vector[2]      0.00000 
_atom_sites.fract_transf_vector[3]      0.00000 
# 
loop_
_atom_type.symbol 
C 
H 
N 
O 
# 
loop_
_atom_site.group_PDB 
_atom_site.id 
_atom_site.type_symbol 
_atom_site.label_atom_id 
_atom_site.label_alt_id 
_atom_site.label_comp_id 
_atom_site.label_asym_id 
_atom_site.label_entity_id 
_atom_site.label_seq_id 
_atom_site.pdbx_PDB_ins_code 
_atom_site.Cartn_x 
_atom_site.Cartn_y 
_atom_site.Cartn_z 
_atom_site.occupancy 
_atom_site.B_iso_or_equiv 
_atom_site.pdbx_formal_charge 
_atom_site.auth_seq_id 
_atom_site.auth_comp_id 
_atom_site.auth_asym_id 
_atom_site.auth_atom_id 
_atom_site.pdbx_PDB_model_num 
ATOM 1    N N    . THR A 1 9  ? -3.387  11.251  -4.663  1.00 1.27 ? 9  THR C N    1 
ATOM 2    C CA   . THR A 1 9  ? -3.063  10.921  -3.247  1.00 0.75 ? 9  THR C CA   1 
ATOM 3    C C    . THR A 1 9  ? -3.994  9.814   -2.752  1.00 0.62 ? 9  THR C C    1 
ATOM 4    O O    . THR A 1 9  ? -5.203  9.928   -2.822  1.00 0.77 ? 9  THR C O    1 
ATOM 5    C CB   . THR A 1 9  ? -3.247  12.166  -2.376  1.00 1.12 ? 9  THR C CB   1 
ATOM 6    O OG1  . THR A 1 9  ? -3.261  13.324  -3.205  1.00 1.40 ? 9  THR C OG1  1 
ATOM 7    C CG2  . THR A 1 9  ? -2.099  12.259  -1.368  1.00 1.62 ? 9  THR C CG2  1 
ATOM 8    H HA   . THR A 1 9  ? -2.038  10.586  -3.182  1.00 1.05 ? 9  THR C HA   1 
ATOM 9    H HB   . THR A 1 9  ? -4.183  12.096  -1.842  1.00 1.51 ? 9  THR C HB   1 
ATOM 10   H HG1  . THR A 1 9  ? -2.567  13.916  -2.907  1.00 1.79 ? 9  THR C HG1  1 
ATOM 11   H HG21 . THR A 1 9  ? -1.813  11.265  -1.057  1.00 2.13 ? 9  THR C HG21 1 
ATOM 12   H HG22 . THR A 1 9  ? -1.254  12.748  -1.830  1.00 2.03 ? 9  THR C HG22 1 
ATOM 13   H HG23 . THR A 1 9  ? -2.419  12.828  -0.508  1.00 2.05 ? 9  THR C HG23 1 
ATOM 14   N N    . PHE A 1 10 ? -3.445  8.741   -2.254  1.00 0.47 ? 10 PHE C N    1 
ATOM 15   C CA   . PHE A 1 10 ? -4.300  7.628   -1.754  1.00 0.38 ? 10 PHE C CA   1 
ATOM 16   C C    . PHE A 1 10 ? -4.162  7.531   -0.234  1.00 0.37 ? 10 PHE C C    1 
ATOM 17   O O    . PHE A 1 10 ? -3.271  8.109   0.356   1.00 0.49 ? 10 PHE C O    1 
ATOM 18   C CB   . PHE A 1 10 ? -3.855  6.312   -2.395  1.00 0.39 ? 10 PHE C CB   1 
ATOM 19   C CG   . PHE A 1 10 ? -4.641  6.083   -3.687  1.00 0.40 ? 10 PHE C CG   1 
ATOM 20   C CD1  . PHE A 1 10 ? -4.930  7.142   -4.527  1.00 1.18 ? 10 PHE C CD1  1 
ATOM 21   C CD2  . PHE A 1 10 ? -5.070  4.813   -4.034  1.00 1.07 ? 10 PHE C CD2  1 
ATOM 22   C CE1  . PHE A 1 10 ? -5.635  6.937   -5.695  1.00 1.25 ? 10 PHE C CE1  1 
ATOM 23   C CE2  . PHE A 1 10 ? -5.775  4.608   -5.202  1.00 1.05 ? 10 PHE C CE2  1 
ATOM 24   C CZ   . PHE A 1 10 ? -6.058  5.671   -6.033  1.00 0.54 ? 10 PHE C CZ   1 
ATOM 25   H H    . PHE A 1 10 ? -2.468  8.667   -2.208  1.00 0.56 ? 10 PHE C H    1 
ATOM 26   H HA   . PHE A 1 10 ? -5.331  7.824   -2.011  1.00 0.40 ? 10 PHE C HA   1 
ATOM 27   H HB2  . PHE A 1 10 ? -2.800  6.359   -2.619  1.00 0.42 ? 10 PHE C HB2  1 
ATOM 28   H HB3  . PHE A 1 10 ? -4.041  5.499   -1.709  1.00 0.45 ? 10 PHE C HB3  1 
ATOM 29   H HD1  . PHE A 1 10 ? -4.600  8.137   -4.268  1.00 1.95 ? 10 PHE C HD1  1 
ATOM 30   H HD2  . PHE A 1 10 ? -4.842  3.975   -3.392  1.00 1.87 ? 10 PHE C HD2  1 
ATOM 31   H HE1  . PHE A 1 10 ? -5.855  7.770   -6.346  1.00 2.06 ? 10 PHE C HE1  1 
ATOM 32   H HE2  . PHE A 1 10 ? -6.104  3.614   -5.467  1.00 1.81 ? 10 PHE C HE2  1 
ATOM 33   H HZ   . PHE A 1 10 ? -6.608  5.510   -6.948  1.00 0.62 ? 10 PHE C HZ   1 
ATOM 34   N N    . VAL A 1 11 ? -5.035  6.801   0.406   1.00 0.36 ? 11 VAL C N    1 
ATOM 35   C CA   . VAL A 1 11 ? -4.949  6.670   1.889   1.00 0.41 ? 11 VAL C CA   1 
ATOM 36   C C    . VAL A 1 11 ? -4.930  5.189   2.270   1.00 0.38 ? 11 VAL C C    1 
ATOM 37   O O    . VAL A 1 11 ? -5.551  4.365   1.628   1.00 0.39 ? 11 VAL C O    1 
ATOM 38   C CB   . VAL A 1 11 ? -6.158  7.352   2.533   1.00 0.47 ? 11 VAL C CB   1 
ATOM 39   C CG1  . VAL A 1 11 ? -5.921  7.494   4.037   1.00 0.58 ? 11 VAL C CG1  1 
ATOM 40   C CG2  . VAL A 1 11 ? -6.350  8.739   1.916   1.00 0.63 ? 11 VAL C CG2  1 
ATOM 41   H H    . VAL A 1 11 ? -5.741  6.335   -0.086  1.00 0.42 ? 11 VAL C H    1 
ATOM 42   H HA   . VAL A 1 11 ? -4.043  7.143   2.238   1.00 0.49 ? 11 VAL C HA   1 
ATOM 43   H HB   . VAL A 1 11 ? -7.042  6.755   2.362   1.00 0.50 ? 11 VAL C HB   1 
ATOM 44   H HG11 . VAL A 1 11 ? -5.076  6.887   4.327   1.00 1.30 ? 11 VAL C HG11 1 
ATOM 45   H HG12 . VAL A 1 11 ? -5.720  8.528   4.274   1.00 1.11 ? 11 VAL C HG12 1 
ATOM 46   H HG13 . VAL A 1 11 ? -6.800  7.167   4.573   1.00 1.05 ? 11 VAL C HG13 1 
ATOM 47   H HG21 . VAL A 1 11 ? -5.577  8.917   1.182   1.00 1.06 ? 11 VAL C HG21 1 
ATOM 48   H HG22 . VAL A 1 11 ? -7.318  8.790   1.438   1.00 1.33 ? 11 VAL C HG22 1 
ATOM 49   H HG23 . VAL A 1 11 ? -6.290  9.489   2.690   1.00 1.24 ? 11 VAL C HG23 1 
ATOM 50   N N    . ALA A 1 12 ? -4.223  4.846   3.311   1.00 0.50 ? 12 ALA C N    1 
ATOM 51   C CA   . ALA A 1 12 ? -4.163  3.417   3.732   1.00 0.48 ? 12 ALA C CA   1 
ATOM 52   C C    . ALA A 1 12 ? -5.432  3.042   4.504   1.00 0.47 ? 12 ALA C C    1 
ATOM 53   O O    . ALA A 1 12 ? -5.642  3.467   5.622   1.00 0.65 ? 12 ALA C O    1 
ATOM 54   C CB   . ALA A 1 12 ? -2.941  3.204   4.627   1.00 0.58 ? 12 ALA C CB   1 
ATOM 55   H H    . ALA A 1 12 ? -3.731  5.526   3.815   1.00 0.65 ? 12 ALA C H    1 
ATOM 56   H HA   . ALA A 1 12 ? -4.079  2.790   2.857   1.00 0.46 ? 12 ALA C HA   1 
ATOM 57   H HB1  . ALA A 1 12 ? -2.823  4.053   5.284   1.00 1.07 ? 12 ALA C HB1  1 
ATOM 58   H HB2  . ALA A 1 12 ? -3.077  2.308   5.216   1.00 0.90 ? 12 ALA C HB2  1 
ATOM 59   H HB3  . ALA A 1 12 ? -2.060  3.100   4.012   1.00 1.22 ? 12 ALA C HB3  1 
ATOM 60   N N    . LEU A 1 13 ? -6.280  2.247   3.910   1.00 0.43 ? 13 LEU C N    1 
ATOM 61   C CA   . LEU A 1 13 ? -7.536  1.835   4.596   1.00 0.53 ? 13 LEU C CA   1 
ATOM 62   C C    . LEU A 1 13 ? -7.195  0.832   5.696   1.00 0.58 ? 13 LEU C C    1 
ATOM 63   O O    . LEU A 1 13 ? -7.917  0.680   6.661   1.00 0.92 ? 13 LEU C O    1 
ATOM 64   C CB   . LEU A 1 13 ? -8.472  1.165   3.589   1.00 0.59 ? 13 LEU C CB   1 
ATOM 65   C CG   . LEU A 1 13 ? -9.037  2.214   2.630   1.00 0.53 ? 13 LEU C CG   1 
ATOM 66   C CD1  . LEU A 1 13 ? -10.165 1.586   1.810   1.00 0.67 ? 13 LEU C CD1  1 
ATOM 67   C CD2  . LEU A 1 13 ? -9.584  3.399   3.429   1.00 0.75 ? 13 LEU C CD2  1 
ATOM 68   H H    . LEU A 1 13 ? -6.091  1.920   3.008   1.00 0.48 ? 13 LEU C H    1 
ATOM 69   H HA   . LEU A 1 13 ? -8.020  2.697   5.026   1.00 0.60 ? 13 LEU C HA   1 
ATOM 70   H HB2  . LEU A 1 13 ? -7.923  0.424   3.027   1.00 0.67 ? 13 LEU C HB2  1 
ATOM 71   H HB3  . LEU A 1 13 ? -9.284  0.687   4.117   1.00 0.76 ? 13 LEU C HB3  1 
ATOM 72   H HG   . LEU A 1 13 ? -8.256  2.555   1.967   1.00 0.65 ? 13 LEU C HG   1 
ATOM 73   H HD11 . LEU A 1 13 ? -10.759 0.946   2.445   1.00 1.06 ? 13 LEU C HD11 1 
ATOM 74   H HD12 . LEU A 1 13 ? -10.789 2.366   1.399   1.00 1.37 ? 13 LEU C HD12 1 
ATOM 75   H HD13 . LEU A 1 13 ? -9.742  1.002   1.006   1.00 1.31 ? 13 LEU C HD13 1 
ATOM 76   H HD21 . LEU A 1 13 ? -9.838  3.075   4.426   1.00 1.31 ? 13 LEU C HD21 1 
ATOM 77   H HD22 . LEU A 1 13 ? -8.833  4.173   3.482   1.00 1.32 ? 13 LEU C HD22 1 
ATOM 78   H HD23 . LEU A 1 13 ? -10.465 3.786   2.939   1.00 1.26 ? 13 LEU C HD23 1 
ATOM 79   N N    . TYR A 1 14 ? -6.094  0.145   5.556   1.00 0.45 ? 14 TYR C N    1 
ATOM 80   C CA   . TYR A 1 14 ? -5.700  -0.851  6.588   1.00 0.52 ? 14 TYR C CA   1 
ATOM 81   C C    . TYR A 1 14 ? -4.192  -0.772  6.831   1.00 0.48 ? 14 TYR C C    1 
ATOM 82   O O    . TYR A 1 14 ? -3.440  -0.341  5.980   1.00 0.55 ? 14 TYR C O    1 
ATOM 83   C CB   . TYR A 1 14 ? -6.071  -2.241  6.090   1.00 0.61 ? 14 TYR C CB   1 
ATOM 84   C CG   . TYR A 1 14 ? -7.554  -2.246  5.733   1.00 0.55 ? 14 TYR C CG   1 
ATOM 85   C CD1  . TYR A 1 14 ? -7.992  -1.679  4.556   1.00 1.17 ? 14 TYR C CD1  1 
ATOM 86   C CD2  . TYR A 1 14 ? -8.472  -2.800  6.592   1.00 1.31 ? 14 TYR C CD2  1 
ATOM 87   C CE1  . TYR A 1 14 ? -9.334  -1.670  4.241   1.00 1.23 ? 14 TYR C CE1  1 
ATOM 88   C CE2  . TYR A 1 14 ? -9.817  -2.795  6.279   1.00 1.35 ? 14 TYR C CE2  1 
ATOM 89   C CZ   . TYR A 1 14 ? -10.258 -2.229  5.100   1.00 0.73 ? 14 TYR C CZ   1 
ATOM 90   O OH   . TYR A 1 14 ? -11.601 -2.222  4.786   1.00 0.91 ? 14 TYR C OH   1 
ATOM 91   H H    . TYR A 1 14 ? -5.527  0.284   4.766   1.00 0.56 ? 14 TYR C H    1 
ATOM 92   H HA   . TYR A 1 14 ? -6.231  -0.650  7.508   1.00 0.60 ? 14 TYR C HA   1 
ATOM 93   H HB2  . TYR A 1 14 ? -5.485  -2.482  5.216   1.00 0.66 ? 14 TYR C HB2  1 
ATOM 94   H HB3  . TYR A 1 14 ? -5.882  -2.968  6.867   1.00 0.79 ? 14 TYR C HB3  1 
ATOM 95   H HD1  . TYR A 1 14 ? -7.280  -1.232  3.880   1.00 1.98 ? 14 TYR C HD1  1 
ATOM 96   H HD2  . TYR A 1 14 ? -8.138  -3.226  7.526   1.00 2.14 ? 14 TYR C HD2  1 
ATOM 97   H HE1  . TYR A 1 14 ? -9.664  -1.215  3.319   1.00 2.05 ? 14 TYR C HE1  1 
ATOM 98   H HE2  . TYR A 1 14 ? -10.528 -3.238  6.960   1.00 2.18 ? 14 TYR C HE2  1 
ATOM 99   H HH   . TYR A 1 14 ? -12.087 -2.540  5.550   1.00 1.29 ? 14 TYR C HH   1 
ATOM 100  N N    . ASP A 1 15 ? -3.743  -1.186  7.984   1.00 0.47 ? 15 ASP C N    1 
ATOM 101  C CA   . ASP A 1 15 ? -2.284  -1.133  8.276   1.00 0.50 ? 15 ASP C CA   1 
ATOM 102  C C    . ASP A 1 15 ? -1.573  -2.255  7.516   1.00 0.49 ? 15 ASP C C    1 
ATOM 103  O O    . ASP A 1 15 ? -1.507  -3.381  7.967   1.00 0.88 ? 15 ASP C O    1 
ATOM 104  C CB   . ASP A 1 15 ? -2.055  -1.306  9.779   1.00 0.62 ? 15 ASP C CB   1 
ATOM 105  C CG   . ASP A 1 15 ? -3.005  -2.372  10.330  1.00 1.26 ? 15 ASP C CG   1 
ATOM 106  O OD1  . ASP A 1 15 ? -3.078  -3.436  9.738   1.00 2.02 ? 15 ASP C OD1  1 
ATOM 107  O OD2  . ASP A 1 15 ? -3.645  -2.105  11.335  1.00 1.94 ? 15 ASP C OD2  1 
ATOM 108  H H    . ASP A 1 15 ? -4.364  -1.528  8.659   1.00 0.54 ? 15 ASP C H    1 
ATOM 109  H HA   . ASP A 1 15 ? -1.890  -0.179  7.960   1.00 0.51 ? 15 ASP C HA   1 
ATOM 110  H HB2  . ASP A 1 15 ? -1.038  -1.613  9.951   1.00 1.16 ? 15 ASP C HB2  1 
ATOM 111  H HB3  . ASP A 1 15 ? -2.237  -0.367  10.281  1.00 1.28 ? 15 ASP C HB3  1 
ATOM 112  N N    . TYR A 1 16 ? -1.039  -1.954  6.364   1.00 0.48 ? 16 TYR C N    1 
ATOM 113  C CA   . TYR A 1 16 ? -0.331  -2.996  5.569   1.00 0.42 ? 16 TYR C CA   1 
ATOM 114  C C    . TYR A 1 16 ? 0.963   -3.391  6.284   1.00 0.44 ? 16 TYR C C    1 
ATOM 115  O O    . TYR A 1 16 ? 1.848   -2.581  6.480   1.00 0.45 ? 16 TYR C O    1 
ATOM 116  C CB   . TYR A 1 16 ? -0.005  -2.437  4.185   1.00 0.41 ? 16 TYR C CB   1 
ATOM 117  C CG   . TYR A 1 16 ? 0.885   -3.420  3.424   1.00 0.38 ? 16 TYR C CG   1 
ATOM 118  C CD1  . TYR A 1 16 ? 0.723   -4.781  3.582   1.00 1.23 ? 16 TYR C CD1  1 
ATOM 119  C CD2  . TYR A 1 16 ? 1.861   -2.959  2.564   1.00 1.09 ? 16 TYR C CD2  1 
ATOM 120  C CE1  . TYR A 1 16 ? 1.525   -5.667  2.889   1.00 1.25 ? 16 TYR C CE1  1 
ATOM 121  C CE2  . TYR A 1 16 ? 2.661   -3.844  1.872   1.00 1.09 ? 16 TYR C CE2  1 
ATOM 122  C CZ   . TYR A 1 16 ? 2.500   -5.205  2.029   1.00 0.44 ? 16 TYR C CZ   1 
ATOM 123  O OH   . TYR A 1 16 ? 3.302   -6.090  1.338   1.00 0.50 ? 16 TYR C OH   1 
ATOM 124  H H    . TYR A 1 16 ? -1.104  -1.038  6.020   1.00 0.80 ? 16 TYR C H    1 
ATOM 125  H HA   . TYR A 1 16 ? -0.965  -3.864  5.468   1.00 0.45 ? 16 TYR C HA   1 
ATOM 126  H HB2  . TYR A 1 16 ? -0.921  -2.284  3.635   1.00 0.46 ? 16 TYR C HB2  1 
ATOM 127  H HB3  . TYR A 1 16 ? 0.511   -1.494  4.292   1.00 0.43 ? 16 TYR C HB3  1 
ATOM 128  H HD1  . TYR A 1 16 ? -0.035  -5.157  4.252   1.00 2.06 ? 16 TYR C HD1  1 
ATOM 129  H HD2  . TYR A 1 16 ? 1.998   -1.896  2.433   1.00 1.93 ? 16 TYR C HD2  1 
ATOM 130  H HE1  . TYR A 1 16 ? 1.387   -6.730  3.019   1.00 2.10 ? 16 TYR C HE1  1 
ATOM 131  H HE2  . TYR A 1 16 ? 3.418   -3.467  1.200   1.00 1.92 ? 16 TYR C HE2  1 
ATOM 132  H HH   . TYR A 1 16 ? 3.165   -5.944  0.399   1.00 0.94 ? 16 TYR C HH   1 
ATOM 133  N N    . GLU A 1 17 ? 1.082   -4.632  6.673   1.00 0.57 ? 17 GLU C N    1 
ATOM 134  C CA   . GLU A 1 17 ? 2.319   -5.079  7.374   1.00 0.64 ? 17 GLU C CA   1 
ATOM 135  C C    . GLU A 1 17 ? 3.159   -5.946  6.433   1.00 0.69 ? 17 GLU C C    1 
ATOM 136  O O    . GLU A 1 17 ? 3.184   -7.155  6.547   1.00 0.85 ? 17 GLU C O    1 
ATOM 137  C CB   . GLU A 1 17 ? 1.933   -5.894  8.610   1.00 0.80 ? 17 GLU C CB   1 
ATOM 138  C CG   . GLU A 1 17 ? 3.041   -5.787  9.660   1.00 1.57 ? 17 GLU C CG   1 
ATOM 139  C CD   . GLU A 1 17 ? 2.491   -6.209  11.024  1.00 2.00 ? 17 GLU C CD   1 
ATOM 140  O OE1  . GLU A 1 17 ? 1.670   -5.484  11.560  1.00 2.32 ? 17 GLU C OE1  1 
ATOM 141  O OE2  . GLU A 1 17 ? 2.899   -7.251  11.509  1.00 2.65 ? 17 GLU C OE2  1 
ATOM 142  H H    . GLU A 1 17 ? 0.357   -5.268  6.503   1.00 0.68 ? 17 GLU C H    1 
ATOM 143  H HA   . GLU A 1 17 ? 2.893   -4.216  7.677   1.00 0.60 ? 17 GLU C HA   1 
ATOM 144  H HB2  . GLU A 1 17 ? 1.010   -5.511  9.021   1.00 1.20 ? 17 GLU C HB2  1 
ATOM 145  H HB3  . GLU A 1 17 ? 1.800   -6.929  8.331   1.00 1.30 ? 17 GLU C HB3  1 
ATOM 146  H HG2  . GLU A 1 17 ? 3.860   -6.436  9.386   1.00 2.20 ? 17 GLU C HG2  1 
ATOM 147  H HG3  . GLU A 1 17 ? 3.390   -4.768  9.713   1.00 2.08 ? 17 GLU C HG3  1 
ATOM 148  N N    . SER A 1 18 ? 3.847   -5.340  5.505   1.00 0.67 ? 18 SER C N    1 
ATOM 149  C CA   . SER A 1 18 ? 4.684   -6.130  4.561   1.00 0.79 ? 18 SER C CA   1 
ATOM 150  C C    . SER A 1 18 ? 5.591   -7.076  5.352   1.00 0.87 ? 18 SER C C    1 
ATOM 151  O O    . SER A 1 18 ? 5.771   -6.926  6.543   1.00 0.91 ? 18 SER C O    1 
ATOM 152  C CB   . SER A 1 18 ? 5.543   -5.181  3.725   1.00 0.85 ? 18 SER C CB   1 
ATOM 153  O OG   . SER A 1 18 ? 6.763   -4.923  4.405   1.00 1.64 ? 18 SER C OG   1 
ATOM 154  H H    . SER A 1 18 ? 3.816   -4.363  5.430   1.00 0.66 ? 18 SER C H    1 
ATOM 155  H HA   . SER A 1 18 ? 4.044   -6.706  3.908   1.00 0.92 ? 18 SER C HA   1 
ATOM 156  H HB2  . SER A 1 18 ? 5.752   -5.633  2.768   1.00 1.23 ? 18 SER C HB2  1 
ATOM 157  H HB3  . SER A 1 18 ? 5.011   -4.252  3.575   1.00 1.32 ? 18 SER C HB3  1 
ATOM 158  H HG   . SER A 1 18 ? 7.458   -4.846  3.747   1.00 2.09 ? 18 SER C HG   1 
ATOM 159  N N    . ARG A 1 19 ? 6.163   -8.050  4.697   1.00 1.10 ? 19 ARG C N    1 
ATOM 160  C CA   . ARG A 1 19 ? 7.057   -9.004  5.415   1.00 1.28 ? 19 ARG C CA   1 
ATOM 161  C C    . ARG A 1 19 ? 8.412   -9.087  4.702   1.00 1.36 ? 19 ARG C C    1 
ATOM 162  O O    . ARG A 1 19 ? 9.372   -9.604  5.239   1.00 1.55 ? 19 ARG C O    1 
ATOM 163  C CB   . ARG A 1 19 ? 6.409   -10.389 5.436   1.00 1.53 ? 19 ARG C CB   1 
ATOM 164  C CG   . ARG A 1 19 ? 5.223   -10.381 6.401   1.00 1.73 ? 19 ARG C CG   1 
ATOM 165  C CD   . ARG A 1 19 ? 4.084   -11.221 5.818   1.00 2.17 ? 19 ARG C CD   1 
ATOM 166  N NE   . ARG A 1 19 ? 3.891   -12.442 6.651   1.00 2.77 ? 19 ARG C NE   1 
ATOM 167  C CZ   . ARG A 1 19 ? 3.231   -13.464 6.175   1.00 3.29 ? 19 ARG C CZ   1 
ATOM 168  N NH1  . ARG A 1 19 ? 2.740   -13.423 4.966   1.00 3.48 ? 19 ARG C NH1  1 
ATOM 169  N NH2  . ARG A 1 19 ? 3.063   -14.530 6.908   1.00 4.07 ? 19 ARG C NH2  1 
ATOM 170  H H    . ARG A 1 19 ? 5.999   -8.158  3.738   1.00 1.25 ? 19 ARG C H    1 
ATOM 171  H HA   . ARG A 1 19 ? 7.206   -8.662  6.428   1.00 1.31 ? 19 ARG C HA   1 
ATOM 172  H HB2  . ARG A 1 19 ? 6.064   -10.641 4.444   1.00 1.72 ? 19 ARG C HB2  1 
ATOM 173  H HB3  . ARG A 1 19 ? 7.133   -11.120 5.763   1.00 1.75 ? 19 ARG C HB3  1 
ATOM 174  H HG2  . ARG A 1 19 ? 5.529   -10.796 7.349   1.00 1.79 ? 19 ARG C HG2  1 
ATOM 175  H HG3  . ARG A 1 19 ? 4.884   -9.365  6.547   1.00 2.20 ? 19 ARG C HG3  1 
ATOM 176  H HD2  . ARG A 1 19 ? 3.173   -10.640 5.813   1.00 2.62 ? 19 ARG C HD2  1 
ATOM 177  H HD3  . ARG A 1 19 ? 4.332   -11.511 4.807   1.00 2.36 ? 19 ARG C HD3  1 
ATOM 178  H HE   . ARG A 1 19 ? 4.260   -12.477 7.558   1.00 3.17 ? 19 ARG C HE   1 
ATOM 179  H HH11 . ARG A 1 19 ? 2.868   -12.609 4.400   1.00 3.22 ? 19 ARG C HH11 1 
ATOM 180  H HH12 . ARG A 1 19 ? 2.234   -14.207 4.606   1.00 4.18 ? 19 ARG C HH12 1 
ATOM 181  H HH21 . ARG A 1 19 ? 3.439   -14.565 7.834   1.00 4.34 ? 19 ARG C HH21 1 
ATOM 182  H HH22 . ARG A 1 19 ? 2.558   -15.312 6.544   1.00 4.60 ? 19 ARG C HH22 1 
ATOM 183  N N    . THR A 1 20 ? 8.502   -8.583  3.499   1.00 1.35 ? 20 THR C N    1 
ATOM 184  C CA   . THR A 1 20 ? 9.798   -8.638  2.764   1.00 1.49 ? 20 THR C CA   1 
ATOM 185  C C    . THR A 1 20 ? 10.383  -7.230  2.647   1.00 1.33 ? 20 THR C C    1 
ATOM 186  O O    . THR A 1 20 ? 9.757   -6.255  3.012   1.00 1.20 ? 20 THR C O    1 
ATOM 187  C CB   . THR A 1 20 ? 9.573   -9.212  1.361   1.00 1.65 ? 20 THR C CB   1 
ATOM 188  O OG1  . THR A 1 20 ? 10.538  -8.673  0.471   1.00 2.25 ? 20 THR C OG1  1 
ATOM 189  C CG2  . THR A 1 20 ? 8.168   -8.846  0.874   1.00 1.92 ? 20 THR C CG2  1 
ATOM 190  H H    . THR A 1 20 ? 7.720   -8.168  3.080   1.00 1.34 ? 20 THR C H    1 
ATOM 191  H HA   . THR A 1 20 ? 10.490  -9.270  3.302   1.00 1.75 ? 20 THR C HA   1 
ATOM 192  H HB   . THR A 1 20 ? 9.669   -10.286 1.391   1.00 2.11 ? 20 THR C HB   1 
ATOM 193  H HG1  . THR A 1 20 ? 11.013  -9.404  0.068   1.00 2.56 ? 20 THR C HG1  1 
ATOM 194  H HG21 . THR A 1 20 ? 7.956   -7.818  1.129   1.00 2.51 ? 20 THR C HG21 1 
ATOM 195  H HG22 . THR A 1 20 ? 8.116   -8.971  -0.197  1.00 2.29 ? 20 THR C HG22 1 
ATOM 196  H HG23 . THR A 1 20 ? 7.444   -9.493  1.347   1.00 2.12 ? 20 THR C HG23 1 
ATOM 197  N N    . GLU A 1 21 ? 11.581  -7.118  2.143   1.00 1.48 ? 21 GLU C N    1 
ATOM 198  C CA   . GLU A 1 21 ? 12.209  -5.775  2.002   1.00 1.55 ? 21 GLU C CA   1 
ATOM 199  C C    . GLU A 1 21 ? 11.858  -5.192  0.631   1.00 1.44 ? 21 GLU C C    1 
ATOM 200  O O    . GLU A 1 21 ? 12.556  -4.348  0.108   1.00 1.99 ? 21 GLU C O    1 
ATOM 201  C CB   . GLU A 1 21 ? 13.727  -5.911  2.125   1.00 1.88 ? 21 GLU C CB   1 
ATOM 202  C CG   . GLU A 1 21 ? 14.137  -5.798  3.594   1.00 2.49 ? 21 GLU C CG   1 
ATOM 203  C CD   . GLU A 1 21 ? 15.399  -6.628  3.837   1.00 3.07 ? 21 GLU C CD   1 
ATOM 204  O OE1  . GLU A 1 21 ? 16.401  -6.346  3.200   1.00 3.71 ? 21 GLU C OE1  1 
ATOM 205  O OE2  . GLU A 1 21 ? 15.341  -7.532  4.655   1.00 3.37 ? 21 GLU C OE2  1 
ATOM 206  H H    . GLU A 1 21 ? 12.069  -7.917  1.856   1.00 1.65 ? 21 GLU C H    1 
ATOM 207  H HA   . GLU A 1 21 ? 11.841  -5.121  2.778   1.00 1.57 ? 21 GLU C HA   1 
ATOM 208  H HB2  . GLU A 1 21 ? 14.035  -6.872  1.739   1.00 2.11 ? 21 GLU C HB2  1 
ATOM 209  H HB3  . GLU A 1 21 ? 14.204  -5.128  1.557   1.00 2.25 ? 21 GLU C HB3  1 
ATOM 210  H HG2  . GLU A 1 21 ? 14.334  -4.763  3.834   1.00 2.87 ? 21 GLU C HG2  1 
ATOM 211  H HG3  . GLU A 1 21 ? 13.337  -6.166  4.221   1.00 2.91 ? 21 GLU C HG3  1 
ATOM 212  N N    . THR A 1 22 ? 10.779  -5.637  0.046   1.00 1.11 ? 22 THR C N    1 
ATOM 213  C CA   . THR A 1 22 ? 10.384  -5.109  -1.289  1.00 1.10 ? 22 THR C CA   1 
ATOM 214  C C    . THR A 1 22 ? 9.229   -4.118  -1.126  1.00 0.91 ? 22 THR C C    1 
ATOM 215  O O    . THR A 1 22 ? 9.205   -3.071  -1.739  1.00 1.20 ? 22 THR C O    1 
ATOM 216  C CB   . THR A 1 22 ? 9.935   -6.269  -2.181  1.00 1.28 ? 22 THR C CB   1 
ATOM 217  O OG1  . THR A 1 22 ? 10.850  -7.347  -2.048  1.00 1.78 ? 22 THR C OG1  1 
ATOM 218  C CG2  . THR A 1 22 ? 9.892   -5.807  -3.639  1.00 1.66 ? 22 THR C CG2  1 
ATOM 219  H H    . THR A 1 22 ? 10.229  -6.319  0.486   1.00 1.29 ? 22 THR C H    1 
ATOM 220  H HA   . THR A 1 22 ? 11.226  -4.609  -1.744  1.00 1.26 ? 22 THR C HA   1 
ATOM 221  H HB   . THR A 1 22 ? 8.950   -6.593  -1.882  1.00 1.62 ? 22 THR C HB   1 
ATOM 222  H HG1  . THR A 1 22 ? 10.825  -7.860  -2.859  1.00 2.34 ? 22 THR C HG1  1 
ATOM 223  H HG21 . THR A 1 22 ? 9.354   -4.874  -3.705  1.00 2.28 ? 22 THR C HG21 1 
ATOM 224  H HG22 . THR A 1 22 ? 10.899  -5.670  -4.003  1.00 2.09 ? 22 THR C HG22 1 
ATOM 225  H HG23 . THR A 1 22 ? 9.392   -6.554  -4.238  1.00 1.93 ? 22 THR C HG23 1 
ATOM 226  N N    . ASP A 1 23 ? 8.274   -4.442  -0.299  1.00 0.66 ? 23 ASP C N    1 
ATOM 227  C CA   . ASP A 1 23 ? 7.120   -3.521  -0.094  1.00 0.53 ? 23 ASP C CA   1 
ATOM 228  C C    . ASP A 1 23 ? 7.268   -2.814  1.255   1.00 0.56 ? 23 ASP C C    1 
ATOM 229  O O    . ASP A 1 23 ? 7.741   -3.385  2.217   1.00 0.67 ? 23 ASP C O    1 
ATOM 230  C CB   . ASP A 1 23 ? 5.808   -4.319  -0.102  1.00 0.55 ? 23 ASP C CB   1 
ATOM 231  C CG   . ASP A 1 23 ? 6.008   -5.651  -0.835  1.00 0.68 ? 23 ASP C CG   1 
ATOM 232  O OD1  . ASP A 1 23 ? 6.618   -6.536  -0.257  1.00 1.60 ? 23 ASP C OD1  1 
ATOM 233  O OD2  . ASP A 1 23 ? 5.547   -5.762  -1.958  1.00 0.91 ? 23 ASP C OD2  1 
ATOM 234  H H    . ASP A 1 23 ? 8.315   -5.291  0.188   1.00 0.83 ? 23 ASP C H    1 
ATOM 235  H HA   . ASP A 1 23 ? 7.099   -2.785  -0.888  1.00 0.57 ? 23 ASP C HA   1 
ATOM 236  H HB2  . ASP A 1 23 ? 5.502   -4.514  0.915   1.00 0.66 ? 23 ASP C HB2  1 
ATOM 237  H HB3  . ASP A 1 23 ? 5.043   -3.747  -0.603  1.00 0.60 ? 23 ASP C HB3  1 
ATOM 238  N N    . LEU A 1 24 ? 6.867   -1.575  1.331   1.00 0.59 ? 24 LEU C N    1 
ATOM 239  C CA   . LEU A 1 24 ? 6.984   -0.829  2.615   1.00 0.70 ? 24 LEU C CA   1 
ATOM 240  C C    . LEU A 1 24 ? 5.702   -1.015  3.430   1.00 0.62 ? 24 LEU C C    1 
ATOM 241  O O    . LEU A 1 24 ? 4.607   -0.878  2.921   1.00 0.90 ? 24 LEU C O    1 
ATOM 242  C CB   . LEU A 1 24 ? 7.195   0.657   2.322   1.00 0.87 ? 24 LEU C CB   1 
ATOM 243  C CG   . LEU A 1 24 ? 8.468   0.838   1.492   1.00 0.89 ? 24 LEU C CG   1 
ATOM 244  C CD1  . LEU A 1 24 ? 8.393   2.159   0.724   1.00 1.63 ? 24 LEU C CD1  1 
ATOM 245  C CD2  . LEU A 1 24 ? 9.683   0.858   2.421   1.00 1.14 ? 24 LEU C CD2  1 
ATOM 246  H H    . LEU A 1 24 ? 6.484   -1.136  0.545   1.00 0.61 ? 24 LEU C H    1 
ATOM 247  H HA   . LEU A 1 24 ? 7.825   -1.209  3.176   1.00 0.77 ? 24 LEU C HA   1 
ATOM 248  H HB2  . LEU A 1 24 ? 6.348   1.040   1.771   1.00 0.99 ? 24 LEU C HB2  1 
ATOM 249  H HB3  . LEU A 1 24 ? 7.292   1.197   3.253   1.00 1.11 ? 24 LEU C HB3  1 
ATOM 250  H HG   . LEU A 1 24 ? 8.561   0.019   0.794   1.00 1.47 ? 24 LEU C HG   1 
ATOM 251  H HD11 . LEU A 1 24 ? 7.927   2.910   1.343   1.00 2.01 ? 24 LEU C HD11 1 
ATOM 252  H HD12 . LEU A 1 24 ? 9.389   2.478   0.458   1.00 2.14 ? 24 LEU C HD12 1 
ATOM 253  H HD13 . LEU A 1 24 ? 7.809   2.021   -0.172  1.00 2.21 ? 24 LEU C HD13 1 
ATOM 254  H HD21 . LEU A 1 24 ? 9.668   -0.018  3.053   1.00 1.66 ? 24 LEU C HD21 1 
ATOM 255  H HD22 . LEU A 1 24 ? 10.588  0.861   1.831   1.00 1.79 ? 24 LEU C HD22 1 
ATOM 256  H HD23 . LEU A 1 24 ? 9.652   1.746   3.036   1.00 1.58 ? 24 LEU C HD23 1 
ATOM 257  N N    . SER A 1 25 ? 5.830   -1.325  4.690   1.00 0.57 ? 25 SER C N    1 
ATOM 258  C CA   . SER A 1 25 ? 4.617   -1.520  5.536   1.00 0.53 ? 25 SER C CA   1 
ATOM 259  C C    . SER A 1 25 ? 4.087   -0.159  5.991   1.00 0.52 ? 25 SER C C    1 
ATOM 260  O O    . SER A 1 25 ? 4.819   0.664   6.504   1.00 0.62 ? 25 SER C O    1 
ATOM 261  C CB   . SER A 1 25 ? 4.983   -2.360  6.762   1.00 0.60 ? 25 SER C CB   1 
ATOM 262  O OG   . SER A 1 25 ? 6.288   -2.894  6.599   1.00 0.89 ? 25 SER C OG   1 
ATOM 263  H H    . SER A 1 25 ? 6.722   -1.432  5.080   1.00 0.80 ? 25 SER C H    1 
ATOM 264  H HA   . SER A 1 25 ? 3.857   -2.030  4.964   1.00 0.51 ? 25 SER C HA   1 
ATOM 265  H HB2  . SER A 1 25 ? 4.955   -1.740  7.645   1.00 0.95 ? 25 SER C HB2  1 
ATOM 266  H HB3  . SER A 1 25 ? 4.274   -3.169  6.867   1.00 1.05 ? 25 SER C HB3  1 
ATOM 267  H HG   . SER A 1 25 ? 6.473   -3.462  7.351   1.00 1.10 ? 25 SER C HG   1 
ATOM 268  N N    . PHE A 1 26 ? 2.817   0.086   5.810   1.00 0.46 ? 26 PHE C N    1 
ATOM 269  C CA   . PHE A 1 26 ? 2.242   1.395   6.234   1.00 0.48 ? 26 PHE C CA   1 
ATOM 270  C C    . PHE A 1 26 ? 1.044   1.148   7.154   1.00 0.50 ? 26 PHE C C    1 
ATOM 271  O O    . PHE A 1 26 ? 0.385   0.132   7.071   1.00 0.63 ? 26 PHE C O    1 
ATOM 272  C CB   . PHE A 1 26 ? 1.790   2.184   5.002   1.00 0.50 ? 26 PHE C CB   1 
ATOM 273  C CG   . PHE A 1 26 ? 0.814   1.344   4.178   1.00 0.45 ? 26 PHE C CG   1 
ATOM 274  C CD1  . PHE A 1 26 ? -0.536  1.353   4.475   1.00 0.99 ? 26 PHE C CD1  1 
ATOM 275  C CD2  . PHE A 1 26 ? 1.264   0.577   3.119   1.00 1.06 ? 26 PHE C CD2  1 
ATOM 276  C CE1  . PHE A 1 26 ? -1.422  0.607   3.727   1.00 1.01 ? 26 PHE C CE1  1 
ATOM 277  C CE2  . PHE A 1 26 ? 0.378   -0.169  2.369   1.00 1.03 ? 26 PHE C CE2  1 
ATOM 278  C CZ   . PHE A 1 26 ? -0.965  -0.154  2.674   1.00 0.44 ? 26 PHE C CZ   1 
ATOM 279  H H    . PHE A 1 26 ? 2.242   -0.590  5.395   1.00 0.47 ? 26 PHE C H    1 
ATOM 280  H HA   . PHE A 1 26 ? 2.993   1.960   6.766   1.00 0.51 ? 26 PHE C HA   1 
ATOM 281  H HB2  . PHE A 1 26 ? 1.298   3.091   5.319   1.00 0.56 ? 26 PHE C HB2  1 
ATOM 282  H HB3  . PHE A 1 26 ? 2.650   2.432   4.397   1.00 0.54 ? 26 PHE C HB3  1 
ATOM 283  H HD1  . PHE A 1 26 ? -0.897  1.951   5.299   1.00 1.68 ? 26 PHE C HD1  1 
ATOM 284  H HD2  . PHE A 1 26 ? 2.317   0.562   2.878   1.00 1.76 ? 26 PHE C HD2  1 
ATOM 285  H HE1  . PHE A 1 26 ? -2.475  0.619   3.966   1.00 1.71 ? 26 PHE C HE1  1 
ATOM 286  H HE2  . PHE A 1 26 ? 0.738   -0.765  1.544   1.00 1.72 ? 26 PHE C HE2  1 
ATOM 287  H HZ   . PHE A 1 26 ? -1.659  -0.739  2.087   1.00 0.46 ? 26 PHE C HZ   1 
ATOM 288  N N    . LYS A 1 27 ? 0.758   2.071   8.031   1.00 0.54 ? 27 LYS C N    1 
ATOM 289  C CA   . LYS A 1 27 ? -0.398  1.888   8.955   1.00 0.56 ? 27 LYS C CA   1 
ATOM 290  C C    . LYS A 1 27 ? -1.589  2.708   8.456   1.00 0.53 ? 27 LYS C C    1 
ATOM 291  O O    . LYS A 1 27 ? -1.498  3.420   7.475   1.00 0.60 ? 27 LYS C O    1 
ATOM 292  C CB   . LYS A 1 27 ? -0.005  2.354   10.360  1.00 0.70 ? 27 LYS C CB   1 
ATOM 293  C CG   . LYS A 1 27 ? 1.313   1.691   10.769  1.00 1.16 ? 27 LYS C CG   1 
ATOM 294  C CD   . LYS A 1 27 ? 1.789   2.280   12.099  1.00 1.68 ? 27 LYS C CD   1 
ATOM 295  C CE   . LYS A 1 27 ? 1.999   1.151   13.110  1.00 1.98 ? 27 LYS C CE   1 
ATOM 296  N NZ   . LYS A 1 27 ? 3.126   1.501   14.020  1.00 2.62 ? 27 LYS C NZ   1 
ATOM 297  H H    . LYS A 1 27 ? 1.302   2.885   8.082   1.00 0.66 ? 27 LYS C H    1 
ATOM 298  H HA   . LYS A 1 27 ? -0.669  0.843   8.987   1.00 0.59 ? 27 LYS C HA   1 
ATOM 299  H HB2  . LYS A 1 27 ? 0.115   3.427   10.361  1.00 0.92 ? 27 LYS C HB2  1 
ATOM 300  H HB3  . LYS A 1 27 ? -0.780  2.078   11.060  1.00 1.09 ? 27 LYS C HB3  1 
ATOM 301  H HG2  . LYS A 1 27 ? 1.161   0.628   10.880  1.00 1.68 ? 27 LYS C HG2  1 
ATOM 302  H HG3  . LYS A 1 27 ? 2.058   1.872   10.008  1.00 1.65 ? 27 LYS C HG3  1 
ATOM 303  H HD2  . LYS A 1 27 ? 2.721   2.805   11.947  1.00 2.16 ? 27 LYS C HD2  1 
ATOM 304  H HD3  . LYS A 1 27 ? 1.046   2.967   12.476  1.00 2.25 ? 27 LYS C HD3  1 
ATOM 305  H HE2  . LYS A 1 27 ? 1.098   1.015   13.690  1.00 2.22 ? 27 LYS C HE2  1 
ATOM 306  H HE3  . LYS A 1 27 ? 2.231   0.236   12.586  1.00 2.41 ? 27 LYS C HE3  1 
ATOM 307  H HZ1  . LYS A 1 27 ? 3.482   2.450   13.783  1.00 3.12 ? 27 LYS C HZ1  1 
ATOM 308  H HZ2  . LYS A 1 27 ? 2.792   1.493   15.006  1.00 3.06 ? 27 LYS C HZ2  1 
ATOM 309  H HZ3  . LYS A 1 27 ? 3.891   0.806   13.909  1.00 2.77 ? 27 LYS C HZ3  1 
ATOM 310  N N    . LYS A 1 28 ? -2.708  2.614   9.123   1.00 0.59 ? 28 LYS C N    1 
ATOM 311  C CA   . LYS A 1 28 ? -3.905  3.387   8.687   1.00 0.59 ? 28 LYS C CA   1 
ATOM 312  C C    . LYS A 1 28 ? -3.693  4.872   8.991   1.00 0.64 ? 28 LYS C C    1 
ATOM 313  O O    . LYS A 1 28 ? -3.172  5.235   10.027  1.00 0.80 ? 28 LYS C O    1 
ATOM 314  C CB   . LYS A 1 28 ? -5.139  2.882   9.439   1.00 0.63 ? 28 LYS C CB   1 
ATOM 315  C CG   . LYS A 1 28 ? -6.353  3.735   9.064   1.00 0.80 ? 28 LYS C CG   1 
ATOM 316  C CD   . LYS A 1 28 ? -7.616  3.117   9.671   1.00 1.07 ? 28 LYS C CD   1 
ATOM 317  C CE   . LYS A 1 28 ? -8.553  4.231   10.144  1.00 1.62 ? 28 LYS C CE   1 
ATOM 318  N NZ   . LYS A 1 28 ? -9.768  3.628   10.758  1.00 1.99 ? 28 LYS C NZ   1 
ATOM 319  H H    . LYS A 1 28 ? -2.760  2.034   9.911   1.00 0.72 ? 28 LYS C H    1 
ATOM 320  H HA   . LYS A 1 28 ? -4.052  3.256   7.624   1.00 0.61 ? 28 LYS C HA   1 
ATOM 321  H HB2  . LYS A 1 28 ? -5.326  1.853   9.171   1.00 0.73 ? 28 LYS C HB2  1 
ATOM 322  H HB3  . LYS A 1 28 ? -4.965  2.951   10.502  1.00 0.63 ? 28 LYS C HB3  1 
ATOM 323  H HG2  . LYS A 1 28 ? -6.222  4.736   9.447   1.00 1.18 ? 28 LYS C HG2  1 
ATOM 324  H HG3  . LYS A 1 28 ? -6.451  3.770   7.989   1.00 1.22 ? 28 LYS C HG3  1 
ATOM 325  H HD2  . LYS A 1 28 ? -8.117  2.518   8.926   1.00 1.70 ? 28 LYS C HD2  1 
ATOM 326  H HD3  . LYS A 1 28 ? -7.344  2.496   10.510  1.00 1.52 ? 28 LYS C HD3  1 
ATOM 327  H HE2  . LYS A 1 28 ? -8.045  4.842   10.876  1.00 2.10 ? 28 LYS C HE2  1 
ATOM 328  H HE3  . LYS A 1 28 ? -8.840  4.843   9.302   1.00 2.17 ? 28 LYS C HE3  1 
ATOM 329  H HZ1  . LYS A 1 28 ? -9.502  2.774   11.289  1.00 2.33 ? 28 LYS C HZ1  1 
ATOM 330  H HZ2  . LYS A 1 28 ? -10.208 4.315   11.404  1.00 2.15 ? 28 LYS C HZ2  1 
ATOM 331  H HZ3  . LYS A 1 28 ? -10.446 3.375   10.011  1.00 2.56 ? 28 LYS C HZ3  1 
ATOM 332  N N    . GLY A 1 29 ? -4.092  5.734   8.095   1.00 0.67 ? 29 GLY C N    1 
ATOM 333  C CA   . GLY A 1 29 ? -3.914  7.193   8.333   1.00 0.79 ? 29 GLY C CA   1 
ATOM 334  C C    . GLY A 1 29 ? -2.744  7.710   7.493   1.00 0.71 ? 29 GLY C C    1 
ATOM 335  O O    . GLY A 1 29 ? -2.704  8.864   7.113   1.00 0.73 ? 29 GLY C O    1 
ATOM 336  H H    . GLY A 1 29 ? -4.509  5.420   7.265   1.00 0.72 ? 29 GLY C H    1 
ATOM 337  H HA2  . GLY A 1 29 ? -4.816  7.717   8.053   1.00 0.87 ? 29 GLY C HA2  1 
ATOM 338  H HA3  . GLY A 1 29 ? -3.709  7.365   9.380   1.00 0.92 ? 29 GLY C HA3  1 
ATOM 339  N N    . GLU A 1 30 ? -1.791  6.868   7.202   1.00 0.71 ? 30 GLU C N    1 
ATOM 340  C CA   . GLU A 1 30 ? -0.628  7.316   6.387   1.00 0.70 ? 30 GLU C CA   1 
ATOM 341  C C    . GLU A 1 30 ? -1.045  7.422   4.919   1.00 0.55 ? 30 GLU C C    1 
ATOM 342  O O    . GLU A 1 30 ? -1.801  6.613   4.418   1.00 0.63 ? 30 GLU C O    1 
ATOM 343  C CB   . GLU A 1 30 ? 0.511   6.303   6.522   1.00 0.85 ? 30 GLU C CB   1 
ATOM 344  C CG   . GLU A 1 30 ? 1.703   6.758   5.677   1.00 0.80 ? 30 GLU C CG   1 
ATOM 345  C CD   . GLU A 1 30 ? 3.004   6.365   6.379   1.00 1.02 ? 30 GLU C CD   1 
ATOM 346  O OE1  . GLU A 1 30 ? 2.960   5.473   7.210   1.00 1.75 ? 30 GLU C OE1  1 
ATOM 347  O OE2  . GLU A 1 30 ? 4.023   6.965   6.075   1.00 1.61 ? 30 GLU C OE2  1 
ATOM 348  H H    . GLU A 1 30 ? -1.841  5.942   7.518   1.00 0.78 ? 30 GLU C H    1 
ATOM 349  H HA   . GLU A 1 30 ? -0.294  8.282   6.736   1.00 0.76 ? 30 GLU C HA   1 
ATOM 350  H HB2  . GLU A 1 30 ? 0.811   6.235   7.557   1.00 1.18 ? 30 GLU C HB2  1 
ATOM 351  H HB3  . GLU A 1 30 ? 0.175   5.335   6.180   1.00 1.01 ? 30 GLU C HB3  1 
ATOM 352  H HG2  . GLU A 1 30 ? 1.659   6.283   4.708   1.00 1.21 ? 30 GLU C HG2  1 
ATOM 353  H HG3  . GLU A 1 30 ? 1.669   7.830   5.553   1.00 1.21 ? 30 GLU C HG3  1 
ATOM 354  N N    . ARG A 1 31 ? -0.559  8.414   4.224   1.00 0.50 ? 31 ARG C N    1 
ATOM 355  C CA   . ARG A 1 31 ? -0.929  8.570   2.790   1.00 0.43 ? 31 ARG C CA   1 
ATOM 356  C C    . ARG A 1 31 ? 0.220   8.069   1.912   1.00 0.41 ? 31 ARG C C    1 
ATOM 357  O O    . ARG A 1 31 ? 1.362   8.040   2.324   1.00 0.56 ? 31 ARG C O    1 
ATOM 358  C CB   . ARG A 1 31 ? -1.191  10.046  2.488   1.00 0.57 ? 31 ARG C CB   1 
ATOM 359  C CG   . ARG A 1 31 ? -2.367  10.539  3.333   1.00 0.69 ? 31 ARG C CG   1 
ATOM 360  C CD   . ARG A 1 31 ? -1.883  11.626  4.294   1.00 1.04 ? 31 ARG C CD   1 
ATOM 361  N NE   . ARG A 1 31 ? -2.877  12.736  4.331   1.00 1.69 ? 31 ARG C NE   1 
ATOM 362  C CZ   . ARG A 1 31 ? -2.537  13.906  4.801   1.00 2.19 ? 31 ARG C CZ   1 
ATOM 363  N NH1  . ARG A 1 31 ? -1.323  14.110  5.238   1.00 2.35 ? 31 ARG C NH1  1 
ATOM 364  N NH2  . ARG A 1 31 ? -3.411  14.873  4.833   1.00 3.07 ? 31 ARG C NH2  1 
ATOM 365  H H    . ARG A 1 31 ? 0.049   9.056   4.647   1.00 0.62 ? 31 ARG C H    1 
ATOM 366  H HA   . ARG A 1 31 ? -1.819  7.996   2.582   1.00 0.42 ? 31 ARG C HA   1 
ATOM 367  H HB2  . ARG A 1 31 ? -0.311  10.625  2.726   1.00 0.72 ? 31 ARG C HB2  1 
ATOM 368  H HB3  . ARG A 1 31 ? -1.427  10.164  1.440   1.00 0.71 ? 31 ARG C HB3  1 
ATOM 369  H HG2  . ARG A 1 31 ? -3.130  10.945  2.686   1.00 0.80 ? 31 ARG C HG2  1 
ATOM 370  H HG3  . ARG A 1 31 ? -2.776  9.714   3.898   1.00 0.97 ? 31 ARG C HG3  1 
ATOM 371  H HD2  . ARG A 1 31 ? -1.773  11.208  5.284   1.00 1.60 ? 31 ARG C HD2  1 
ATOM 372  H HD3  . ARG A 1 31 ? -0.931  12.007  3.956   1.00 1.37 ? 31 ARG C HD3  1 
ATOM 373  H HE   . ARG A 1 31 ? -3.788  12.586  4.004   1.00 2.25 ? 31 ARG C HE   1 
ATOM 374  H HH11 . ARG A 1 31 ? -0.650  13.371  5.214   1.00 2.19 ? 31 ARG C HH11 1 
ATOM 375  H HH12 . ARG A 1 31 ? -1.066  15.008  5.596   1.00 3.01 ? 31 ARG C HH12 1 
ATOM 376  H HH21 . ARG A 1 31 ? -4.341  14.719  4.499   1.00 3.47 ? 31 ARG C HH21 1 
ATOM 377  H HH22 . ARG A 1 31 ? -3.152  15.770  5.193   1.00 3.54 ? 31 ARG C HH22 1 
ATOM 378  N N    . LEU A 1 32 ? -0.073  7.671   0.704   1.00 0.39 ? 32 LEU C N    1 
ATOM 379  C CA   . LEU A 1 32 ? 1.005   7.172   -0.196  1.00 0.44 ? 32 LEU C CA   1 
ATOM 380  C C    . LEU A 1 32 ? 0.735   7.637   -1.628  1.00 0.43 ? 32 LEU C C    1 
ATOM 381  O O    . LEU A 1 32 ? -0.399  7.743   -2.053  1.00 0.56 ? 32 LEU C O    1 
ATOM 382  C CB   . LEU A 1 32 ? 1.035   5.644   -0.157  1.00 0.56 ? 32 LEU C CB   1 
ATOM 383  C CG   . LEU A 1 32 ? 1.396   5.172   1.253   1.00 0.60 ? 32 LEU C CG   1 
ATOM 384  C CD1  . LEU A 1 32 ? 0.141   4.646   1.952   1.00 0.70 ? 32 LEU C CD1  1 
ATOM 385  C CD2  . LEU A 1 32 ? 2.437   4.053   1.162   1.00 0.73 ? 32 LEU C CD2  1 
ATOM 386  H H    . LEU A 1 32 ? -1.001  7.700   0.389   1.00 0.46 ? 32 LEU C H    1 
ATOM 387  H HA   . LEU A 1 32 ? 1.958   7.559   0.135   1.00 0.51 ? 32 LEU C HA   1 
ATOM 388  H HB2  . LEU A 1 32 ? 0.063   5.258   -0.427  1.00 0.61 ? 32 LEU C HB2  1 
ATOM 389  H HB3  . LEU A 1 32 ? 1.771   5.281   -0.857  1.00 0.76 ? 32 LEU C HB3  1 
ATOM 390  H HG   . LEU A 1 32 ? 1.804   5.998   1.816   1.00 0.74 ? 32 LEU C HG   1 
ATOM 391  H HD11 . LEU A 1 32 ? -0.642  5.387   1.892   1.00 1.16 ? 32 LEU C HD11 1 
ATOM 392  H HD12 . LEU A 1 32 ? -0.185  3.736   1.469   1.00 1.36 ? 32 LEU C HD12 1 
ATOM 393  H HD13 . LEU A 1 32 ? 0.366   4.442   2.988   1.00 1.18 ? 32 LEU C HD13 1 
ATOM 394  H HD21 . LEU A 1 32 ? 2.132   3.339   0.410   1.00 1.33 ? 32 LEU C HD21 1 
ATOM 395  H HD22 . LEU A 1 32 ? 3.394   4.474   0.891   1.00 1.22 ? 32 LEU C HD22 1 
ATOM 396  H HD23 . LEU A 1 32 ? 2.517   3.558   2.117   1.00 1.23 ? 32 LEU C HD23 1 
ATOM 397  N N    . GLN A 1 33 ? 1.767   7.916   -2.377  1.00 0.37 ? 33 GLN C N    1 
ATOM 398  C CA   . GLN A 1 33 ? 1.566   8.374   -3.780  1.00 0.39 ? 33 GLN C CA   1 
ATOM 399  C C    . GLN A 1 33 ? 1.443   7.156   -4.696  1.00 0.40 ? 33 GLN C C    1 
ATOM 400  O O    . GLN A 1 33 ? 2.414   6.491   -4.998  1.00 0.65 ? 33 GLN C O    1 
ATOM 401  C CB   . GLN A 1 33 ? 2.755   9.229   -4.217  1.00 0.48 ? 33 GLN C CB   1 
ATOM 402  C CG   . GLN A 1 33 ? 2.260   10.361  -5.118  1.00 0.96 ? 33 GLN C CG   1 
ATOM 403  C CD   . GLN A 1 33 ? 3.393   11.363  -5.352  1.00 1.47 ? 33 GLN C CD   1 
ATOM 404  O OE1  . GLN A 1 33 ? 4.516   11.132  -4.952  1.00 2.34 ? 33 GLN C OE1  1 
ATOM 405  N NE2  . GLN A 1 33 ? 3.142   12.474  -5.988  1.00 1.88 ? 33 GLN C NE2  1 
ATOM 406  H H    . GLN A 1 33 ? 2.674   7.824   -2.017  1.00 0.41 ? 33 GLN C H    1 
ATOM 407  H HA   . GLN A 1 33 ? 0.660   8.960   -3.839  1.00 0.43 ? 33 GLN C HA   1 
ATOM 408  H HB2  . GLN A 1 33 ? 3.238   9.647   -3.346  1.00 0.78 ? 33 GLN C HB2  1 
ATOM 409  H HB3  . GLN A 1 33 ? 3.460   8.617   -4.760  1.00 1.04 ? 33 GLN C HB3  1 
ATOM 410  H HG2  . GLN A 1 33 ? 1.940   9.953   -6.066  1.00 1.65 ? 33 GLN C HG2  1 
ATOM 411  H HG3  . GLN A 1 33 ? 1.429   10.862  -4.643  1.00 1.49 ? 33 GLN C HG3  1 
ATOM 412  H HE21 . GLN A 1 33 ? 2.236   12.661  -6.312  1.00 2.10 ? 33 GLN C HE21 1 
ATOM 413  H HE22 . GLN A 1 33 ? 3.861   13.123  -6.143  1.00 2.47 ? 33 GLN C HE22 1 
ATOM 414  N N    . ILE A 1 34 ? 0.257   6.860   -5.144  1.00 0.43 ? 34 ILE C N    1 
ATOM 415  C CA   . ILE A 1 34 ? 0.068   5.687   -6.041  1.00 0.44 ? 34 ILE C CA   1 
ATOM 416  C C    . ILE A 1 34 ? 0.844   5.898   -7.343  1.00 0.43 ? 34 ILE C C    1 
ATOM 417  O O    . ILE A 1 34 ? 0.802   6.955   -7.940  1.00 0.61 ? 34 ILE C O    1 
ATOM 418  C CB   . ILE A 1 34 ? -1.420  5.526   -6.347  1.00 0.56 ? 34 ILE C CB   1 
ATOM 419  C CG1  . ILE A 1 34 ? -2.168  5.155   -5.066  1.00 0.63 ? 34 ILE C CG1  1 
ATOM 420  C CG2  . ILE A 1 34 ? -1.616  4.419   -7.386  1.00 0.57 ? 34 ILE C CG2  1 
ATOM 421  C CD1  . ILE A 1 34 ? -1.424  4.032   -4.339  1.00 0.54 ? 34 ILE C CD1  1 
ATOM 422  H H    . ILE A 1 34 ? -0.513  7.410   -4.890  1.00 0.65 ? 34 ILE C H    1 
ATOM 423  H HA   . ILE A 1 34 ? 0.430   4.797   -5.547  1.00 0.42 ? 34 ILE C HA   1 
ATOM 424  H HB   . ILE A 1 34 ? -1.810  6.457   -6.733  1.00 0.68 ? 34 ILE C HB   1 
ATOM 425  H HG12 . ILE A 1 34 ? -2.232  6.021   -4.422  1.00 0.74 ? 34 ILE C HG12 1 
ATOM 426  H HG13 . ILE A 1 34 ? -3.162  4.821   -5.319  1.00 0.75 ? 34 ILE C HG13 1 
ATOM 427  H HG21 . ILE A 1 34 ? -0.859  4.506   -8.150  1.00 1.10 ? 34 ILE C HG21 1 
ATOM 428  H HG22 . ILE A 1 34 ? -1.536  3.454   -6.905  1.00 1.05 ? 34 ILE C HG22 1 
ATOM 429  H HG23 . ILE A 1 34 ? -2.594  4.518   -7.834  1.00 1.14 ? 34 ILE C HG23 1 
ATOM 430  H HD11 . ILE A 1 34 ? -1.179  3.250   -5.042  1.00 0.97 ? 34 ILE C HD11 1 
ATOM 431  H HD12 . ILE A 1 34 ? -0.516  4.424   -3.905  1.00 1.17 ? 34 ILE C HD12 1 
ATOM 432  H HD13 . ILE A 1 34 ? -2.052  3.630   -3.558  1.00 1.20 ? 34 ILE C HD13 1 
ATOM 433  N N    . VAL A 1 35 ? 1.554   4.895   -7.784  1.00 0.35 ? 35 VAL C N    1 
ATOM 434  C CA   . VAL A 1 35 ? 2.334   5.028   -9.048  1.00 0.39 ? 35 VAL C CA   1 
ATOM 435  C C    . VAL A 1 35 ? 1.555   4.376   -10.193 1.00 0.49 ? 35 VAL C C    1 
ATOM 436  O O    . VAL A 1 35 ? 0.861   5.036   -10.941 1.00 0.61 ? 35 VAL C O    1 
ATOM 437  C CB   . VAL A 1 35 ? 3.689   4.330   -8.890  1.00 0.40 ? 35 VAL C CB   1 
ATOM 438  C CG1  . VAL A 1 35 ? 4.461   4.418   -10.207 1.00 0.51 ? 35 VAL C CG1  1 
ATOM 439  C CG2  . VAL A 1 35 ? 4.494   5.014   -7.780  1.00 0.47 ? 35 VAL C CG2  1 
ATOM 440  H H    . VAL A 1 35 ? 1.574   4.054   -7.283  1.00 0.39 ? 35 VAL C H    1 
ATOM 441  H HA   . VAL A 1 35 ? 2.491   6.072   -9.267  1.00 0.48 ? 35 VAL C HA   1 
ATOM 442  H HB   . VAL A 1 35 ? 3.532   3.291   -8.633  1.00 0.36 ? 35 VAL C HB   1 
ATOM 443  H HG11 . VAL A 1 35 ? 4.075   5.236   -10.796 1.00 1.20 ? 35 VAL C HG11 1 
ATOM 444  H HG12 . VAL A 1 35 ? 5.509   4.585   -10.000 1.00 1.17 ? 35 VAL C HG12 1 
ATOM 445  H HG13 . VAL A 1 35 ? 4.346   3.494   -10.754 1.00 1.08 ? 35 VAL C HG13 1 
ATOM 446  H HG21 . VAL A 1 35 ? 4.400   6.086   -7.875  1.00 1.16 ? 35 VAL C HG21 1 
ATOM 447  H HG22 . VAL A 1 35 ? 4.117   4.704   -6.817  1.00 1.08 ? 35 VAL C HG22 1 
ATOM 448  H HG23 . VAL A 1 35 ? 5.534   4.734   -7.865  1.00 1.13 ? 35 VAL C HG23 1 
ATOM 449  N N    . ASN A 1 36 ? 1.666   3.084   -10.334 1.00 0.64 ? 36 ASN C N    1 
ATOM 450  C CA   . ASN A 1 36 ? 0.937   2.385   -11.426 1.00 0.80 ? 36 ASN C CA   1 
ATOM 451  C C    . ASN A 1 36 ? -0.137  1.485   -10.812 1.00 0.84 ? 36 ASN C C    1 
ATOM 452  O O    . ASN A 1 36 ? 0.139   0.680   -9.944  1.00 1.25 ? 36 ASN C O    1 
ATOM 453  C CB   . ASN A 1 36 ? 1.919   1.534   -12.232 1.00 1.16 ? 36 ASN C CB   1 
ATOM 454  C CG   . ASN A 1 36 ? 1.717   1.804   -13.725 1.00 1.56 ? 36 ASN C CG   1 
ATOM 455  O OD1  . ASN A 1 36 ? 1.386   2.906   -14.115 1.00 1.80 ? 36 ASN C OD1  1 
ATOM 456  N ND2  . ASN A 1 36 ? 1.902   0.838   -14.582 1.00 2.30 ? 36 ASN C ND2  1 
ATOM 457  H H    . ASN A 1 36 ? 2.231   2.575   -9.720  1.00 0.74 ? 36 ASN C H    1 
ATOM 458  H HA   . ASN A 1 36 ? 0.472   3.113   -12.076 1.00 0.87 ? 36 ASN C HA   1 
ATOM 459  H HB2  . ASN A 1 36 ? 2.932   1.790   -11.955 1.00 1.23 ? 36 ASN C HB2  1 
ATOM 460  H HB3  . ASN A 1 36 ? 1.744   0.488   -12.028 1.00 1.37 ? 36 ASN C HB3  1 
ATOM 461  H HD21 . ASN A 1 36 ? 2.171   -0.051  -14.269 1.00 2.78 ? 36 ASN C HD21 1 
ATOM 462  H HD22 . ASN A 1 36 ? 1.771   1.001   -15.539 1.00 2.61 ? 36 ASN C HD22 1 
ATOM 463  N N    . ASN A 1 37 ? -1.358  1.609   -11.253 1.00 1.21 ? 37 ASN C N    1 
ATOM 464  C CA   . ASN A 1 37 ? -2.438  0.756   -10.685 1.00 1.45 ? 37 ASN C CA   1 
ATOM 465  C C    . ASN A 1 37 ? -3.656  0.779   -11.605 1.00 1.23 ? 37 ASN C C    1 
ATOM 466  O O    . ASN A 1 37 ? -4.424  1.723   -11.614 1.00 1.95 ? 37 ASN C O    1 
ATOM 467  C CB   . ASN A 1 37 ? -2.837  1.285   -9.308  1.00 2.43 ? 37 ASN C CB   1 
ATOM 468  C CG   . ASN A 1 37 ? -3.334  2.726   -9.439  1.00 3.45 ? 37 ASN C CG   1 
ATOM 469  O OD1  . ASN A 1 37 ? -4.482  3.013   -9.162  1.00 3.97 ? 37 ASN C OD1  1 
ATOM 470  N ND2  . ASN A 1 37 ? -2.512  3.652   -9.849  1.00 4.14 ? 37 ASN C ND2  1 
ATOM 471  H H    . ASN A 1 37 ? -1.563  2.258   -11.960 1.00 1.66 ? 37 ASN C H    1 
ATOM 472  H HA   . ASN A 1 37 ? -2.082  -0.259  -10.588 1.00 1.79 ? 37 ASN C HA   1 
ATOM 473  H HB2  . ASN A 1 37 ? -3.626  0.671   -8.902  1.00 2.67 ? 37 ASN C HB2  1 
ATOM 474  H HB3  . ASN A 1 37 ? -1.982  1.258   -8.649  1.00 2.69 ? 37 ASN C HB3  1 
ATOM 475  H HD21 . ASN A 1 37 ? -1.586  3.423   -10.069 1.00 4.14 ? 37 ASN C HD21 1 
ATOM 476  H HD22 . ASN A 1 37 ? -2.821  4.576   -9.938  1.00 4.87 ? 37 ASN C HD22 1 
ATOM 477  N N    . THR A 1 38 ? -3.839  -0.253  -12.379 1.00 1.53 ? 38 THR C N    1 
ATOM 478  C CA   . THR A 1 38 ? -5.009  -0.291  -13.301 1.00 2.21 ? 38 THR C CA   1 
ATOM 479  C C    . THR A 1 38 ? -5.462  -1.740  -13.534 1.00 2.39 ? 38 THR C C    1 
ATOM 480  O O    . THR A 1 38 ? -6.329  -1.999  -14.344 1.00 3.08 ? 38 THR C O    1 
ATOM 481  C CB   . THR A 1 38 ? -4.617  0.342   -14.638 1.00 2.78 ? 38 THR C CB   1 
ATOM 482  O OG1  . THR A 1 38 ? -5.669  0.157   -15.575 1.00 3.71 ? 38 THR C OG1  1 
ATOM 483  C CG2  . THR A 1 38 ? -3.340  -0.317  -15.160 1.00 2.92 ? 38 THR C CG2  1 
ATOM 484  H H    . THR A 1 38 ? -3.198  -0.994  -12.362 1.00 1.98 ? 38 THR C H    1 
ATOM 485  H HA   . THR A 1 38 ? -5.822  0.269   -12.868 1.00 2.57 ? 38 THR C HA   1 
ATOM 486  H HB   . THR A 1 38 ? -4.441  1.398   -14.499 1.00 2.76 ? 38 THR C HB   1 
ATOM 487  H HG1  . THR A 1 38 ? -6.006  1.024   -15.817 1.00 4.20 ? 38 THR C HG1  1 
ATOM 488  H HG21 . THR A 1 38 ? -2.576  -0.269  -14.399 1.00 3.19 ? 38 THR C HG21 1 
ATOM 489  H HG22 . THR A 1 38 ? -3.541  -1.349  -15.402 1.00 3.07 ? 38 THR C HG22 1 
ATOM 490  H HG23 . THR A 1 38 ? -3.000  0.202   -16.045 1.00 3.26 ? 38 THR C HG23 1 
ATOM 491  N N    . GLU A 1 39 ? -4.897  -2.688  -12.834 1.00 2.19 ? 39 GLU C N    1 
ATOM 492  C CA   . GLU A 1 39 ? -5.313  -4.099  -13.036 1.00 2.61 ? 39 GLU C CA   1 
ATOM 493  C C    . GLU A 1 39 ? -4.756  -4.964  -11.904 1.00 2.14 ? 39 GLU C C    1 
ATOM 494  O O    . GLU A 1 39 ? -5.471  -5.373  -11.011 1.00 2.73 ? 39 GLU C O    1 
ATOM 495  C CB   . GLU A 1 39 ? -4.761  -4.596  -14.368 1.00 3.30 ? 39 GLU C CB   1 
ATOM 496  C CG   . GLU A 1 39 ? -5.917  -4.916  -15.318 1.00 4.35 ? 39 GLU C CG   1 
ATOM 497  C CD   . GLU A 1 39 ? -5.418  -5.827  -16.440 1.00 5.03 ? 39 GLU C CD   1 
ATOM 498  O OE1  . GLU A 1 39 ? -4.862  -5.310  -17.396 1.00 5.32 ? 39 GLU C OE1  1 
ATOM 499  O OE2  . GLU A 1 39 ? -5.601  -7.028  -16.326 1.00 5.59 ? 39 GLU C OE2  1 
ATOM 500  H H    . GLU A 1 39 ? -4.202  -2.478  -12.182 1.00 2.12 ? 39 GLU C H    1 
ATOM 501  H HA   . GLU A 1 39 ? -6.389  -4.162  -13.045 1.00 3.21 ? 39 GLU C HA   1 
ATOM 502  H HB2  . GLU A 1 39 ? -4.135  -3.834  -14.808 1.00 3.32 ? 39 GLU C HB2  1 
ATOM 503  H HB3  . GLU A 1 39 ? -4.176  -5.483  -14.198 1.00 3.39 ? 39 GLU C HB3  1 
ATOM 504  H HG2  . GLU A 1 39 ? -6.705  -5.414  -14.773 1.00 4.68 ? 39 GLU C HG2  1 
ATOM 505  H HG3  . GLU A 1 39 ? -6.299  -3.998  -15.743 1.00 4.62 ? 39 GLU C HG3  1 
ATOM 506  N N    . GLY A 1 40 ? -3.480  -5.247  -11.946 1.00 1.81 ? 40 GLY C N    1 
ATOM 507  C CA   . GLY A 1 40 ? -2.846  -6.086  -10.886 1.00 1.99 ? 40 GLY C CA   1 
ATOM 508  C C    . GLY A 1 40 ? -3.445  -5.750  -9.519  1.00 1.62 ? 40 GLY C C    1 
ATOM 509  O O    . GLY A 1 40 ? -3.858  -4.635  -9.266  1.00 1.97 ? 40 GLY C O    1 
ATOM 510  H H    . GLY A 1 40 ? -2.936  -4.904  -12.685 1.00 2.11 ? 40 GLY C H    1 
ATOM 511  H HA2  . GLY A 1 40 ? -3.019  -7.130  -11.104 1.00 2.43 ? 40 GLY C HA2  1 
ATOM 512  H HA3  . GLY A 1 40 ? -1.783  -5.896  -10.868 1.00 2.47 ? 40 GLY C HA3  1 
ATOM 513  N N    . ASP A 1 41 ? -3.491  -6.709  -8.635  1.00 1.27 ? 41 ASP C N    1 
ATOM 514  C CA   . ASP A 1 41 ? -4.061  -6.458  -7.281  1.00 1.04 ? 41 ASP C CA   1 
ATOM 515  C C    . ASP A 1 41 ? -3.000  -5.831  -6.378  1.00 0.83 ? 41 ASP C C    1 
ATOM 516  O O    . ASP A 1 41 ? -3.254  -5.510  -5.234  1.00 1.11 ? 41 ASP C O    1 
ATOM 517  C CB   . ASP A 1 41 ? -4.523  -7.783  -6.676  1.00 1.30 ? 41 ASP C CB   1 
ATOM 518  C CG   . ASP A 1 41 ? -5.903  -8.141  -7.230  1.00 1.65 ? 41 ASP C CG   1 
ATOM 519  O OD1  . ASP A 1 41 ? -6.153  -7.836  -8.385  1.00 2.34 ? 41 ASP C OD1  1 
ATOM 520  O OD2  . ASP A 1 41 ? -6.685  -8.715  -6.491  1.00 1.99 ? 41 ASP C OD2  1 
ATOM 521  H H    . ASP A 1 41 ? -3.148  -7.598  -8.863  1.00 1.48 ? 41 ASP C H    1 
ATOM 522  H HA   . ASP A 1 41 ? -4.903  -5.787  -7.364  1.00 1.13 ? 41 ASP C HA   1 
ATOM 523  H HB2  . ASP A 1 41 ? -3.817  -8.560  -6.931  1.00 1.57 ? 41 ASP C HB2  1 
ATOM 524  H HB3  . ASP A 1 41 ? -4.580  -7.688  -5.602  1.00 1.54 ? 41 ASP C HB3  1 
ATOM 525  N N    . TRP A 1 42 ? -1.810  -5.661  -6.877  1.00 0.67 ? 42 TRP C N    1 
ATOM 526  C CA   . TRP A 1 42 ? -0.736  -5.055  -6.046  1.00 0.47 ? 42 TRP C CA   1 
ATOM 527  C C    . TRP A 1 42 ? -0.193  -3.820  -6.762  1.00 0.43 ? 42 TRP C C    1 
ATOM 528  O O    . TRP A 1 42 ? 0.415   -3.912  -7.810  1.00 0.59 ? 42 TRP C O    1 
ATOM 529  C CB   . TRP A 1 42 ? 0.385   -6.074  -5.837  1.00 0.53 ? 42 TRP C CB   1 
ATOM 530  C CG   . TRP A 1 42 ? 0.019   -6.997  -4.672  1.00 0.51 ? 42 TRP C CG   1 
ATOM 531  C CD1  . TRP A 1 42 ? -0.604  -8.183  -4.794  1.00 0.58 ? 42 TRP C CD1  1 
ATOM 532  C CD2  . TRP A 1 42 ? 0.268   -6.746  -3.386  1.00 0.48 ? 42 TRP C CD2  1 
ATOM 533  N NE1  . TRP A 1 42 ? -0.710  -8.614  -3.535  1.00 0.57 ? 42 TRP C NE1  1 
ATOM 534  C CE2  . TRP A 1 42 ? -0.194  -7.781  -2.596  1.00 0.51 ? 42 TRP C CE2  1 
ATOM 535  C CE3  . TRP A 1 42 ? 0.881   -5.655  -2.799  1.00 0.51 ? 42 TRP C CE3  1 
ATOM 536  C CZ2  . TRP A 1 42 ? -0.043  -7.728  -1.225  1.00 0.53 ? 42 TRP C CZ2  1 
ATOM 537  C CZ3  . TRP A 1 42 ? 1.031   -5.603  -1.427  1.00 0.56 ? 42 TRP C CZ3  1 
ATOM 538  C CH2  . TRP A 1 42 ? 0.569   -6.639  -0.640  1.00 0.55 ? 42 TRP C CH2  1 
ATOM 539  H H    . TRP A 1 42 ? -1.622  -5.929  -7.800  1.00 0.93 ? 42 TRP C H    1 
ATOM 540  H HA   . TRP A 1 42 ? -1.143  -4.766  -5.088  1.00 0.46 ? 42 TRP C HA   1 
ATOM 541  H HB2  . TRP A 1 42 ? 0.509   -6.662  -6.736  1.00 0.67 ? 42 TRP C HB2  1 
ATOM 542  H HB3  . TRP A 1 42 ? 1.306   -5.557  -5.615  1.00 0.56 ? 42 TRP C HB3  1 
ATOM 543  H HD1  . TRP A 1 42 ? -0.956  -8.663  -5.696  1.00 0.66 ? 42 TRP C HD1  1 
ATOM 544  H HE1  . TRP A 1 42 ? -1.128  -9.469  -3.307  1.00 0.64 ? 42 TRP C HE1  1 
ATOM 545  H HE3  . TRP A 1 42 ? 1.243   -4.844  -3.413  1.00 0.54 ? 42 TRP C HE3  1 
ATOM 546  H HZ2  . TRP A 1 42 ? -0.404  -8.539  -0.610  1.00 0.57 ? 42 TRP C HZ2  1 
ATOM 547  H HZ3  . TRP A 1 42 ? 1.510   -4.750  -0.969  1.00 0.64 ? 42 TRP C HZ3  1 
ATOM 548  H HH2  . TRP A 1 42 ? 0.686   -6.596  0.433   1.00 0.62 ? 42 TRP C HH2  1 
ATOM 549  N N    . TRP A 1 43 ? -0.413  -2.663  -6.207  1.00 0.33 ? 43 TRP C N    1 
ATOM 550  C CA   . TRP A 1 43 ? 0.087   -1.420  -6.853  1.00 0.33 ? 43 TRP C CA   1 
ATOM 551  C C    . TRP A 1 43 ? 1.418   -1.011  -6.224  1.00 0.32 ? 43 TRP C C    1 
ATOM 552  O O    . TRP A 1 43 ? 1.858   -1.582  -5.246  1.00 0.39 ? 43 TRP C O    1 
ATOM 553  C CB   . TRP A 1 43 ? -0.940  -0.305  -6.655  1.00 0.41 ? 43 TRP C CB   1 
ATOM 554  C CG   . TRP A 1 43 ? -2.293  -0.758  -7.210  1.00 0.42 ? 43 TRP C CG   1 
ATOM 555  C CD1  . TRP A 1 43 ? -2.461  -1.631  -8.218  1.00 0.51 ? 43 TRP C CD1  1 
ATOM 556  C CD2  . TRP A 1 43 ? -3.477  -0.351  -6.761  1.00 0.43 ? 43 TRP C CD2  1 
ATOM 557  N NE1  . TRP A 1 43 ? -3.788  -1.718  -8.340  1.00 0.56 ? 43 TRP C NE1  1 
ATOM 558  C CE2  . TRP A 1 43 ? -4.498  -0.954  -7.471  1.00 0.51 ? 43 TRP C CE2  1 
ATOM 559  C CE3  . TRP A 1 43 ? -3.770  0.532   -5.742  1.00 0.44 ? 43 TRP C CE3  1 
ATOM 560  C CZ2  . TRP A 1 43 ? -5.813  -0.672  -7.158  1.00 0.56 ? 43 TRP C CZ2  1 
ATOM 561  C CZ3  . TRP A 1 43 ? -5.086  0.812   -5.430  1.00 0.50 ? 43 TRP C CZ3  1 
ATOM 562  C CH2  . TRP A 1 43 ? -6.106  0.209   -6.138  1.00 0.55 ? 43 TRP C CH2  1 
ATOM 563  H H    . TRP A 1 43 ? -0.907  -2.612  -5.361  1.00 0.38 ? 43 TRP C H    1 
ATOM 564  H HA   . TRP A 1 43 ? 0.226   -1.596  -7.909  1.00 0.36 ? 43 TRP C HA   1 
ATOM 565  H HB2  . TRP A 1 43 ? -1.037  -0.088  -5.602  1.00 0.45 ? 43 TRP C HB2  1 
ATOM 566  H HB3  . TRP A 1 43 ? -0.614  0.582   -7.178  1.00 0.49 ? 43 TRP C HB3  1 
ATOM 567  H HD1  . TRP A 1 43 ? -1.703  -2.143  -8.792  1.00 0.58 ? 43 TRP C HD1  1 
ATOM 568  H HE1  . TRP A 1 43 ? -4.218  -2.290  -9.010  1.00 0.65 ? 43 TRP C HE1  1 
ATOM 569  H HE3  . TRP A 1 43 ? -2.972  1.012   -5.196  1.00 0.45 ? 43 TRP C HE3  1 
ATOM 570  H HZ2  . TRP A 1 43 ? -6.612  -1.140  -7.714  1.00 0.65 ? 43 TRP C HZ2  1 
ATOM 571  H HZ3  . TRP A 1 43 ? -5.316  1.496   -4.627  1.00 0.56 ? 43 TRP C HZ3  1 
ATOM 572  H HH2  . TRP A 1 43 ? -7.134  0.426   -5.891  1.00 0.62 ? 43 TRP C HH2  1 
ATOM 573  N N    . LEU A 1 44 ? 2.061   -0.023  -6.780  1.00 0.35 ? 44 LEU C N    1 
ATOM 574  C CA   . LEU A 1 44 ? 3.362   0.428   -6.221  1.00 0.34 ? 44 LEU C CA   1 
ATOM 575  C C    . LEU A 1 44 ? 3.253   1.905   -5.857  1.00 0.32 ? 44 LEU C C    1 
ATOM 576  O O    . LEU A 1 44 ? 3.101   2.753   -6.708  1.00 0.49 ? 44 LEU C O    1 
ATOM 577  C CB   . LEU A 1 44 ? 4.454   0.226   -7.270  1.00 0.44 ? 44 LEU C CB   1 
ATOM 578  C CG   . LEU A 1 44 ? 5.783   0.763   -6.738  1.00 0.46 ? 44 LEU C CG   1 
ATOM 579  C CD1  . LEU A 1 44 ? 6.622   -0.396  -6.205  1.00 1.15 ? 44 LEU C CD1  1 
ATOM 580  C CD2  . LEU A 1 44 ? 6.539   1.454   -7.872  1.00 1.01 ? 44 LEU C CD2  1 
ATOM 581  H H    . LEU A 1 44 ? 1.687   0.427   -7.567  1.00 0.43 ? 44 LEU C H    1 
ATOM 582  H HA   . LEU A 1 44 ? 3.595   -0.146  -5.339  1.00 0.37 ? 44 LEU C HA   1 
ATOM 583  H HB2  . LEU A 1 44 ? 4.554   -0.828  -7.487  1.00 0.55 ? 44 LEU C HB2  1 
ATOM 584  H HB3  . LEU A 1 44 ? 4.188   0.754   -8.174  1.00 0.51 ? 44 LEU C HB3  1 
ATOM 585  H HG   . LEU A 1 44 ? 5.596   1.468   -5.942  1.00 0.60 ? 44 LEU C HG   1 
ATOM 586  H HD11 . LEU A 1 44 ? 6.001   -1.042  -5.602  1.00 1.69 ? 44 LEU C HD11 1 
ATOM 587  H HD12 . LEU A 1 44 ? 7.028   -0.954  -7.033  1.00 1.79 ? 44 LEU C HD12 1 
ATOM 588  H HD13 . LEU A 1 44 ? 7.428   -0.011  -5.604  1.00 1.57 ? 44 LEU C HD13 1 
ATOM 589  H HD21 . LEU A 1 44 ? 5.843   1.744   -8.645  1.00 1.52 ? 44 LEU C HD21 1 
ATOM 590  H HD22 . LEU A 1 44 ? 7.039   2.331   -7.490  1.00 1.66 ? 44 LEU C HD22 1 
ATOM 591  H HD23 . LEU A 1 44 ? 7.269   0.772   -8.283  1.00 1.52 ? 44 LEU C HD23 1 
ATOM 592  N N    . ALA A 1 45 ? 3.331   2.225   -4.597  1.00 0.30 ? 45 ALA C N    1 
ATOM 593  C CA   . ALA A 1 45 ? 3.228   3.653   -4.195  1.00 0.34 ? 45 ALA C CA   1 
ATOM 594  C C    . ALA A 1 45 ? 4.593   4.178   -3.749  1.00 0.27 ? 45 ALA C C    1 
ATOM 595  O O    . ALA A 1 45 ? 5.554   3.441   -3.634  1.00 0.40 ? 45 ALA C O    1 
ATOM 596  C CB   . ALA A 1 45 ? 2.229   3.787   -3.046  1.00 0.55 ? 45 ALA C CB   1 
ATOM 597  H H    . ALA A 1 45 ? 3.458   1.530   -3.920  1.00 0.42 ? 45 ALA C H    1 
ATOM 598  H HA   . ALA A 1 45 ? 2.881   4.235   -5.037  1.00 0.40 ? 45 ALA C HA   1 
ATOM 599  H HB1  . ALA A 1 45 ? 2.252   2.892   -2.443  1.00 1.01 ? 45 ALA C HB1  1 
ATOM 600  H HB2  . ALA A 1 45 ? 2.493   4.639   -2.439  1.00 1.08 ? 45 ALA C HB2  1 
ATOM 601  H HB3  . ALA A 1 45 ? 1.236   3.924   -3.448  1.00 1.23 ? 45 ALA C HB3  1 
ATOM 602  N N    . HIS A 1 46 ? 4.672   5.455   -3.493  1.00 0.32 ? 46 HIS C N    1 
ATOM 603  C CA   . HIS A 1 46 ? 5.957   6.063   -3.053  1.00 0.33 ? 46 HIS C CA   1 
ATOM 604  C C    . HIS A 1 46 ? 5.685   6.985   -1.859  1.00 0.46 ? 46 HIS C C    1 
ATOM 605  O O    . HIS A 1 46 ? 4.976   7.965   -1.969  1.00 0.58 ? 46 HIS C O    1 
ATOM 606  C CB   . HIS A 1 46 ? 6.549   6.863   -4.223  1.00 0.46 ? 46 HIS C CB   1 
ATOM 607  C CG   . HIS A 1 46 ? 7.480   7.962   -3.701  1.00 0.65 ? 46 HIS C CG   1 
ATOM 608  N ND1  . HIS A 1 46 ? 8.709   7.810   -3.432  1.00 0.86 ? 46 HIS C ND1  1 
ATOM 609  C CD2  . HIS A 1 46 ? 7.215   9.290   -3.422  1.00 0.86 ? 46 HIS C CD2  1 
ATOM 610  C CE1  . HIS A 1 46 ? 9.218   8.909   -3.018  1.00 1.03 ? 46 HIS C CE1  1 
ATOM 611  N NE2  . HIS A 1 46 ? 8.332   9.891   -2.985  1.00 1.05 ? 46 HIS C NE2  1 
ATOM 612  H H    . HIS A 1 46 ? 3.878   6.019   -3.586  1.00 0.47 ? 46 HIS C H    1 
ATOM 613  H HA   . HIS A 1 46 ? 6.646   5.283   -2.760  1.00 0.47 ? 46 HIS C HA   1 
ATOM 614  H HB2  . HIS A 1 46 ? 7.104   6.198   -4.866  1.00 0.62 ? 46 HIS C HB2  1 
ATOM 615  H HB3  . HIS A 1 46 ? 5.745   7.316   -4.787  1.00 0.56 ? 46 HIS C HB3  1 
ATOM 616  H HD1  . HIS A 1 46 ? 9.201   6.969   -3.529  1.00 0.99 ? 46 HIS C HD1  1 
ATOM 617  H HD2  . HIS A 1 46 ? 6.254   9.770   -3.538  1.00 1.00 ? 46 HIS C HD2  1 
ATOM 618  H HE1  . HIS A 1 46 ? 10.251  9.021   -2.725  1.00 1.26 ? 46 HIS C HE1  1 
ATOM 619  N N    . SER A 1 47 ? 6.243   6.678   -0.721  1.00 0.68 ? 47 SER C N    1 
ATOM 620  C CA   . SER A 1 47 ? 6.015   7.538   0.474   1.00 0.95 ? 47 SER C CA   1 
ATOM 621  C C    . SER A 1 47 ? 6.519   8.953   0.184   1.00 0.70 ? 47 SER C C    1 
ATOM 622  O O    . SER A 1 47 ? 7.329   9.165   -0.696  1.00 1.14 ? 47 SER C O    1 
ATOM 623  C CB   . SER A 1 47 ? 6.776   6.962   1.669   1.00 1.60 ? 47 SER C CB   1 
ATOM 624  O OG   . SER A 1 47 ? 6.125   5.784   2.123   1.00 2.06 ? 47 SER C OG   1 
ATOM 625  H H    . SER A 1 47 ? 6.809   5.882   -0.651  1.00 0.77 ? 47 SER C H    1 
ATOM 626  H HA   . SER A 1 47 ? 4.960   7.571   0.700   1.00 1.18 ? 47 SER C HA   1 
ATOM 627  H HB2  . SER A 1 47 ? 7.786   6.723   1.372   1.00 1.78 ? 47 SER C HB2  1 
ATOM 628  H HB3  . SER A 1 47 ? 6.799   7.691   2.467   1.00 1.82 ? 47 SER C HB3  1 
ATOM 629  H HG   . SER A 1 47 ? 6.375   5.063   1.541   1.00 2.48 ? 47 SER C HG   1 
ATOM 630  N N    . LEU A 1 48 ? 6.046   9.923   0.917   1.00 0.85 ? 48 LEU C N    1 
ATOM 631  C CA   . LEU A 1 48 ? 6.499   11.324  0.680   1.00 1.17 ? 48 LEU C CA   1 
ATOM 632  C C    . LEU A 1 48 ? 7.361   11.785  1.859   1.00 1.18 ? 48 LEU C C    1 
ATOM 633  O O    . LEU A 1 48 ? 7.968   12.837  1.821   1.00 1.55 ? 48 LEU C O    1 
ATOM 634  C CB   . LEU A 1 48 ? 5.281   12.240  0.549   1.00 1.55 ? 48 LEU C CB   1 
ATOM 635  C CG   . LEU A 1 48 ? 4.342   11.686  -0.524  1.00 1.63 ? 48 LEU C CG   1 
ATOM 636  C CD1  . LEU A 1 48 ? 3.069   12.533  -0.572  1.00 2.28 ? 48 LEU C CD1  1 
ATOM 637  C CD2  . LEU A 1 48 ? 5.041   11.736  -1.886  1.00 1.81 ? 48 LEU C CD2  1 
ATOM 638  H H    . LEU A 1 48 ? 5.393   9.732   1.621   1.00 1.23 ? 48 LEU C H    1 
ATOM 639  H HA   . LEU A 1 48 ? 7.081   11.364  -0.229  1.00 1.47 ? 48 LEU C HA   1 
ATOM 640  H HB2  . LEU A 1 48 ? 4.761   12.284  1.494   1.00 1.62 ? 48 LEU C HB2  1 
ATOM 641  H HB3  . LEU A 1 48 ? 5.605   13.230  0.269   1.00 1.97 ? 48 LEU C HB3  1 
ATOM 642  H HG   . LEU A 1 48 ? 4.087   10.664  -0.288  1.00 1.35 ? 48 LEU C HG   1 
ATOM 643  H HD11 . LEU A 1 48 ? 3.104   13.281  0.207   1.00 2.69 ? 48 LEU C HD11 1 
ATOM 644  H HD12 . LEU A 1 48 ? 2.994   13.018  -1.534  1.00 2.63 ? 48 LEU C HD12 1 
ATOM 645  H HD13 . LEU A 1 48 ? 2.208   11.897  -0.422  1.00 2.59 ? 48 LEU C HD13 1 
ATOM 646  H HD21 . LEU A 1 48 ? 5.319   12.755  -2.110  1.00 2.06 ? 48 LEU C HD21 1 
ATOM 647  H HD22 . LEU A 1 48 ? 5.926   11.118  -1.859  1.00 1.93 ? 48 LEU C HD22 1 
ATOM 648  H HD23 . LEU A 1 48 ? 4.370   11.371  -2.648  1.00 2.38 ? 48 LEU C HD23 1 
ATOM 649  N N    . THR A 1 49 ? 7.418   11.007  2.904   1.00 1.18 ? 49 THR C N    1 
ATOM 650  C CA   . THR A 1 49 ? 8.240   11.402  4.083   1.00 1.34 ? 49 THR C CA   1 
ATOM 651  C C    . THR A 1 49 ? 9.723   11.230  3.747   1.00 1.41 ? 49 THR C C    1 
ATOM 652  O O    . THR A 1 49 ? 10.449  12.192  3.591   1.00 1.54 ? 49 THR C O    1 
ATOM 653  C CB   . THR A 1 49 ? 7.881   10.513  5.276   1.00 1.60 ? 49 THR C CB   1 
ATOM 654  O OG1  . THR A 1 49 ? 6.485   10.596  5.523   1.00 1.75 ? 49 THR C OG1  1 
ATOM 655  C CG2  . THR A 1 49 ? 8.649   10.981  6.512   1.00 1.92 ? 49 THR C CG2  1 
ATOM 656  H H    . THR A 1 49 ? 6.921   10.162  2.915   1.00 1.37 ? 49 THR C H    1 
ATOM 657  H HA   . THR A 1 49 ? 8.043   12.434  4.330   1.00 1.40 ? 49 THR C HA   1 
ATOM 658  H HB   . THR A 1 49 ? 8.148   9.491   5.056   1.00 1.76 ? 49 THR C HB   1 
ATOM 659  H HG1  . THR A 1 49 ? 6.127   9.706   5.504   1.00 2.01 ? 49 THR C HG1  1 
ATOM 660  H HG21 . THR A 1 49 ? 9.046   11.970  6.337   1.00 2.30 ? 49 THR C HG21 1 
ATOM 661  H HG22 . THR A 1 49 ? 7.984   11.004  7.362   1.00 2.33 ? 49 THR C HG22 1 
ATOM 662  H HG23 . THR A 1 49 ? 9.462   10.297  6.710   1.00 2.17 ? 49 THR C HG23 1 
ATOM 663  N N    . THR A 1 50 ? 10.179  10.012  3.636   1.00 1.53 ? 50 THR C N    1 
ATOM 664  C CA   . THR A 1 50 ? 11.614  9.781   3.310   1.00 1.77 ? 50 THR C CA   1 
ATOM 665  C C    . THR A 1 50 ? 11.786  9.710   1.791   1.00 1.61 ? 50 THR C C    1 
ATOM 666  O O    . THR A 1 50 ? 12.808  10.087  1.254   1.00 2.02 ? 50 THR C O    1 
ATOM 667  C CB   . THR A 1 50 ? 12.073  8.460   3.935   1.00 2.12 ? 50 THR C CB   1 
ATOM 668  O OG1  . THR A 1 50 ? 11.080  7.996   4.839   1.00 2.62 ? 50 THR C OG1  1 
ATOM 669  C CG2  . THR A 1 50 ? 13.387  8.677   4.688   1.00 2.61 ? 50 THR C CG2  1 
ATOM 670  H H    . THR A 1 50 ? 9.577   9.251   3.766   1.00 1.57 ? 50 THR C H    1 
ATOM 671  H HA   . THR A 1 50 ? 12.209  10.591  3.703   1.00 1.95 ? 50 THR C HA   1 
ATOM 672  H HB   . THR A 1 50 ? 12.225  7.727   3.159   1.00 2.41 ? 50 THR C HB   1 
ATOM 673  H HG1  . THR A 1 50 ? 11.323  8.289   5.721   1.00 2.89 ? 50 THR C HG1  1 
ATOM 674  H HG21 . THR A 1 50 ? 13.271  9.489   5.390   1.00 3.19 ? 50 THR C HG21 1 
ATOM 675  H HG22 . THR A 1 50 ? 13.650  7.774   5.221   1.00 2.69 ? 50 THR C HG22 1 
ATOM 676  H HG23 . THR A 1 50 ? 14.170  8.918   3.983   1.00 3.00 ? 50 THR C HG23 1 
ATOM 677  N N    . GLY A 1 51 ? 10.792  9.230   1.094   1.00 1.31 ? 51 GLY C N    1 
ATOM 678  C CA   . GLY A 1 51 ? 10.899  9.135   -0.389  1.00 1.21 ? 51 GLY C CA   1 
ATOM 679  C C    . GLY A 1 51 ? 11.337  7.721   -0.778  1.00 1.28 ? 51 GLY C C    1 
ATOM 680  O O    . GLY A 1 51 ? 12.271  7.536   -1.532  1.00 1.98 ? 51 GLY C O    1 
ATOM 681  H H    . GLY A 1 51 ? 9.975   8.932   1.546   1.00 1.42 ? 51 GLY C H    1 
ATOM 682  H HA2  . GLY A 1 51 ? 9.938   9.349   -0.834  1.00 1.04 ? 51 GLY C HA2  1 
ATOM 683  H HA3  . GLY A 1 51 ? 11.628  9.848   -0.745  1.00 1.40 ? 51 GLY C HA3  1 
ATOM 684  N N    . GLN A 1 52 ? 10.669  6.721   -0.270  1.00 1.09 ? 52 GLN C N    1 
ATOM 685  C CA   . GLN A 1 52 ? 11.050  5.323   -0.613  1.00 1.20 ? 52 GLN C CA   1 
ATOM 686  C C    . GLN A 1 52 ? 9.987   4.708   -1.527  1.00 0.89 ? 52 GLN C C    1 
ATOM 687  O O    . GLN A 1 52 ? 8.966   5.309   -1.800  1.00 0.94 ? 52 GLN C O    1 
ATOM 688  C CB   . GLN A 1 52 ? 11.166  4.500   0.672   1.00 1.48 ? 52 GLN C CB   1 
ATOM 689  C CG   . GLN A 1 52 ? 12.495  4.818   1.360   1.00 1.89 ? 52 GLN C CG   1 
ATOM 690  C CD   . GLN A 1 52 ? 13.253  3.517   1.634   1.00 2.20 ? 52 GLN C CD   1 
ATOM 691  O OE1  . GLN A 1 52 ? 13.464  2.723   0.738   1.00 2.65 ? 52 GLN C OE1  1 
ATOM 692  N NE2  . GLN A 1 52 ? 13.677  3.265   2.842   1.00 2.69 ? 52 GLN C NE2  1 
ATOM 693  H H    . GLN A 1 52 ? 9.917   6.891   0.334   1.00 1.40 ? 52 GLN C H    1 
ATOM 694  H HA   . GLN A 1 52 ? 12.003  5.326   -1.122  1.00 1.45 ? 52 GLN C HA   1 
ATOM 695  H HB2  . GLN A 1 52 ? 10.349  4.748   1.333   1.00 1.46 ? 52 GLN C HB2  1 
ATOM 696  H HB3  . GLN A 1 52 ? 11.127  3.448   0.431   1.00 1.68 ? 52 GLN C HB3  1 
ATOM 697  H HG2  . GLN A 1 52 ? 13.090  5.452   0.720   1.00 2.50 ? 52 GLN C HG2  1 
ATOM 698  H HG3  . GLN A 1 52 ? 12.306  5.326   2.294   1.00 1.99 ? 52 GLN C HG3  1 
ATOM 699  H HE21 . GLN A 1 52 ? 13.508  3.905   3.565   1.00 2.93 ? 52 GLN C HE21 1 
ATOM 700  H HE22 . GLN A 1 52 ? 14.164  2.434   3.028   1.00 3.16 ? 52 GLN C HE22 1 
ATOM 701  N N    . THR A 1 53 ? 10.219  3.514   -2.004  1.00 0.80 ? 53 THR C N    1 
ATOM 702  C CA   . THR A 1 53 ? 9.225   2.858   -2.902  1.00 0.54 ? 53 THR C CA   1 
ATOM 703  C C    . THR A 1 53 ? 8.797   1.513   -2.296  1.00 0.38 ? 53 THR C C    1 
ATOM 704  O O    . THR A 1 53 ? 9.566   0.852   -1.626  1.00 0.49 ? 53 THR C O    1 
ATOM 705  C CB   . THR A 1 53 ? 9.872   2.643   -4.282  1.00 0.79 ? 53 THR C CB   1 
ATOM 706  O OG1  . THR A 1 53 ? 9.654   3.796   -5.083  1.00 1.13 ? 53 THR C OG1  1 
ATOM 707  C CG2  . THR A 1 53 ? 9.263   1.423   -4.979  1.00 0.88 ? 53 THR C CG2  1 
ATOM 708  H H    . THR A 1 53 ? 11.049  3.049   -1.770  1.00 1.05 ? 53 THR C H    1 
ATOM 709  H HA   . THR A 1 53 ? 8.360   3.496   -3.007  1.00 0.57 ? 53 THR C HA   1 
ATOM 710  H HB   . THR A 1 53 ? 10.934  2.489   -4.161  1.00 1.27 ? 53 THR C HB   1 
ATOM 711  H HG1  . THR A 1 53 ? 8.707   3.906   -5.191  1.00 1.49 ? 53 THR C HG1  1 
ATOM 712  H HG21 . THR A 1 53 ? 8.272   1.251   -4.591  1.00 1.53 ? 53 THR C HG21 1 
ATOM 713  H HG22 . THR A 1 53 ? 9.207   1.603   -6.041  1.00 1.23 ? 53 THR C HG22 1 
ATOM 714  H HG23 . THR A 1 53 ? 9.880   0.556   -4.791  1.00 1.42 ? 53 THR C HG23 1 
ATOM 715  N N    . GLY A 1 54 ? 7.576   1.101   -2.529  1.00 0.39 ? 54 GLY C N    1 
ATOM 716  C CA   . GLY A 1 54 ? 7.114   -0.200  -1.962  1.00 0.59 ? 54 GLY C CA   1 
ATOM 717  C C    . GLY A 1 54 ? 5.765   -0.599  -2.575  1.00 0.50 ? 54 GLY C C    1 
ATOM 718  O O    . GLY A 1 54 ? 4.859   0.203   -2.686  1.00 0.53 ? 54 GLY C O    1 
ATOM 719  H H    . GLY A 1 54 ? 6.966   1.648   -3.073  1.00 0.43 ? 54 GLY C H    1 
ATOM 720  H HA2  . GLY A 1 54 ? 7.844   -0.965  -2.180  1.00 0.76 ? 54 GLY C HA2  1 
ATOM 721  H HA3  . GLY A 1 54 ? 7.004   -0.103  -0.894  1.00 0.79 ? 54 GLY C HA3  1 
ATOM 722  N N    . TYR A 1 55 ? 5.630   -1.838  -2.976  1.00 0.49 ? 55 TYR C N    1 
ATOM 723  C CA   . TYR A 1 55 ? 4.351   -2.301  -3.581  1.00 0.46 ? 55 TYR C CA   1 
ATOM 724  C C    . TYR A 1 55 ? 3.265   -2.356  -2.503  1.00 0.40 ? 55 TYR C C    1 
ATOM 725  O O    . TYR A 1 55 ? 3.292   -3.201  -1.630  1.00 0.61 ? 55 TYR C O    1 
ATOM 726  C CB   . TYR A 1 55 ? 4.541   -3.705  -4.156  1.00 0.56 ? 55 TYR C CB   1 
ATOM 727  C CG   . TYR A 1 55 ? 5.651   -3.704  -5.208  1.00 0.76 ? 55 TYR C CG   1 
ATOM 728  C CD1  . TYR A 1 55 ? 5.450   -3.127  -6.447  1.00 1.53 ? 55 TYR C CD1  1 
ATOM 729  C CD2  . TYR A 1 55 ? 6.864   -4.306  -4.943  1.00 1.48 ? 55 TYR C CD2  1 
ATOM 730  C CE1  . TYR A 1 55 ? 6.444   -3.154  -7.402  1.00 1.83 ? 55 TYR C CE1  1 
ATOM 731  C CE2  . TYR A 1 55 ? 7.858   -4.333  -5.898  1.00 1.71 ? 55 TYR C CE2  1 
ATOM 732  C CZ   . TYR A 1 55 ? 7.656   -3.758  -7.136  1.00 1.52 ? 55 TYR C CZ   1 
ATOM 733  O OH   . TYR A 1 55 ? 8.650   -3.787  -8.092  1.00 1.93 ? 55 TYR C OH   1 
ATOM 734  H H    . TYR A 1 55 ? 6.374   -2.464  -2.889  1.00 0.56 ? 55 TYR C H    1 
ATOM 735  H HA   . TYR A 1 55 ? 4.052   -1.627  -4.365  1.00 0.47 ? 55 TYR C HA   1 
ATOM 736  H HB2  . TYR A 1 55 ? 4.805   -4.385  -3.359  1.00 0.66 ? 55 TYR C HB2  1 
ATOM 737  H HB3  . TYR A 1 55 ? 3.621   -4.029  -4.609  1.00 0.72 ? 55 TYR C HB3  1 
ATOM 738  H HD1  . TYR A 1 55 ? 4.511   -2.638  -6.664  1.00 2.28 ? 55 TYR C HD1  1 
ATOM 739  H HD2  . TYR A 1 55 ? 7.036   -4.760  -3.978  1.00 2.26 ? 55 TYR C HD2  1 
ATOM 740  H HE1  . TYR A 1 55 ? 6.274   -2.698  -8.365  1.00 2.67 ? 55 TYR C HE1  1 
ATOM 741  H HE2  . TYR A 1 55 ? 8.802   -4.809  -5.677  1.00 2.49 ? 55 TYR C HE2  1 
ATOM 742  H HH   . TYR A 1 55 ? 8.912   -4.701  -8.219  1.00 2.18 ? 55 TYR C HH   1 
ATOM 743  N N    . ILE A 1 56 ? 2.308   -1.473  -2.554  1.00 0.42 ? 56 ILE C N    1 
ATOM 744  C CA   . ILE A 1 56 ? 1.232   -1.492  -1.525  1.00 0.37 ? 56 ILE C CA   1 
ATOM 745  C C    . ILE A 1 56 ? 0.044   -2.308  -2.053  1.00 0.35 ? 56 ILE C C    1 
ATOM 746  O O    . ILE A 1 56 ? -0.287  -2.224  -3.219  1.00 0.40 ? 56 ILE C O    1 
ATOM 747  C CB   . ILE A 1 56 ? 0.780   -0.061  -1.229  1.00 0.42 ? 56 ILE C CB   1 
ATOM 748  C CG1  . ILE A 1 56 ? 0.341   0.617   -2.527  1.00 0.48 ? 56 ILE C CG1  1 
ATOM 749  C CG2  . ILE A 1 56 ? 1.941   0.722   -0.613  1.00 0.48 ? 56 ILE C CG2  1 
ATOM 750  C CD1  . ILE A 1 56 ? -1.091  1.133   -2.375  1.00 1.00 ? 56 ILE C CD1  1 
ATOM 751  H H    . ILE A 1 56 ? 2.297   -0.799  -3.265  1.00 0.62 ? 56 ILE C H    1 
ATOM 752  H HA   . ILE A 1 56 ? 1.611   -1.945  -0.621  1.00 0.38 ? 56 ILE C HA   1 
ATOM 753  H HB   . ILE A 1 56 ? -0.050  -0.081  -0.535  1.00 0.44 ? 56 ILE C HB   1 
ATOM 754  H HG12 . ILE A 1 56 ? 1.001   1.444   -2.742  1.00 0.98 ? 56 ILE C HG12 1 
ATOM 755  H HG13 . ILE A 1 56 ? 0.383   -0.097  -3.337  1.00 0.97 ? 56 ILE C HG13 1 
ATOM 756  H HG21 . ILE A 1 56 ? 2.869   0.405   -1.066  1.00 1.06 ? 56 ILE C HG21 1 
ATOM 757  H HG22 . ILE A 1 56 ? 1.798   1.778   -0.790  1.00 1.27 ? 56 ILE C HG22 1 
ATOM 758  H HG23 . ILE A 1 56 ? 1.978   0.537   0.450   1.00 1.02 ? 56 ILE C HG23 1 
ATOM 759  H HD11 . ILE A 1 56 ? -1.307  1.289   -1.329  1.00 1.49 ? 56 ILE C HD11 1 
ATOM 760  H HD12 . ILE A 1 56 ? -1.195  2.066   -2.908  1.00 1.58 ? 56 ILE C HD12 1 
ATOM 761  H HD13 . ILE A 1 56 ? -1.780  0.408   -2.781  1.00 1.62 ? 56 ILE C HD13 1 
ATOM 762  N N    . PRO A 1 57 ? -0.561  -3.076  -1.181  1.00 0.33 ? 57 PRO C N    1 
ATOM 763  C CA   . PRO A 1 57 ? -1.716  -3.916  -1.546  1.00 0.36 ? 57 PRO C CA   1 
ATOM 764  C C    . PRO A 1 57 ? -2.872  -3.038  -2.032  1.00 0.34 ? 57 PRO C C    1 
ATOM 765  O O    . PRO A 1 57 ? -3.099  -1.960  -1.521  1.00 0.38 ? 57 PRO C O    1 
ATOM 766  C CB   . PRO A 1 57 ? -2.098  -4.646  -0.251  1.00 0.41 ? 57 PRO C CB   1 
ATOM 767  C CG   . PRO A 1 57 ? -1.129  -4.170  0.861   1.00 0.41 ? 57 PRO C CG   1 
ATOM 768  C CD   . PRO A 1 57 ? -0.148  -3.167  0.232   1.00 0.35 ? 57 PRO C CD   1 
ATOM 769  H HA   . PRO A 1 57 ? -1.439  -4.632  -2.303  1.00 0.44 ? 57 PRO C HA   1 
ATOM 770  H HB2  . PRO A 1 57 ? -3.115  -4.402  0.020   1.00 0.41 ? 57 PRO C HB2  1 
ATOM 771  H HB3  . PRO A 1 57 ? -2.003  -5.712  -0.390  1.00 0.49 ? 57 PRO C HB3  1 
ATOM 772  H HG2  . PRO A 1 57 ? -1.685  -3.690  1.652   1.00 0.42 ? 57 PRO C HG2  1 
ATOM 773  H HG3  . PRO A 1 57 ? -0.584  -5.014  1.258   1.00 0.49 ? 57 PRO C HG3  1 
ATOM 774  H HD2  . PRO A 1 57 ? -0.238  -2.204  0.712   1.00 0.34 ? 57 PRO C HD2  1 
ATOM 775  H HD3  . PRO A 1 57 ? 0.864   -3.534  0.306   1.00 0.40 ? 57 PRO C HD3  1 
ATOM 776  N N    . SER A 1 58 ? -3.604  -3.490  -3.013  1.00 0.42 ? 58 SER C N    1 
ATOM 777  C CA   . SER A 1 58 ? -4.742  -2.681  -3.530  1.00 0.44 ? 58 SER C CA   1 
ATOM 778  C C    . SER A 1 58 ? -5.957  -2.838  -2.612  1.00 0.43 ? 58 SER C C    1 
ATOM 779  O O    . SER A 1 58 ? -6.982  -2.219  -2.815  1.00 0.72 ? 58 SER C O    1 
ATOM 780  C CB   . SER A 1 58 ? -5.104  -3.161  -4.937  1.00 0.56 ? 58 SER C CB   1 
ATOM 781  O OG   . SER A 1 58 ? -6.207  -4.053  -4.865  1.00 0.86 ? 58 SER C OG   1 
ATOM 782  H H    . SER A 1 58 ? -3.404  -4.360  -3.414  1.00 0.54 ? 58 SER C H    1 
ATOM 783  H HA   . SER A 1 58 ? -4.455  -1.640  -3.570  1.00 0.48 ? 58 SER C HA   1 
ATOM 784  H HB2  . SER A 1 58 ? -5.366  -2.313  -5.547  1.00 0.82 ? 58 SER C HB2  1 
ATOM 785  H HB3  . SER A 1 58 ? -4.258  -3.669  -5.373  1.00 0.82 ? 58 SER C HB3  1 
ATOM 786  H HG   . SER A 1 58 ? -6.134  -4.672  -5.595  1.00 0.98 ? 58 SER C HG   1 
ATOM 787  N N    . ASN A 1 59 ? -5.854  -3.658  -1.603  1.00 0.43 ? 59 ASN C N    1 
ATOM 788  C CA   . ASN A 1 59 ? -7.010  -3.845  -0.680  1.00 0.43 ? 59 ASN C CA   1 
ATOM 789  C C    . ASN A 1 59 ? -6.740  -3.111  0.635   1.00 0.51 ? 59 ASN C C    1 
ATOM 790  O O    . ASN A 1 59 ? -7.590  -3.039  1.502   1.00 1.06 ? 59 ASN C O    1 
ATOM 791  C CB   . ASN A 1 59 ? -7.206  -5.336  -0.402  1.00 0.50 ? 59 ASN C CB   1 
ATOM 792  C CG   . ASN A 1 59 ? -8.325  -5.876  -1.295  1.00 1.30 ? 59 ASN C CG   1 
ATOM 793  O OD1  . ASN A 1 59 ? -8.760  -5.208  -2.212  1.00 2.14 ? 59 ASN C OD1  1 
ATOM 794  N ND2  . ASN A 1 59 ? -8.811  -7.065  -1.065  1.00 2.05 ? 59 ASN C ND2  1 
ATOM 795  H H    . ASN A 1 59 ? -5.021  -4.152  -1.453  1.00 0.67 ? 59 ASN C H    1 
ATOM 796  H HA   . ASN A 1 59 ? -7.902  -3.445  -1.139  1.00 0.44 ? 59 ASN C HA   1 
ATOM 797  H HB2  . ASN A 1 59 ? -6.288  -5.866  -0.614  1.00 1.16 ? 59 ASN C HB2  1 
ATOM 798  H HB3  . ASN A 1 59 ? -7.473  -5.478  0.634   1.00 1.06 ? 59 ASN C HB3  1 
ATOM 799  H HD21 . ASN A 1 59 ? -8.461  -7.605  -0.326  1.00 2.27 ? 59 ASN C HD21 1 
ATOM 800  H HD22 . ASN A 1 59 ? -9.527  -7.419  -1.633  1.00 2.79 ? 59 ASN C HD22 1 
ATOM 801  N N    . TYR A 1 60 ? -5.567  -2.562  0.792   1.00 0.37 ? 60 TYR C N    1 
ATOM 802  C CA   . TYR A 1 60 ? -5.249  -1.834  2.052   1.00 0.38 ? 60 TYR C CA   1 
ATOM 803  C C    . TYR A 1 60 ? -5.190  -0.329  1.779   1.00 0.35 ? 60 TYR C C    1 
ATOM 804  O O    . TYR A 1 60 ? -4.696  0.435   2.586   1.00 0.53 ? 60 TYR C O    1 
ATOM 805  C CB   . TYR A 1 60 ? -3.891  -2.302  2.584   1.00 0.46 ? 60 TYR C CB   1 
ATOM 806  C CG   . TYR A 1 60 ? -4.009  -3.719  3.156   1.00 0.40 ? 60 TYR C CG   1 
ATOM 807  C CD1  . TYR A 1 60 ? -5.216  -4.391  3.145   1.00 1.12 ? 60 TYR C CD1  1 
ATOM 808  C CD2  . TYR A 1 60 ? -2.902  -4.347  3.691   1.00 1.35 ? 60 TYR C CD2  1 
ATOM 809  C CE1  . TYR A 1 60 ? -5.312  -5.668  3.661   1.00 1.17 ? 60 TYR C CE1  1 
ATOM 810  C CE2  . TYR A 1 60 ? -2.999  -5.621  4.206   1.00 1.36 ? 60 TYR C CE2  1 
ATOM 811  C CZ   . TYR A 1 60 ? -4.203  -6.293  4.196   1.00 0.55 ? 60 TYR C CZ   1 
ATOM 812  O OH   . TYR A 1 60 ? -4.298  -7.567  4.713   1.00 0.69 ? 60 TYR C OH   1 
ATOM 813  H H    . TYR A 1 60 ? -4.894  -2.632  0.084   1.00 0.74 ? 60 TYR C H    1 
ATOM 814  H HA   . TYR A 1 60 ? -6.011  -2.037  2.788   1.00 0.41 ? 60 TYR C HA   1 
ATOM 815  H HB2  . TYR A 1 60 ? -3.172  -2.299  1.778   1.00 0.53 ? 60 TYR C HB2  1 
ATOM 816  H HB3  . TYR A 1 60 ? -3.560  -1.629  3.361   1.00 0.59 ? 60 TYR C HB3  1 
ATOM 817  H HD1  . TYR A 1 60 ? -6.091  -3.914  2.730   1.00 2.00 ? 60 TYR C HD1  1 
ATOM 818  H HD2  . TYR A 1 60 ? -1.953  -3.833  3.707   1.00 2.26 ? 60 TYR C HD2  1 
ATOM 819  H HE1  . TYR A 1 60 ? -6.261  -6.182  3.647   1.00 2.07 ? 60 TYR C HE1  1 
ATOM 820  H HE2  . TYR A 1 60 ? -2.123  -6.099  4.621   1.00 2.25 ? 60 TYR C HE2  1 
ATOM 821  H HH   . TYR A 1 60 ? -4.065  -8.187  4.018   1.00 1.15 ? 60 TYR C HH   1 
ATOM 822  N N    . VAL A 1 61 ? -5.688  0.105   0.651   1.00 0.35 ? 61 VAL C N    1 
ATOM 823  C CA   . VAL A 1 61 ? -5.657  1.563   0.335   1.00 0.35 ? 61 VAL C CA   1 
ATOM 824  C C    . VAL A 1 61 ? -6.900  1.945   -0.464  1.00 0.33 ? 61 VAL C C    1 
ATOM 825  O O    . VAL A 1 61 ? -7.618  1.102   -0.964  1.00 0.42 ? 61 VAL C O    1 
ATOM 826  C CB   . VAL A 1 61 ? -4.408  1.889   -0.488  1.00 0.39 ? 61 VAL C CB   1 
ATOM 827  C CG1  . VAL A 1 61 ? -4.284  0.899   -1.646  1.00 0.53 ? 61 VAL C CG1  1 
ATOM 828  C CG2  . VAL A 1 61 ? -4.507  3.308   -1.046  1.00 0.49 ? 61 VAL C CG2  1 
ATOM 829  H H    . VAL A 1 61 ? -6.083  -0.528  0.014   1.00 0.50 ? 61 VAL C H    1 
ATOM 830  H HA   . VAL A 1 61 ? -5.635  2.128   1.253   1.00 0.39 ? 61 VAL C HA   1 
ATOM 831  H HB   . VAL A 1 61 ? -3.543  1.822   0.144   1.00 0.57 ? 61 VAL C HB   1 
ATOM 832  H HG11 . VAL A 1 61 ? -5.269  0.644   -2.009  1.00 1.13 ? 61 VAL C HG11 1 
ATOM 833  H HG12 . VAL A 1 61 ? -3.712  1.350   -2.444  1.00 1.26 ? 61 VAL C HG12 1 
ATOM 834  H HG13 . VAL A 1 61 ? -3.784  0.006   -1.305  1.00 1.12 ? 61 VAL C HG13 1 
ATOM 835  H HG21 . VAL A 1 61 ? -4.660  4.004   -0.235  1.00 1.13 ? 61 VAL C HG21 1 
ATOM 836  H HG22 . VAL A 1 61 ? -3.593  3.556   -1.564  1.00 1.22 ? 61 VAL C HG22 1 
ATOM 837  H HG23 . VAL A 1 61 ? -5.336  3.367   -1.732  1.00 0.95 ? 61 VAL C HG23 1 
ATOM 838  N N    . ALA A 1 62 ? -7.159  3.215   -0.582  1.00 0.35 ? 62 ALA C N    1 
ATOM 839  C CA   . ALA A 1 62 ? -8.355  3.666   -1.348  1.00 0.34 ? 62 ALA C CA   1 
ATOM 840  C C    . ALA A 1 62 ? -8.161  5.122   -1.786  1.00 0.34 ? 62 ALA C C    1 
ATOM 841  O O    . ALA A 1 62 ? -7.569  5.907   -1.073  1.00 0.40 ? 62 ALA C O    1 
ATOM 842  C CB   . ALA A 1 62 ? -9.599  3.564   -0.464  1.00 0.39 ? 62 ALA C CB   1 
ATOM 843  H H    . ALA A 1 62 ? -6.562  3.872   -0.165  1.00 0.45 ? 62 ALA C H    1 
ATOM 844  H HA   . ALA A 1 62 ? -8.479  3.041   -2.219  1.00 0.39 ? 62 ALA C HA   1 
ATOM 845  H HB1  . ALA A 1 62 ? -9.405  4.034   0.488   1.00 1.05 ? 62 ALA C HB1  1 
ATOM 846  H HB2  . ALA A 1 62 ? -10.427 4.059   -0.949  1.00 1.04 ? 62 ALA C HB2  1 
ATOM 847  H HB3  . ALA A 1 62 ? -9.844  2.523   -0.309  1.00 1.20 ? 62 ALA C HB3  1 
ATOM 848  N N    . PRO A 1 63 ? -8.672  5.441   -2.951  1.00 0.40 ? 63 PRO C N    1 
ATOM 849  C CA   . PRO A 1 63 ? -8.565  6.802   -3.507  1.00 0.50 ? 63 PRO C CA   1 
ATOM 850  C C    . PRO A 1 63 ? -9.273  7.804   -2.590  1.00 0.53 ? 63 PRO C C    1 
ATOM 851  O O    . PRO A 1 63 ? -10.407 7.610   -2.200  1.00 0.73 ? 63 PRO C O    1 
ATOM 852  C CB   . PRO A 1 63 ? -9.270  6.727   -4.868  1.00 0.63 ? 63 PRO C CB   1 
ATOM 853  C CG   . PRO A 1 63 ? -9.789  5.278   -5.053  1.00 0.61 ? 63 PRO C CG   1 
ATOM 854  C CD   . PRO A 1 63 ? -9.390  4.475   -3.804  1.00 0.47 ? 63 PRO C CD   1 
ATOM 855  H HA   . PRO A 1 63 ? -7.532  7.075   -3.642  1.00 0.55 ? 63 PRO C HA   1 
ATOM 856  H HB2  . PRO A 1 63 ? -10.099 7.419   -4.890  1.00 0.67 ? 63 PRO C HB2  1 
ATOM 857  H HB3  . PRO A 1 63 ? -8.571  6.968   -5.656  1.00 0.74 ? 63 PRO C HB3  1 
ATOM 858  H HG2  . PRO A 1 63 ? -10.864 5.284   -5.155  1.00 0.64 ? 63 PRO C HG2  1 
ATOM 859  H HG3  . PRO A 1 63 ? -9.340  4.836   -5.930  1.00 0.73 ? 63 PRO C HG3  1 
ATOM 860  H HD2  . PRO A 1 63 ? -10.269 4.106   -3.297  1.00 0.43 ? 63 PRO C HD2  1 
ATOM 861  H HD3  . PRO A 1 63 ? -8.740  3.656   -4.076  1.00 0.53 ? 63 PRO C HD3  1 
ATOM 862  N N    . SER A 1 64 ? -8.612  8.875   -2.243  1.00 0.66 ? 64 SER C N    1 
ATOM 863  C CA   . SER A 1 64 ? -9.249  9.886   -1.353  1.00 0.74 ? 64 SER C CA   1 
ATOM 864  C C    . SER A 1 64 ? -8.327  11.101  -1.218  1.00 1.29 ? 64 SER C C    1 
ATOM 865  O O    . SER A 1 64 ? -8.606  12.105  -1.852  1.00 1.84 ? 64 SER C O    1 
ATOM 866  C CB   . SER A 1 64 ? -9.496  9.267   0.027   1.00 1.63 ? 64 SER C CB   1 
ATOM 867  O OG   . SER A 1 64 ? -9.095  10.179  1.040   1.00 2.30 ? 64 SER C OG   1 
ATOM 868  O OXT  . SER A 1 64 ? -7.357  11.004  -0.485  1.00 2.08 ? 64 SER C OXT  1 
ATOM 869  H H    . SER A 1 64 ? -7.697  9.013   -2.565  1.00 0.85 ? 64 SER C H    1 
ATOM 870  H HA   . SER A 1 64 ? -10.191 10.197  -1.780  1.00 1.03 ? 64 SER C HA   1 
ATOM 871  H HB2  . SER A 1 64 ? -10.547 9.046   0.139   1.00 2.03 ? 64 SER C HB2  1 
ATOM 872  H HB3  . SER A 1 64 ? -8.925  8.355   0.118   1.00 2.24 ? 64 SER C HB3  1 
ATOM 873  H HG   . SER A 1 64 ? -9.885  10.591  1.398   1.00 2.71 ? 64 SER C HG   1 
ATOM 874  N N    . ALA B 2 1  ? -11.427 -5.921  12.391  1.00 4.90 ? 71 ALA A N    1 
ATOM 875  C CA   . ALA B 2 1  ? -10.145 -5.845  13.147  1.00 4.34 ? 71 ALA A CA   1 
ATOM 876  C C    . ALA B 2 1  ? -9.015  -6.432  12.295  1.00 3.45 ? 71 ALA A C    1 
ATOM 877  O O    . ALA B 2 1  ? -7.947  -5.863  12.190  1.00 3.69 ? 71 ALA A O    1 
ATOM 878  C CB   . ALA B 2 1  ? -10.276 -6.638  14.452  1.00 4.95 ? 71 ALA A CB   1 
ATOM 879  H H1   . ALA B 2 1  ? -11.238 -6.227  11.415  1.00 5.16 ? 71 ALA A H1   1 
ATOM 880  H H2   . ALA B 2 1  ? -12.061 -6.604  12.852  1.00 5.21 ? 71 ALA A H2   1 
ATOM 881  H H3   . ALA B 2 1  ? -11.876 -4.983  12.379  1.00 5.13 ? 71 ALA A H3   1 
ATOM 882  H HA   . ALA B 2 1  ? -9.923  -4.813  13.376  1.00 4.58 ? 71 ALA A HA   1 
ATOM 883  H HB1  . ALA B 2 1  ? -10.799 -7.563  14.261  1.00 5.39 ? 71 ALA A HB1  1 
ATOM 884  H HB2  . ALA B 2 1  ? -9.294  -6.853  14.844  1.00 5.17 ? 71 ALA A HB2  1 
ATOM 885  H HB3  . ALA B 2 1  ? -10.831 -6.053  15.172  1.00 5.17 ? 71 ALA A HB3  1 
ATOM 886  N N    . PHE B 2 2  ? -9.238  -7.563  11.682  1.00 2.86 ? 72 PHE A N    1 
ATOM 887  C CA   . PHE B 2 2  ? -8.170  -8.177  10.840  1.00 2.32 ? 72 PHE A CA   1 
ATOM 888  C C    . PHE B 2 2  ? -8.363  -7.751  9.383   1.00 1.86 ? 72 PHE A C    1 
ATOM 889  O O    . PHE B 2 2  ? -9.367  -8.048  8.767   1.00 1.97 ? 72 PHE A O    1 
ATOM 890  C CB   . PHE B 2 2  ? -8.250  -9.703  10.933  1.00 2.87 ? 72 PHE A CB   1 
ATOM 891  C CG   . PHE B 2 2  ? -7.070  -10.232 11.751  1.00 3.36 ? 72 PHE A CG   1 
ATOM 892  C CD1  . PHE B 2 2  ? -5.794  -10.241 11.217  1.00 3.96 ? 72 PHE A CD1  1 
ATOM 893  C CD2  . PHE B 2 2  ? -7.266  -10.719 13.031  1.00 3.82 ? 72 PHE A CD2  1 
ATOM 894  C CE1  . PHE B 2 2  ? -4.732  -10.729 11.953  1.00 4.84 ? 72 PHE A CE1  1 
ATOM 895  C CE2  . PHE B 2 2  ? -6.205  -11.206 13.765  1.00 4.61 ? 72 PHE A CE2  1 
ATOM 896  C CZ   . PHE B 2 2  ? -4.937  -11.212 13.226  1.00 5.07 ? 72 PHE A CZ   1 
ATOM 897  H H    . PHE B 2 2  ? -10.106 -8.009  11.776  1.00 3.15 ? 72 PHE A H    1 
ATOM 898  H HA   . PHE B 2 2  ? -7.203  -7.844  11.187  1.00 2.43 ? 72 PHE A HA   1 
ATOM 899  H HB2  . PHE B 2 2  ? -9.176  -9.987  11.411  1.00 3.31 ? 72 PHE A HB2  1 
ATOM 900  H HB3  . PHE B 2 2  ? -8.215  -10.126 9.940   1.00 3.08 ? 72 PHE A HB3  1 
ATOM 901  H HD1  . PHE B 2 2  ? -5.627  -9.862  10.220  1.00 4.06 ? 72 PHE A HD1  1 
ATOM 902  H HD2  . PHE B 2 2  ? -8.259  -10.714 13.459  1.00 3.91 ? 72 PHE A HD2  1 
ATOM 903  H HE1  . PHE B 2 2  ? -3.740  -10.734 11.529  1.00 5.56 ? 72 PHE A HE1  1 
ATOM 904  H HE2  . PHE B 2 2  ? -6.366  -11.586 14.763  1.00 5.14 ? 72 PHE A HE2  1 
ATOM 905  H HZ   . PHE B 2 2  ? -4.108  -11.597 13.800  1.00 5.86 ? 72 PHE A HZ   1 
ATOM 906  N N    . ALA B 2 3  ? -7.411  -7.054  8.824   1.00 1.54 ? 73 ALA A N    1 
ATOM 907  C CA   . ALA B 2 3  ? -7.548  -6.617  7.407   1.00 1.20 ? 73 ALA A CA   1 
ATOM 908  C C    . ALA B 2 3  ? -7.700  -7.851  6.513   1.00 1.12 ? 73 ALA A C    1 
ATOM 909  O O    . ALA B 2 3  ? -7.314  -8.938  6.892   1.00 1.17 ? 73 ALA A O    1 
ATOM 910  C CB   . ALA B 2 3  ? -6.304  -5.831  6.986   1.00 1.11 ? 73 ALA A CB   1 
ATOM 911  H H    . ALA B 2 3  ? -6.608  -6.819  9.334   1.00 1.70 ? 73 ALA A H    1 
ATOM 912  H HA   . ALA B 2 3  ? -8.422  -5.988  7.308   1.00 1.30 ? 73 ALA A HA   1 
ATOM 913  H HB1  . ALA B 2 3  ? -5.926  -5.271  7.829   1.00 1.50 ? 73 ALA A HB1  1 
ATOM 914  H HB2  . ALA B 2 3  ? -5.545  -6.517  6.641   1.00 1.61 ? 73 ALA A HB2  1 
ATOM 915  H HB3  . ALA B 2 3  ? -6.562  -5.148  6.188   1.00 1.40 ? 73 ALA A HB3  1 
ATOM 916  N N    . PRO B 2 4  ? -8.257  -7.644  5.347   1.00 1.10 ? 74 PRO A N    1 
ATOM 917  C CA   . PRO B 2 4  ? -8.470  -8.732  4.377   1.00 1.15 ? 74 PRO A CA   1 
ATOM 918  C C    . PRO B 2 4  ? -7.142  -9.444  4.083   1.00 0.96 ? 74 PRO A C    1 
ATOM 919  O O    . PRO B 2 4  ? -6.117  -8.806  3.966   1.00 0.94 ? 74 PRO A O    1 
ATOM 920  C CB   . PRO B 2 4  ? -9.013  -8.035  3.121   1.00 1.26 ? 74 PRO A CB   1 
ATOM 921  C CG   . PRO B 2 4  ? -9.221  -6.537  3.471   1.00 1.22 ? 74 PRO A CG   1 
ATOM 922  C CD   . PRO B 2 4  ? -8.702  -6.313  4.899   1.00 1.12 ? 74 PRO A CD   1 
ATOM 923  H HA   . PRO B 2 4  ? -9.201  -9.430  4.753   1.00 1.33 ? 74 PRO A HA   1 
ATOM 924  H HB2  . PRO B 2 4  ? -8.301  -8.128  2.314   1.00 1.21 ? 74 PRO A HB2  1 
ATOM 925  H HB3  . PRO B 2 4  ? -9.954  -8.479  2.833   1.00 1.47 ? 74 PRO A HB3  1 
ATOM 926  H HG2  . PRO B 2 4  ? -8.669  -5.916  2.780   1.00 1.16 ? 74 PRO A HG2  1 
ATOM 927  H HG3  . PRO B 2 4  ? -10.272 -6.292  3.420   1.00 1.40 ? 74 PRO A HG3  1 
ATOM 928  H HD2  . PRO B 2 4  ? -7.875  -5.620  4.896   1.00 1.00 ? 74 PRO A HD2  1 
ATOM 929  H HD3  . PRO B 2 4  ? -9.497  -5.949  5.535   1.00 1.26 ? 74 PRO A HD3  1 
ATOM 930  N N    . PRO B 2 5  ? -7.202  -10.748 3.966   1.00 0.89 ? 75 PRO A N    1 
ATOM 931  C CA   . PRO B 2 5  ? -6.007  -11.564 3.686   1.00 0.82 ? 75 PRO A CA   1 
ATOM 932  C C    . PRO B 2 5  ? -5.344  -11.106 2.383   1.00 0.77 ? 75 PRO A C    1 
ATOM 933  O O    . PRO B 2 5  ? -5.948  -11.117 1.329   1.00 0.98 ? 75 PRO A O    1 
ATOM 934  C CB   . PRO B 2 5  ? -6.530  -13.001 3.558   1.00 0.90 ? 75 PRO A CB   1 
ATOM 935  C CG   . PRO B 2 5  ? -8.057  -12.972 3.831   1.00 0.97 ? 75 PRO A CG   1 
ATOM 936  C CD   . PRO B 2 5  ? -8.459  -11.509 4.084   1.00 0.97 ? 75 PRO A CD   1 
ATOM 937  H HA   . PRO B 2 5  ? -5.309  -11.501 4.505   1.00 0.86 ? 75 PRO A HA   1 
ATOM 938  H HB2  . PRO B 2 5  ? -6.343  -13.372 2.562   1.00 0.94 ? 75 PRO A HB2  1 
ATOM 939  H HB3  . PRO B 2 5  ? -6.041  -13.635 4.282   1.00 0.98 ? 75 PRO A HB3  1 
ATOM 940  H HG2  . PRO B 2 5  ? -8.590  -13.355 2.973   1.00 1.04 ? 75 PRO A HG2  1 
ATOM 941  H HG3  . PRO B 2 5  ? -8.285  -13.571 4.700   1.00 1.02 ? 75 PRO A HG3  1 
ATOM 942  H HD2  . PRO B 2 5  ? -9.169  -11.181 3.341   1.00 1.05 ? 75 PRO A HD2  1 
ATOM 943  H HD3  . PRO B 2 5  ? -8.873  -11.400 5.076   1.00 1.04 ? 75 PRO A HD3  1 
ATOM 944  N N    . LEU B 2 6  ? -4.104  -10.704 2.452   1.00 0.65 ? 76 LEU A N    1 
ATOM 945  C CA   . LEU B 2 6  ? -3.399  -10.246 1.222   1.00 0.68 ? 76 LEU A CA   1 
ATOM 946  C C    . LEU B 2 6  ? -3.611  -11.270 0.098   1.00 0.76 ? 76 LEU A C    1 
ATOM 947  O O    . LEU B 2 6  ? -3.362  -12.444 0.285   1.00 0.90 ? 76 LEU A O    1 
ATOM 948  C CB   . LEU B 2 6  ? -1.902  -10.120 1.512   1.00 0.69 ? 76 LEU A CB   1 
ATOM 949  C CG   . LEU B 2 6  ? -1.670  -8.995  2.522   1.00 0.78 ? 76 LEU A CG   1 
ATOM 950  C CD1  . LEU B 2 6  ? -0.236  -9.071  3.052   1.00 0.91 ? 76 LEU A CD1  1 
ATOM 951  C CD2  . LEU B 2 6  ? -1.890  -7.643  1.838   1.00 0.81 ? 76 LEU A CD2  1 
ATOM 952  H H    . LEU B 2 6  ? -3.637  -10.703 3.313   1.00 0.67 ? 76 LEU A H    1 
ATOM 953  H HA   . LEU B 2 6  ? -3.789  -9.285  0.927   1.00 0.73 ? 76 LEU A HA   1 
ATOM 954  H HB2  . LEU B 2 6  ? -1.534  -11.050 1.919   1.00 0.86 ? 76 LEU A HB2  1 
ATOM 955  H HB3  . LEU B 2 6  ? -1.376  -9.895  0.596   1.00 0.71 ? 76 LEU A HB3  1 
ATOM 956  H HG   . LEU B 2 6  ? -2.364  -9.098  3.343   1.00 1.04 ? 76 LEU A HG   1 
ATOM 957  H HD11 . LEU B 2 6  ? 0.405   -9.499  2.297   1.00 1.46 ? 76 LEU A HD11 1 
ATOM 958  H HD12 . LEU B 2 6  ? 0.111   -8.078  3.299   1.00 1.33 ? 76 LEU A HD12 1 
ATOM 959  H HD13 . LEU B 2 6  ? -0.212  -9.690  3.937   1.00 1.29 ? 76 LEU A HD13 1 
ATOM 960  H HD21 . LEU B 2 6  ? -1.771  -7.758  0.770   1.00 1.32 ? 76 LEU A HD21 1 
ATOM 961  H HD22 . LEU B 2 6  ? -2.887  -7.289  2.054   1.00 1.23 ? 76 LEU A HD22 1 
ATOM 962  H HD23 . LEU B 2 6  ? -1.166  -6.931  2.205   1.00 1.39 ? 76 LEU A HD23 1 
ATOM 963  N N    . PRO B 2 7  ? -4.066  -10.797 -1.039  1.00 0.77 ? 77 PRO A N    1 
ATOM 964  C CA   . PRO B 2 7  ? -4.315  -11.668 -2.202  1.00 0.90 ? 77 PRO A CA   1 
ATOM 965  C C    . PRO B 2 7  ? -3.003  -12.303 -2.675  1.00 0.88 ? 77 PRO A C    1 
ATOM 966  O O    . PRO B 2 7  ? -1.935  -11.957 -2.211  1.00 1.24 ? 77 PRO A O    1 
ATOM 967  C CB   . PRO B 2 7  ? -4.879  -10.732 -3.281  1.00 0.99 ? 77 PRO A CB   1 
ATOM 968  C CG   . PRO B 2 7  ? -4.903  -9.297  -2.694  1.00 0.96 ? 77 PRO A CG   1 
ATOM 969  C CD   . PRO B 2 7  ? -4.373  -9.372  -1.253  1.00 0.79 ? 77 PRO A CD   1 
ATOM 970  H HA   . PRO B 2 7  ? -5.040  -12.427 -1.959  1.00 1.07 ? 77 PRO A HA   1 
ATOM 971  H HB2  . PRO B 2 7  ? -4.246  -10.758 -4.155  1.00 1.00 ? 77 PRO A HB2  1 
ATOM 972  H HB3  . PRO B 2 7  ? -5.880  -11.038 -3.544  1.00 1.18 ? 77 PRO A HB3  1 
ATOM 973  H HG2  . PRO B 2 7  ? -4.272  -8.648  -3.283  1.00 0.98 ? 77 PRO A HG2  1 
ATOM 974  H HG3  . PRO B 2 7  ? -5.916  -8.919  -2.691  1.00 1.12 ? 77 PRO A HG3  1 
ATOM 975  H HD2  . PRO B 2 7  ? -3.479  -8.775  -1.152  1.00 0.74 ? 77 PRO A HD2  1 
ATOM 976  H HD3  . PRO B 2 7  ? -5.128  -9.040  -0.557  1.00 0.86 ? 77 PRO A HD3  1 
ATOM 977  N N    . ARG B 2 8  ? -3.074  -13.228 -3.592  1.00 1.16 ? 78 ARG A N    1 
ATOM 978  C CA   . ARG B 2 8  ? -1.829  -13.879 -4.088  1.00 1.20 ? 78 ARG A CA   1 
ATOM 979  C C    . ARG B 2 8  ? -1.215  -13.023 -5.199  1.00 1.03 ? 78 ARG A C    1 
ATOM 980  O O    . ARG B 2 8  ? -1.909  -12.499 -6.048  1.00 1.46 ? 78 ARG A O    1 
ATOM 981  C CB   . ARG B 2 8  ? -2.160  -15.270 -4.638  1.00 1.52 ? 78 ARG A CB   1 
ATOM 982  C CG   . ARG B 2 8  ? -0.923  -16.164 -4.534  1.00 2.16 ? 78 ARG A CG   1 
ATOM 983  C CD   . ARG B 2 8  ? -1.205  -17.318 -3.569  1.00 2.72 ? 78 ARG A CD   1 
ATOM 984  N NE   . ARG B 2 8  ? -0.351  -18.486 -3.926  1.00 3.51 ? 78 ARG A NE   1 
ATOM 985  C CZ   . ARG B 2 8  ? 0.918   -18.493 -3.612  1.00 4.03 ? 78 ARG A CZ   1 
ATOM 986  N NH1  . ARG B 2 8  ? 1.443   -17.482 -2.975  1.00 3.98 ? 78 ARG A NH1  1 
ATOM 987  N NH2  . ARG B 2 8  ? 1.662   -19.517 -3.932  1.00 4.97 ? 78 ARG A NH2  1 
ATOM 988  H H    . ARG B 2 8  ? -3.946  -13.494 -3.955  1.00 1.65 ? 78 ARG A H    1 
ATOM 989  H HA   . ARG B 2 8  ? -1.125  -13.972 -3.275  1.00 1.25 ? 78 ARG A HA   1 
ATOM 990  H HB2  . ARG B 2 8  ? -2.966  -15.702 -4.064  1.00 1.90 ? 78 ARG A HB2  1 
ATOM 991  H HB3  . ARG B 2 8  ? -2.458  -15.186 -5.673  1.00 1.67 ? 78 ARG A HB3  1 
ATOM 992  H HG2  . ARG B 2 8  ? -0.684  -16.563 -5.510  1.00 2.69 ? 78 ARG A HG2  1 
ATOM 993  H HG3  . ARG B 2 8  ? -0.088  -15.585 -4.168  1.00 2.50 ? 78 ARG A HG3  1 
ATOM 994  H HD2  . ARG B 2 8  ? -0.982  -17.003 -2.558  1.00 2.93 ? 78 ARG A HD2  1 
ATOM 995  H HD3  . ARG B 2 8  ? -2.245  -17.597 -3.637  1.00 3.05 ? 78 ARG A HD3  1 
ATOM 996  H HE   . ARG B 2 8  ? -0.740  -19.249 -4.401  1.00 3.97 ? 78 ARG A HE   1 
ATOM 997  H HH11 . ARG B 2 8  ? 0.876   -16.697 -2.725  1.00 3.58 ? 78 ARG A HH11 1 
ATOM 998  H HH12 . ARG B 2 8  ? 2.416   -17.490 -2.738  1.00 4.63 ? 78 ARG A HH12 1 
ATOM 999  H HH21 . ARG B 2 8  ? 1.262   -20.294 -4.418  1.00 5.36 ? 78 ARG A HH21 1 
ATOM 1000 H HH22 . ARG B 2 8  ? 2.633   -19.524 -3.694  1.00 5.49 ? 78 ARG A HH22 1 
ATOM 1001 N N    . ARG B 2 9  ? 0.083   -12.877 -5.202  1.00 0.95 ? 79 ARG A N    1 
ATOM 1002 C CA   . ARG B 2 9  ? 0.738   -12.054 -6.259  1.00 0.99 ? 79 ARG A CA   1 
ATOM 1003 C C    . ARG B 2 9  ? 0.689   -12.802 -7.592  1.00 1.40 ? 79 ARG A C    1 
ATOM 1004 O O    . ARG B 2 9  ? 1.726   -13.285 -8.016  1.00 1.97 ? 79 ARG A O    1 
ATOM 1005 C CB   . ARG B 2 9  ? 2.196   -11.792 -5.875  1.00 1.21 ? 79 ARG A CB   1 
ATOM 1006 C CG   . ARG B 2 9  ? 2.249   -10.945 -4.602  1.00 1.10 ? 79 ARG A CG   1 
ATOM 1007 C CD   . ARG B 2 9  ? 3.507   -10.074 -4.625  1.00 1.54 ? 79 ARG A CD   1 
ATOM 1008 N NE   . ARG B 2 9  ? 4.044   -9.932  -3.241  1.00 1.97 ? 79 ARG A NE   1 
ATOM 1009 C CZ   . ARG B 2 9  ? 4.937   -9.016  -2.977  1.00 1.67 ? 79 ARG A CZ   1 
ATOM 1010 N NH1  . ARG B 2 9  ? 5.352   -8.212  -3.919  1.00 1.35 ? 79 ARG A NH1  1 
ATOM 1011 N NH2  . ARG B 2 9  ? 5.414   -8.901  -1.768  1.00 2.33 ? 79 ARG A NH2  1 
ATOM 1012 O OXT  . ARG B 2 9  ? -0.384  -12.879 -8.166  1.00 1.89 ? 79 ARG A OXT  1 
ATOM 1013 H H    . ARG B 2 9  ? 0.626   -13.308 -4.509  1.00 1.29 ? 79 ARG A H    1 
ATOM 1014 H HA   . ARG B 2 9  ? 0.218   -11.112 -6.356  1.00 1.03 ? 79 ARG A HA   1 
ATOM 1015 H HB2  . ARG B 2 9  ? 2.698   -12.733 -5.703  1.00 1.72 ? 79 ARG A HB2  1 
ATOM 1016 H HB3  . ARG B 2 9  ? 2.689   -11.264 -6.679  1.00 1.68 ? 79 ARG A HB3  1 
ATOM 1017 H HG2  . ARG B 2 9  ? 1.374   -10.313 -4.555  1.00 1.47 ? 79 ARG A HG2  1 
ATOM 1018 H HG3  . ARG B 2 9  ? 2.273   -11.592 -3.739  1.00 1.57 ? 79 ARG A HG3  1 
ATOM 1019 H HD2  . ARG B 2 9  ? 4.253   -10.538 -5.252  1.00 1.95 ? 79 ARG A HD2  1 
ATOM 1020 H HD3  . ARG B 2 9  ? 3.262   -9.098  -5.016  1.00 2.03 ? 79 ARG A HD3  1 
ATOM 1021 H HE   . ARG B 2 9  ? 3.731   -10.531 -2.532  1.00 2.75 ? 79 ARG A HE   1 
ATOM 1022 H HH11 . ARG B 2 9  ? 4.987   -8.294  -4.846  1.00 1.52 ? 79 ARG A HH11 1 
ATOM 1023 H HH12 . ARG B 2 9  ? 6.036   -7.511  -3.712  1.00 1.60 ? 79 ARG A HH12 1 
ATOM 1024 H HH21 . ARG B 2 9  ? 5.097   -9.514  -1.044  1.00 3.12 ? 79 ARG A HH21 1 
ATOM 1025 H HH22 . ARG B 2 9  ? 6.099   -8.200  -1.566  1.00 2.23 ? 79 ARG A HH22 1 
# 
